data_4I5E
#
_entry.id   4I5E
#
_cell.length_a   73.342
_cell.length_b   74.549
_cell.length_c   132.689
_cell.angle_alpha   80.980
_cell.angle_beta   85.990
_cell.angle_gamma   64.600
#
_symmetry.space_group_name_H-M   'P 1'
#
loop_
_entity.id
_entity.type
_entity.pdbx_description
1 polymer 'Alclohol dehydrogenase/short-chain dehydrogenase'
2 non-polymer 'NADP NICOTINAMIDE-ADENINE-DINUCLEOTIDE PHOSPHATE'
3 non-polymer GLYCEROL
4 water water
#
_entity_poly.entity_id   1
_entity_poly.type   'polypeptide(L)'
_entity_poly.pdbx_seq_one_letter_code
;MASRGSHHHHHHGAYRLLNKTAVITGGNSGIGLATAKRFVAEGAYVFIVGRRRKELEQAAAEIGRNVTAVKADVTKLEDL
DRLYAIVREQRGSIDVLFANSGAIEQKTLEEITPEHYDRTFDVNVRGLIFTVQKALPLLRDGGSVILTSSVAGVLGLQAH
DTYSAAKAAVRSLARTWTTELKGRSIRVNAVSPGAIDTPIIENQVSTQEEADELRAKFAAATPLGRVGRPEELAAAVLFL
ASDDSSYVAGIELFVDGGLTQV
;
_entity_poly.pdbx_strand_id   A,B,C,D,E,F,G,H
#
loop_
_chem_comp.id
_chem_comp.type
_chem_comp.name
_chem_comp.formula
GOL non-polymer GLYCEROL 'C3 H8 O3'
NAP non-polymer 'NADP NICOTINAMIDE-ADENINE-DINUCLEOTIDE PHOSPHATE' 'C21 H28 N7 O17 P3'
#
# COMPACT_ATOMS: atom_id res chain seq x y z
N ALA A 14 -16.73 -60.82 8.30
CA ALA A 14 -16.83 -59.99 7.06
C ALA A 14 -17.81 -58.86 7.28
N TYR A 15 -18.77 -59.09 8.17
CA TYR A 15 -19.89 -58.21 8.40
C TYR A 15 -19.68 -57.39 9.67
N ARG A 16 -19.22 -56.15 9.50
CA ARG A 16 -18.87 -55.28 10.64
C ARG A 16 -20.06 -54.58 11.35
N LEU A 17 -21.25 -54.66 10.77
CA LEU A 17 -22.43 -54.03 11.34
C LEU A 17 -23.59 -55.01 11.36
N LEU A 18 -23.27 -56.29 11.56
CA LEU A 18 -24.24 -57.38 11.45
C LEU A 18 -25.37 -57.19 12.41
N ASN A 19 -26.58 -57.14 11.86
CA ASN A 19 -27.83 -56.95 12.64
C ASN A 19 -28.00 -55.63 13.37
N LYS A 20 -27.09 -54.70 13.16
CA LYS A 20 -27.22 -53.37 13.73
C LYS A 20 -28.23 -52.56 12.92
N THR A 21 -29.05 -51.76 13.60
CA THR A 21 -30.06 -50.92 12.94
C THR A 21 -29.49 -49.51 12.79
N ALA A 22 -29.55 -48.97 11.59
CA ALA A 22 -29.00 -47.64 11.31
C ALA A 22 -30.02 -46.73 10.60
N VAL A 23 -29.96 -45.44 10.90
CA VAL A 23 -30.88 -44.43 10.33
C VAL A 23 -30.05 -43.34 9.71
N ILE A 24 -30.29 -43.08 8.43
CA ILE A 24 -29.48 -42.12 7.67
C ILE A 24 -30.37 -41.05 7.06
N THR A 25 -30.34 -39.85 7.61
CA THR A 25 -31.06 -38.75 7.00
C THR A 25 -30.23 -38.34 5.80
N GLY A 26 -30.87 -37.96 4.70
CA GLY A 26 -30.17 -37.60 3.46
C GLY A 26 -29.69 -38.82 2.75
N GLY A 27 -30.50 -39.87 2.80
CA GLY A 27 -30.08 -41.21 2.37
C GLY A 27 -30.44 -41.61 0.96
N ASN A 28 -31.15 -40.74 0.24
CA ASN A 28 -31.55 -41.06 -1.13
C ASN A 28 -30.56 -40.57 -2.19
N SER A 29 -29.44 -39.99 -1.72
CA SER A 29 -28.55 -39.24 -2.58
C SER A 29 -27.10 -39.26 -2.07
N GLY A 30 -26.18 -39.09 -3.01
CA GLY A 30 -24.75 -38.92 -2.74
C GLY A 30 -24.12 -39.72 -1.62
N ILE A 31 -23.72 -39.00 -0.58
CA ILE A 31 -23.04 -39.58 0.57
C ILE A 31 -24.00 -40.48 1.36
N GLY A 32 -25.19 -39.96 1.65
CA GLY A 32 -26.21 -40.72 2.36
C GLY A 32 -26.42 -42.11 1.77
N LEU A 33 -26.64 -42.13 0.46
CA LEU A 33 -26.90 -43.38 -0.24
C LEU A 33 -25.69 -44.37 -0.31
N ALA A 34 -24.49 -43.85 -0.59
CA ALA A 34 -23.29 -44.67 -0.65
C ALA A 34 -22.99 -45.34 0.69
N THR A 35 -23.31 -44.62 1.76
CA THR A 35 -23.16 -45.11 3.12
C THR A 35 -24.22 -46.18 3.40
N ALA A 36 -25.47 -45.90 2.99
CA ALA A 36 -26.55 -46.90 3.06
C ALA A 36 -26.13 -48.22 2.41
N LYS A 37 -25.70 -48.17 1.15
CA LYS A 37 -25.17 -49.34 0.48
C LYS A 37 -24.11 -50.07 1.32
N ARG A 38 -23.01 -49.39 1.64
CA ARG A 38 -21.95 -49.99 2.43
C ARG A 38 -22.46 -50.60 3.74
N PHE A 39 -23.31 -49.86 4.46
CA PHE A 39 -23.92 -50.37 5.69
C PHE A 39 -24.60 -51.73 5.47
N VAL A 40 -25.47 -51.79 4.46
CA VAL A 40 -26.18 -53.03 4.13
C VAL A 40 -25.19 -54.15 3.77
N ALA A 41 -24.20 -53.80 2.95
CA ALA A 41 -23.11 -54.71 2.63
C ALA A 41 -22.46 -55.29 3.88
N GLU A 42 -22.40 -54.50 4.97
CA GLU A 42 -21.78 -54.93 6.23
C GLU A 42 -22.81 -55.52 7.19
N GLY A 43 -24.01 -55.79 6.65
CA GLY A 43 -25.09 -56.51 7.34
C GLY A 43 -25.99 -55.67 8.23
N ALA A 44 -26.08 -54.38 7.96
CA ALA A 44 -26.98 -53.54 8.75
C ALA A 44 -28.37 -53.52 8.13
N TYR A 45 -29.35 -53.12 8.94
CA TYR A 45 -30.67 -52.75 8.44
C TYR A 45 -30.73 -51.23 8.43
N VAL A 46 -31.07 -50.66 7.28
CA VAL A 46 -30.97 -49.22 7.03
C VAL A 46 -32.31 -48.51 6.75
N PHE A 47 -32.63 -47.53 7.57
CA PHE A 47 -33.60 -46.53 7.17
C PHE A 47 -32.95 -45.38 6.40
N ILE A 48 -33.37 -45.19 5.16
CA ILE A 48 -33.06 -43.94 4.43
C ILE A 48 -34.21 -42.93 4.49
N VAL A 49 -33.83 -41.68 4.66
CA VAL A 49 -34.76 -40.63 5.00
C VAL A 49 -34.42 -39.42 4.13
N GLY A 50 -35.46 -38.76 3.61
CA GLY A 50 -35.32 -37.68 2.63
C GLY A 50 -36.71 -37.19 2.29
N ARG A 51 -36.78 -36.12 1.49
CA ARG A 51 -38.06 -35.47 1.12
C ARG A 51 -38.65 -36.01 -0.16
N ARG A 52 -37.79 -36.28 -1.15
CA ARG A 52 -38.22 -36.71 -2.48
C ARG A 52 -38.55 -38.20 -2.55
N ARG A 53 -39.83 -38.49 -2.78
CA ARG A 53 -40.35 -39.85 -2.81
C ARG A 53 -39.83 -40.70 -3.97
N LYS A 54 -39.71 -40.10 -5.15
CA LYS A 54 -39.17 -40.75 -6.31
C LYS A 54 -37.77 -41.31 -6.01
N GLU A 55 -36.89 -40.43 -5.53
CA GLU A 55 -35.48 -40.78 -5.27
C GLU A 55 -35.35 -41.80 -4.15
N LEU A 56 -36.09 -41.59 -3.07
CA LEU A 56 -36.18 -42.57 -1.99
C LEU A 56 -36.45 -43.99 -2.53
N GLU A 57 -37.49 -44.12 -3.34
CA GLU A 57 -37.86 -45.40 -3.95
C GLU A 57 -36.76 -45.97 -4.85
N GLN A 58 -36.07 -45.10 -5.57
CA GLN A 58 -34.97 -45.50 -6.44
C GLN A 58 -33.78 -45.94 -5.61
N ALA A 59 -33.49 -45.20 -4.55
CA ALA A 59 -32.37 -45.52 -3.67
C ALA A 59 -32.59 -46.88 -3.05
N ALA A 60 -33.80 -47.07 -2.49
CA ALA A 60 -34.18 -48.34 -1.87
C ALA A 60 -34.05 -49.49 -2.87
N ALA A 61 -34.47 -49.26 -4.11
CA ALA A 61 -34.30 -50.22 -5.18
C ALA A 61 -32.81 -50.56 -5.41
N GLU A 62 -31.96 -49.53 -5.49
CA GLU A 62 -30.52 -49.70 -5.72
C GLU A 62 -29.87 -50.44 -4.57
N ILE A 63 -30.15 -50.02 -3.35
CA ILE A 63 -29.67 -50.71 -2.17
C ILE A 63 -30.05 -52.20 -2.23
N GLY A 64 -31.31 -52.48 -2.57
CA GLY A 64 -31.76 -53.86 -2.76
C GLY A 64 -32.44 -54.56 -1.59
N ARG A 65 -31.70 -54.82 -0.52
CA ARG A 65 -32.20 -55.57 0.65
C ARG A 65 -32.10 -54.76 1.95
N ASN A 66 -32.75 -55.26 3.00
CA ASN A 66 -32.66 -54.72 4.37
C ASN A 66 -32.72 -53.21 4.42
N VAL A 67 -33.65 -52.63 3.68
CA VAL A 67 -33.79 -51.16 3.62
C VAL A 67 -35.25 -50.71 3.73
N THR A 68 -35.49 -49.64 4.47
CA THR A 68 -36.81 -49.02 4.47
C THR A 68 -36.69 -47.53 4.18
N ALA A 69 -37.43 -47.07 3.18
CA ALA A 69 -37.40 -45.65 2.84
C ALA A 69 -38.46 -44.92 3.65
N VAL A 70 -38.08 -43.77 4.20
CA VAL A 70 -39.04 -42.97 4.93
C VAL A 70 -38.98 -41.53 4.43
N LYS A 71 -40.15 -41.01 4.04
CA LYS A 71 -40.27 -39.63 3.60
C LYS A 71 -40.34 -38.73 4.84
N ALA A 72 -39.41 -37.80 4.96
CA ALA A 72 -39.43 -36.86 6.09
C ALA A 72 -38.63 -35.64 5.77
N ASP A 73 -39.10 -34.51 6.30
CA ASP A 73 -38.40 -33.26 6.21
C ASP A 73 -37.88 -32.97 7.60
N VAL A 74 -36.55 -32.98 7.73
CA VAL A 74 -35.88 -32.81 9.02
C VAL A 74 -36.23 -31.48 9.72
N THR A 75 -36.68 -30.50 8.95
CA THR A 75 -37.03 -29.20 9.51
C THR A 75 -38.43 -29.25 10.07
N LYS A 76 -39.10 -30.37 9.86
CA LYS A 76 -40.47 -30.53 10.34
C LYS A 76 -40.54 -31.53 11.50
N LEU A 77 -40.71 -31.01 12.71
CA LEU A 77 -40.76 -31.85 13.92
C LEU A 77 -41.68 -33.06 13.77
N GLU A 78 -42.88 -32.81 13.25
CA GLU A 78 -43.87 -33.88 13.08
C GLU A 78 -43.38 -34.96 12.12
N ASP A 79 -42.62 -34.58 11.08
CA ASP A 79 -41.99 -35.58 10.21
C ASP A 79 -41.03 -36.50 10.96
N LEU A 80 -40.21 -35.93 11.83
CA LEU A 80 -39.26 -36.68 12.64
C LEU A 80 -39.97 -37.67 13.57
N ASP A 81 -41.01 -37.18 14.26
CA ASP A 81 -41.85 -37.99 15.16
C ASP A 81 -42.40 -39.18 14.42
N ARG A 82 -42.94 -38.92 13.23
CA ARG A 82 -43.40 -39.98 12.37
C ARG A 82 -42.27 -40.91 12.00
N LEU A 83 -41.11 -40.36 11.61
CA LEU A 83 -39.95 -41.20 11.26
C LEU A 83 -39.63 -42.17 12.39
N TYR A 84 -39.56 -41.66 13.61
CA TYR A 84 -39.12 -42.48 14.71
C TYR A 84 -40.18 -43.46 15.17
N ALA A 85 -41.44 -43.14 14.93
CA ALA A 85 -42.51 -44.10 15.14
C ALA A 85 -42.26 -45.31 14.24
N ILE A 86 -42.04 -45.06 12.96
CA ILE A 86 -41.85 -46.12 11.97
C ILE A 86 -40.66 -46.97 12.37
N VAL A 87 -39.50 -46.32 12.53
CA VAL A 87 -38.28 -46.95 13.06
C VAL A 87 -38.65 -47.89 14.21
N ARG A 88 -39.24 -47.35 15.28
CA ARG A 88 -39.67 -48.14 16.43
C ARG A 88 -40.58 -49.32 16.13
N GLU A 89 -41.61 -49.14 15.33
CA GLU A 89 -42.45 -50.27 14.95
C GLU A 89 -41.66 -51.34 14.22
N GLN A 90 -40.89 -50.94 13.21
CA GLN A 90 -40.18 -51.88 12.33
C GLN A 90 -38.98 -52.57 12.98
N ARG A 91 -38.15 -51.82 13.72
CA ARG A 91 -36.90 -52.39 14.23
C ARG A 91 -36.66 -52.09 15.70
N GLY A 92 -37.48 -51.24 16.30
CA GLY A 92 -37.43 -50.99 17.76
C GLY A 92 -36.31 -50.11 18.36
N SER A 93 -35.12 -50.19 17.78
CA SER A 93 -33.98 -49.45 18.34
C SER A 93 -32.95 -49.10 17.27
N ILE A 94 -32.05 -48.18 17.60
CA ILE A 94 -31.13 -47.63 16.65
C ILE A 94 -29.74 -47.80 17.19
N ASP A 95 -28.88 -48.42 16.38
CA ASP A 95 -27.48 -48.64 16.74
C ASP A 95 -26.60 -47.56 16.15
N VAL A 96 -26.92 -47.11 14.94
CA VAL A 96 -26.13 -46.11 14.24
C VAL A 96 -27.01 -45.01 13.64
N LEU A 97 -26.84 -43.79 14.10
CA LEU A 97 -27.53 -42.65 13.53
C LEU A 97 -26.52 -41.84 12.75
N PHE A 98 -26.80 -41.61 11.48
CA PHE A 98 -25.97 -40.77 10.63
C PHE A 98 -26.75 -39.52 10.19
N ALA A 99 -26.74 -38.47 11.03
CA ALA A 99 -27.46 -37.21 10.77
C ALA A 99 -26.76 -36.45 9.65
N ASN A 100 -27.19 -36.69 8.43
CA ASN A 100 -26.37 -36.35 7.29
C ASN A 100 -27.03 -35.32 6.39
N SER A 101 -28.36 -35.31 6.36
CA SER A 101 -29.08 -34.32 5.55
C SER A 101 -28.55 -32.92 5.81
N GLY A 102 -28.33 -32.21 4.72
CA GLY A 102 -27.89 -30.83 4.75
C GLY A 102 -27.79 -30.28 3.34
N ALA A 103 -27.60 -28.95 3.24
CA ALA A 103 -27.73 -28.22 1.98
C ALA A 103 -26.91 -26.92 1.98
N ILE A 104 -26.36 -26.56 0.82
CA ILE A 104 -25.60 -25.30 0.65
C ILE A 104 -26.20 -24.36 -0.38
N GLU A 105 -26.25 -23.08 -0.05
CA GLU A 105 -26.57 -22.05 -1.02
C GLU A 105 -25.53 -20.95 -0.96
N GLN A 106 -24.85 -20.66 -2.08
CA GLN A 106 -23.79 -19.64 -2.10
C GLN A 106 -24.33 -18.20 -2.07
N LYS A 107 -23.96 -17.44 -1.05
CA LYS A 107 -24.26 -16.02 -0.96
C LYS A 107 -23.14 -15.39 -0.12
N THR A 108 -22.67 -14.22 -0.56
CA THR A 108 -21.68 -13.42 0.19
C THR A 108 -22.37 -12.63 1.32
N LEU A 109 -21.58 -12.07 2.24
CA LEU A 109 -22.14 -11.31 3.35
C LEU A 109 -23.17 -10.30 2.85
N GLU A 110 -22.78 -9.50 1.86
CA GLU A 110 -23.66 -8.46 1.26
C GLU A 110 -24.99 -9.03 0.81
N GLU A 111 -24.92 -10.18 0.14
CA GLU A 111 -26.07 -10.85 -0.46
C GLU A 111 -27.02 -11.55 0.54
N ILE A 112 -26.64 -11.63 1.82
CA ILE A 112 -27.37 -12.48 2.75
C ILE A 112 -28.75 -11.89 3.10
N THR A 113 -29.78 -12.67 2.80
CA THR A 113 -31.13 -12.32 3.20
C THR A 113 -31.49 -13.14 4.44
N PRO A 114 -32.53 -12.74 5.19
CA PRO A 114 -33.03 -13.59 6.27
C PRO A 114 -33.53 -14.98 5.81
N GLU A 115 -34.13 -15.05 4.63
CA GLU A 115 -34.69 -16.30 4.13
C GLU A 115 -33.57 -17.26 3.88
N HIS A 116 -32.50 -16.78 3.24
CA HIS A 116 -31.28 -17.58 2.96
C HIS A 116 -30.63 -18.09 4.21
N TYR A 117 -30.50 -17.23 5.21
CA TYR A 117 -30.02 -17.60 6.53
C TYR A 117 -30.85 -18.74 7.15
N ASP A 118 -32.16 -18.53 7.30
CA ASP A 118 -33.05 -19.58 7.82
C ASP A 118 -33.04 -20.89 7.04
N ARG A 119 -33.01 -20.86 5.71
CA ARG A 119 -32.87 -22.09 4.89
C ARG A 119 -31.64 -22.89 5.27
N THR A 120 -30.49 -22.23 5.33
CA THR A 120 -29.25 -22.90 5.70
C THR A 120 -29.30 -23.46 7.12
N PHE A 121 -29.60 -22.61 8.10
CA PHE A 121 -29.55 -23.05 9.49
C PHE A 121 -30.66 -24.01 9.91
N ASP A 122 -31.78 -23.98 9.21
CA ASP A 122 -32.87 -24.91 9.51
C ASP A 122 -32.52 -26.36 9.18
N VAL A 123 -31.98 -26.59 8.00
CA VAL A 123 -31.65 -27.94 7.58
C VAL A 123 -30.32 -28.41 8.17
N ASN A 124 -29.31 -27.54 8.13
CA ASN A 124 -27.97 -27.88 8.53
C ASN A 124 -27.77 -27.96 10.03
N VAL A 125 -28.45 -27.11 10.78
CA VAL A 125 -28.23 -27.05 12.22
C VAL A 125 -29.46 -27.45 12.99
N ARG A 126 -30.55 -26.71 12.77
CA ARG A 126 -31.84 -26.94 13.47
C ARG A 126 -32.41 -28.35 13.26
N GLY A 127 -32.53 -28.76 12.01
CA GLY A 127 -33.06 -30.06 11.67
C GLY A 127 -32.25 -31.14 12.34
N LEU A 128 -30.91 -30.95 12.35
CA LEU A 128 -29.97 -31.94 12.85
C LEU A 128 -30.10 -32.09 14.34
N ILE A 129 -30.14 -30.97 15.04
CA ILE A 129 -30.43 -30.96 16.49
C ILE A 129 -31.70 -31.77 16.84
N PHE A 130 -32.76 -31.59 16.10
CA PHE A 130 -33.95 -32.33 16.44
C PHE A 130 -33.95 -33.78 15.96
N THR A 131 -33.26 -34.06 14.84
CA THR A 131 -32.93 -35.42 14.40
C THR A 131 -32.33 -36.22 15.57
N VAL A 132 -31.35 -35.63 16.25
CA VAL A 132 -30.58 -36.34 17.30
C VAL A 132 -31.34 -36.42 18.62
N GLN A 133 -32.03 -35.33 18.96
CA GLN A 133 -32.87 -35.27 20.15
C GLN A 133 -33.98 -36.33 20.15
N LYS A 134 -34.62 -36.54 19.01
CA LYS A 134 -35.78 -37.40 18.95
C LYS A 134 -35.42 -38.85 18.73
N ALA A 135 -34.15 -39.11 18.46
CA ALA A 135 -33.59 -40.45 18.35
C ALA A 135 -33.19 -41.04 19.72
N LEU A 136 -32.97 -40.13 20.68
CA LEU A 136 -32.49 -40.51 22.03
C LEU A 136 -33.23 -41.67 22.72
N PRO A 137 -34.58 -41.67 22.72
CA PRO A 137 -35.32 -42.80 23.30
C PRO A 137 -35.01 -44.14 22.59
N LEU A 138 -34.70 -44.08 21.31
CA LEU A 138 -34.56 -45.32 20.58
C LEU A 138 -33.11 -45.72 20.48
N LEU A 139 -32.20 -44.77 20.71
CA LEU A 139 -30.77 -45.03 20.63
C LEU A 139 -30.33 -46.01 21.69
N ARG A 140 -29.60 -47.02 21.25
CA ARG A 140 -29.04 -48.02 22.16
C ARG A 140 -27.90 -47.48 22.95
N ASP A 141 -27.78 -47.91 24.20
CA ASP A 141 -26.54 -47.73 24.95
C ASP A 141 -25.42 -48.39 24.18
N GLY A 142 -24.26 -47.73 24.11
CA GLY A 142 -23.15 -48.24 23.32
C GLY A 142 -23.21 -47.90 21.85
N GLY A 143 -24.24 -47.18 21.45
CA GLY A 143 -24.47 -46.73 20.08
C GLY A 143 -23.58 -45.62 19.61
N SER A 144 -23.75 -45.22 18.35
CA SER A 144 -22.84 -44.34 17.66
C SER A 144 -23.64 -43.31 16.80
N VAL A 145 -23.38 -42.02 17.04
CA VAL A 145 -24.01 -40.94 16.25
C VAL A 145 -22.94 -40.25 15.42
N ILE A 146 -23.18 -40.06 14.12
CA ILE A 146 -22.21 -39.40 13.22
C ILE A 146 -22.90 -38.23 12.55
N LEU A 147 -22.28 -37.08 12.69
CA LEU A 147 -22.78 -35.82 12.17
C LEU A 147 -21.89 -35.49 10.98
N THR A 148 -22.49 -34.95 9.94
CA THR A 148 -21.75 -34.56 8.76
C THR A 148 -21.45 -33.08 8.81
N SER A 149 -20.28 -32.74 9.29
CA SER A 149 -19.83 -31.36 9.22
C SER A 149 -19.28 -31.16 7.80
N SER A 150 -18.17 -30.43 7.65
CA SER A 150 -17.59 -30.11 6.33
C SER A 150 -16.28 -29.36 6.53
N VAL A 151 -15.39 -29.45 5.55
CA VAL A 151 -14.13 -28.72 5.63
C VAL A 151 -14.42 -27.23 5.65
N ALA A 152 -15.55 -26.84 5.11
CA ALA A 152 -15.99 -25.45 5.21
C ALA A 152 -15.99 -24.91 6.65
N GLY A 153 -16.20 -25.77 7.64
CA GLY A 153 -16.32 -25.31 9.03
C GLY A 153 -15.00 -24.87 9.64
N VAL A 154 -13.90 -25.15 8.95
CA VAL A 154 -12.57 -24.67 9.40
C VAL A 154 -11.88 -23.74 8.38
N LEU A 155 -12.54 -23.50 7.24
CA LEU A 155 -12.00 -22.64 6.19
C LEU A 155 -12.76 -21.34 6.01
N GLY A 156 -12.14 -20.36 5.37
CA GLY A 156 -12.81 -19.09 5.01
C GLY A 156 -13.01 -19.03 3.49
N LEU A 157 -14.09 -19.65 3.01
CA LEU A 157 -14.37 -19.73 1.56
C LEU A 157 -15.35 -18.66 1.09
N GLN A 158 -15.02 -18.01 -0.02
CA GLN A 158 -15.84 -16.94 -0.57
C GLN A 158 -17.33 -17.36 -0.64
N ALA A 159 -18.22 -16.50 -0.12
CA ALA A 159 -19.66 -16.73 -0.26
C ALA A 159 -20.14 -18.07 0.34
N HIS A 160 -19.51 -18.48 1.44
CA HIS A 160 -19.93 -19.68 2.10
C HIS A 160 -20.34 -19.35 3.47
N ASP A 161 -20.58 -18.07 3.68
CA ASP A 161 -20.91 -17.50 5.02
C ASP A 161 -21.80 -18.30 5.99
N THR A 162 -23.00 -18.68 5.54
CA THR A 162 -23.91 -19.42 6.41
C THR A 162 -23.67 -20.91 6.42
N TYR A 163 -23.33 -21.49 5.28
CA TYR A 163 -23.01 -22.90 5.20
C TYR A 163 -21.89 -23.22 6.15
N SER A 164 -20.75 -22.56 5.96
CA SER A 164 -19.58 -22.80 6.79
C SER A 164 -19.84 -22.60 8.29
N ALA A 165 -20.58 -21.54 8.66
CA ALA A 165 -20.98 -21.29 10.05
C ALA A 165 -21.89 -22.37 10.64
N ALA A 166 -22.90 -22.79 9.86
CA ALA A 166 -23.75 -23.91 10.22
C ALA A 166 -22.94 -25.21 10.47
N LYS A 167 -22.06 -25.59 9.54
CA LYS A 167 -21.22 -26.78 9.70
C LYS A 167 -20.26 -26.72 10.88
N ALA A 168 -19.73 -25.54 11.15
CA ALA A 168 -18.95 -25.30 12.37
C ALA A 168 -19.82 -25.48 13.61
N ALA A 169 -21.10 -25.12 13.52
CA ALA A 169 -22.06 -25.39 14.58
C ALA A 169 -22.23 -26.92 14.82
N VAL A 170 -22.37 -27.68 13.72
CA VAL A 170 -22.50 -29.12 13.75
C VAL A 170 -21.29 -29.86 14.38
N ARG A 171 -20.07 -29.39 14.11
CA ARG A 171 -18.91 -29.92 14.81
C ARG A 171 -18.99 -29.68 16.31
N SER A 172 -19.48 -28.53 16.73
CA SER A 172 -19.56 -28.20 18.13
C SER A 172 -20.46 -29.17 18.81
N LEU A 173 -21.60 -29.45 18.17
CA LEU A 173 -22.59 -30.39 18.71
C LEU A 173 -22.04 -31.78 19.04
N ALA A 174 -21.13 -32.27 18.22
CA ALA A 174 -20.49 -33.52 18.54
C ALA A 174 -19.69 -33.44 19.85
N ARG A 175 -19.02 -32.33 20.11
CA ARG A 175 -18.36 -32.11 21.41
C ARG A 175 -19.36 -32.15 22.59
N THR A 176 -20.40 -31.31 22.53
CA THR A 176 -21.36 -31.12 23.61
C THR A 176 -22.11 -32.42 23.87
N TRP A 177 -22.41 -33.18 22.79
CA TRP A 177 -23.19 -34.43 22.94
C TRP A 177 -22.34 -35.58 23.36
N THR A 178 -21.02 -35.43 23.20
CA THR A 178 -20.10 -36.38 23.77
C THR A 178 -20.21 -36.34 25.28
N THR A 179 -20.16 -35.15 25.86
CA THR A 179 -20.45 -34.96 27.29
C THR A 179 -21.84 -35.33 27.74
N GLU A 180 -22.88 -34.89 27.02
CA GLU A 180 -24.23 -35.19 27.49
C GLU A 180 -24.65 -36.66 27.37
N LEU A 181 -24.01 -37.42 26.50
CA LEU A 181 -24.45 -38.80 26.28
C LEU A 181 -23.52 -39.85 26.86
N LYS A 182 -22.49 -39.40 27.55
CA LYS A 182 -21.40 -40.28 27.95
C LYS A 182 -21.89 -41.31 28.91
N GLY A 183 -22.81 -40.87 29.76
CA GLY A 183 -23.52 -41.76 30.68
C GLY A 183 -24.08 -43.01 30.02
N ARG A 184 -24.57 -42.89 28.80
CA ARG A 184 -25.14 -44.01 28.08
C ARG A 184 -24.12 -44.66 27.11
N SER A 185 -22.85 -44.30 27.23
CA SER A 185 -21.83 -44.84 26.34
C SER A 185 -22.12 -44.68 24.86
N ILE A 186 -22.85 -43.64 24.50
CA ILE A 186 -23.08 -43.31 23.09
C ILE A 186 -21.99 -42.38 22.58
N ARG A 187 -21.30 -42.83 21.53
CA ARG A 187 -20.22 -42.05 20.87
C ARG A 187 -20.81 -41.16 19.80
N VAL A 188 -20.41 -39.89 19.82
CA VAL A 188 -20.86 -38.87 18.86
C VAL A 188 -19.62 -38.30 18.21
N ASN A 189 -19.55 -38.42 16.88
CA ASN A 189 -18.42 -37.92 16.11
C ASN A 189 -18.84 -37.17 14.87
N ALA A 190 -18.13 -36.08 14.54
CA ALA A 190 -18.32 -35.34 13.29
C ALA A 190 -17.35 -35.89 12.21
N VAL A 191 -17.91 -36.14 11.01
CA VAL A 191 -17.16 -36.35 9.79
C VAL A 191 -17.22 -35.05 8.93
N SER A 192 -16.06 -34.53 8.55
CA SER A 192 -15.98 -33.33 7.72
C SER A 192 -15.34 -33.69 6.38
N PRO A 193 -16.16 -33.90 5.35
CA PRO A 193 -15.69 -34.18 4.01
C PRO A 193 -15.16 -32.94 3.31
N GLY A 194 -14.23 -33.16 2.39
CA GLY A 194 -13.80 -32.09 1.49
C GLY A 194 -14.62 -32.18 0.24
N ALA A 195 -13.97 -32.10 -0.90
CA ALA A 195 -14.65 -32.28 -2.16
C ALA A 195 -14.93 -33.75 -2.36
N ILE A 196 -16.22 -34.07 -2.46
CA ILE A 196 -16.66 -35.43 -2.74
C ILE A 196 -17.61 -35.38 -3.94
N ASP A 197 -17.39 -36.28 -4.89
CA ASP A 197 -18.17 -36.35 -6.14
C ASP A 197 -19.65 -36.73 -5.95
N THR A 198 -20.47 -35.73 -5.62
CA THR A 198 -21.88 -35.94 -5.29
C THR A 198 -22.75 -34.80 -5.86
N PRO A 199 -24.09 -34.99 -5.93
CA PRO A 199 -24.98 -33.96 -6.49
C PRO A 199 -24.87 -32.56 -5.90
N ILE A 200 -24.36 -32.42 -4.68
CA ILE A 200 -24.26 -31.10 -3.99
C ILE A 200 -23.38 -30.07 -4.72
N ILE A 201 -22.41 -30.58 -5.49
CA ILE A 201 -21.53 -29.77 -6.32
C ILE A 201 -22.29 -29.29 -7.56
N GLU A 202 -22.92 -30.23 -8.26
CA GLU A 202 -23.69 -29.93 -9.47
C GLU A 202 -24.88 -29.01 -9.20
N ASN A 203 -25.57 -29.24 -8.09
CA ASN A 203 -26.81 -28.50 -7.77
C ASN A 203 -26.62 -27.05 -7.34
N GLN A 204 -25.37 -26.60 -7.22
CA GLN A 204 -25.10 -25.20 -6.83
C GLN A 204 -24.61 -24.32 -7.97
N VAL A 205 -23.98 -24.93 -8.97
CA VAL A 205 -23.63 -24.19 -10.21
C VAL A 205 -24.87 -23.95 -11.08
N SER A 206 -24.75 -23.05 -12.05
CA SER A 206 -25.85 -22.77 -12.97
C SER A 206 -25.66 -23.50 -14.30
N THR A 207 -24.44 -23.93 -14.56
CA THR A 207 -24.09 -24.57 -15.84
C THR A 207 -23.16 -25.78 -15.65
N GLN A 208 -23.35 -26.78 -16.52
CA GLN A 208 -22.58 -28.05 -16.49
C GLN A 208 -21.10 -27.85 -16.85
N GLU A 209 -20.83 -26.72 -17.49
CA GLU A 209 -19.47 -26.32 -17.82
C GLU A 209 -18.73 -25.88 -16.55
N GLU A 210 -19.38 -25.03 -15.76
CA GLU A 210 -18.84 -24.55 -14.47
C GLU A 210 -18.42 -25.68 -13.54
N ALA A 211 -19.23 -26.74 -13.49
CA ALA A 211 -19.02 -27.90 -12.62
C ALA A 211 -17.76 -28.69 -12.94
N ASP A 212 -17.36 -28.73 -14.21
CA ASP A 212 -16.10 -29.35 -14.62
C ASP A 212 -14.90 -28.58 -14.06
N GLU A 213 -15.08 -27.27 -13.86
CA GLU A 213 -14.01 -26.36 -13.43
C GLU A 213 -13.91 -26.26 -11.90
N LEU A 214 -15.06 -26.30 -11.21
CA LEU A 214 -15.11 -26.33 -9.74
C LEU A 214 -14.49 -27.62 -9.20
N ARG A 215 -14.62 -28.71 -9.97
CA ARG A 215 -14.00 -29.99 -9.63
C ARG A 215 -12.50 -30.02 -9.87
N ALA A 216 -12.06 -29.40 -10.96
CA ALA A 216 -10.62 -29.32 -11.26
C ALA A 216 -9.90 -28.35 -10.31
N LYS A 217 -10.63 -27.39 -9.76
CA LYS A 217 -10.10 -26.42 -8.80
C LYS A 217 -9.83 -27.06 -7.42
N PHE A 218 -10.79 -27.85 -6.96
CA PHE A 218 -10.67 -28.57 -5.69
C PHE A 218 -9.60 -29.64 -5.75
N ALA A 219 -9.48 -30.32 -6.89
CA ALA A 219 -8.44 -31.33 -7.13
C ALA A 219 -7.03 -30.76 -7.01
N ALA A 220 -6.84 -29.54 -7.52
CA ALA A 220 -5.56 -28.84 -7.47
C ALA A 220 -5.15 -28.50 -6.04
N ALA A 221 -6.15 -28.08 -5.25
CA ALA A 221 -5.97 -27.69 -3.85
C ALA A 221 -5.72 -28.85 -2.86
N THR A 222 -6.02 -30.07 -3.29
CA THR A 222 -5.99 -31.25 -2.44
C THR A 222 -4.75 -32.15 -2.70
N PRO A 223 -3.91 -32.36 -1.68
CA PRO A 223 -2.70 -33.18 -1.79
C PRO A 223 -2.89 -34.48 -2.59
N LEU A 224 -4.03 -35.14 -2.45
CA LEU A 224 -4.25 -36.40 -3.15
C LEU A 224 -4.59 -36.21 -4.64
N GLY A 225 -4.66 -34.95 -5.06
CA GLY A 225 -4.90 -34.56 -6.45
C GLY A 225 -6.20 -35.03 -7.11
N ARG A 226 -7.28 -35.17 -6.36
CA ARG A 226 -8.57 -35.64 -6.89
C ARG A 226 -9.70 -35.38 -5.93
N VAL A 227 -10.92 -35.25 -6.45
CA VAL A 227 -12.11 -35.24 -5.60
C VAL A 227 -12.32 -36.64 -5.06
N GLY A 228 -13.03 -36.74 -3.93
CA GLY A 228 -13.26 -38.04 -3.33
C GLY A 228 -14.46 -38.74 -3.92
N ARG A 229 -14.44 -40.06 -3.88
CA ARG A 229 -15.59 -40.86 -4.26
C ARG A 229 -16.53 -41.03 -3.05
N PRO A 230 -17.86 -40.95 -3.26
CA PRO A 230 -18.83 -41.19 -2.19
C PRO A 230 -18.55 -42.46 -1.41
N GLU A 231 -18.06 -43.48 -2.09
CA GLU A 231 -17.67 -44.76 -1.49
C GLU A 231 -16.68 -44.54 -0.36
N GLU A 232 -15.80 -43.56 -0.55
CA GLU A 232 -14.73 -43.24 0.42
C GLU A 232 -15.18 -42.47 1.66
N LEU A 233 -16.22 -41.63 1.51
CA LEU A 233 -16.78 -41.01 2.67
C LEU A 233 -17.53 -42.06 3.48
N ALA A 234 -18.31 -42.91 2.82
CA ALA A 234 -19.04 -43.99 3.48
C ALA A 234 -18.11 -44.88 4.28
N ALA A 235 -16.96 -45.26 3.72
CA ALA A 235 -15.98 -46.08 4.44
C ALA A 235 -15.52 -45.39 5.73
N ALA A 236 -15.27 -44.08 5.66
CA ALA A 236 -14.92 -43.28 6.83
C ALA A 236 -16.05 -43.24 7.87
N VAL A 237 -17.28 -43.06 7.41
CA VAL A 237 -18.45 -43.08 8.28
C VAL A 237 -18.62 -44.46 8.91
N LEU A 238 -18.35 -45.50 8.13
CA LEU A 238 -18.43 -46.90 8.63
C LEU A 238 -17.51 -47.06 9.83
N PHE A 239 -16.26 -46.56 9.70
CA PHE A 239 -15.27 -46.63 10.78
C PHE A 239 -15.88 -46.07 12.05
N LEU A 240 -16.48 -44.89 11.93
CA LEU A 240 -17.17 -44.25 13.09
C LEU A 240 -18.36 -45.06 13.59
N ALA A 241 -19.16 -45.58 12.69
CA ALA A 241 -20.25 -46.50 13.02
C ALA A 241 -19.86 -47.84 13.67
N SER A 242 -18.66 -48.32 13.35
CA SER A 242 -18.24 -49.66 13.77
C SER A 242 -17.53 -49.70 15.13
N ASP A 243 -17.20 -50.92 15.58
CA ASP A 243 -16.52 -51.15 16.85
C ASP A 243 -15.09 -50.69 16.78
N ASP A 244 -14.58 -50.53 15.58
CA ASP A 244 -13.21 -50.09 15.39
C ASP A 244 -12.95 -48.76 16.08
N SER A 245 -13.93 -47.86 16.02
CA SER A 245 -13.81 -46.54 16.66
C SER A 245 -14.37 -46.52 18.09
N SER A 246 -14.35 -47.67 18.77
CA SER A 246 -14.97 -47.77 20.09
C SER A 246 -14.34 -46.87 21.14
N TYR A 247 -13.11 -46.42 20.90
CA TYR A 247 -12.45 -45.46 21.82
C TYR A 247 -12.24 -44.08 21.19
N VAL A 248 -13.02 -43.79 20.13
CA VAL A 248 -12.97 -42.52 19.40
C VAL A 248 -14.26 -41.76 19.67
N ALA A 249 -14.15 -40.62 20.33
CA ALA A 249 -15.31 -39.84 20.73
C ALA A 249 -15.14 -38.32 20.50
N GLY A 250 -16.19 -37.66 20.01
CA GLY A 250 -16.24 -36.19 19.86
C GLY A 250 -15.35 -35.53 18.81
N ILE A 251 -14.83 -36.35 17.88
CA ILE A 251 -13.77 -35.90 16.96
C ILE A 251 -14.28 -35.29 15.69
N GLU A 252 -13.40 -34.54 15.05
CA GLU A 252 -13.63 -34.15 13.68
C GLU A 252 -12.73 -34.95 12.65
N LEU A 253 -13.33 -35.93 12.01
CA LEU A 253 -12.63 -36.77 11.06
C LEU A 253 -12.68 -36.14 9.69
N PHE A 254 -11.59 -35.49 9.32
CA PHE A 254 -11.46 -34.88 7.99
C PHE A 254 -11.19 -35.90 6.88
N VAL A 255 -12.17 -36.05 5.99
CA VAL A 255 -12.02 -36.91 4.83
C VAL A 255 -12.00 -35.98 3.62
N ASP A 256 -10.81 -35.47 3.33
CA ASP A 256 -10.64 -34.40 2.34
C ASP A 256 -9.35 -34.54 1.48
N GLY A 257 -8.77 -35.74 1.44
CA GLY A 257 -7.48 -35.93 0.78
C GLY A 257 -6.35 -35.02 1.25
N GLY A 258 -6.53 -34.34 2.38
CA GLY A 258 -5.44 -33.56 2.98
C GLY A 258 -5.60 -32.08 2.82
N LEU A 259 -6.73 -31.69 2.25
CA LEU A 259 -7.04 -30.30 1.97
C LEU A 259 -6.76 -29.39 3.14
N THR A 260 -7.30 -29.75 4.30
CA THR A 260 -7.29 -28.83 5.44
C THR A 260 -6.10 -29.08 6.31
N GLN A 261 -5.31 -30.11 5.97
CA GLN A 261 -4.22 -30.59 6.84
C GLN A 261 -2.80 -30.10 6.48
N VAL A 262 -2.65 -29.46 5.31
CA VAL A 262 -1.33 -29.03 4.87
C VAL A 262 -1.26 -27.52 4.65
N ALA B 14 0.08 7.94 23.63
CA ALA B 14 -0.71 7.31 24.74
C ALA B 14 -2.03 6.77 24.22
N TYR B 15 -2.54 7.42 23.17
CA TYR B 15 -3.89 7.19 22.65
C TYR B 15 -3.85 6.31 21.39
N ARG B 16 -4.15 5.03 21.56
CA ARG B 16 -3.98 4.05 20.49
C ARG B 16 -5.19 3.94 19.56
N LEU B 17 -6.26 4.66 19.90
CA LEU B 17 -7.45 4.70 19.04
C LEU B 17 -7.93 6.13 18.82
N LEU B 18 -6.97 7.06 18.78
CA LEU B 18 -7.22 8.49 18.66
C LEU B 18 -8.06 8.85 17.43
N ASN B 19 -9.26 9.41 17.71
CA ASN B 19 -10.22 9.85 16.70
C ASN B 19 -10.86 8.76 15.85
N LYS B 20 -10.63 7.50 16.21
CA LYS B 20 -11.25 6.39 15.52
C LYS B 20 -12.66 6.27 16.07
N THR B 21 -13.59 5.95 15.19
CA THR B 21 -14.99 5.76 15.61
C THR B 21 -15.27 4.27 15.77
N ALA B 22 -15.86 3.91 16.91
CA ALA B 22 -16.15 2.51 17.20
C ALA B 22 -17.60 2.27 17.55
N VAL B 23 -18.11 1.11 17.12
CA VAL B 23 -19.47 0.66 17.45
C VAL B 23 -19.38 -0.66 18.22
N ILE B 24 -20.02 -0.68 19.40
CA ILE B 24 -20.05 -1.87 20.25
C ILE B 24 -21.48 -2.27 20.60
N THR B 25 -21.98 -3.33 19.95
CA THR B 25 -23.22 -3.95 20.37
C THR B 25 -22.98 -4.69 21.69
N GLY B 26 -23.99 -4.67 22.57
CA GLY B 26 -23.85 -5.20 23.91
C GLY B 26 -22.97 -4.32 24.78
N GLY B 27 -23.09 -3.01 24.57
CA GLY B 27 -22.20 -2.05 25.18
C GLY B 27 -22.61 -1.47 26.53
N ASN B 28 -23.77 -1.86 27.05
CA ASN B 28 -24.26 -1.27 28.31
C ASN B 28 -23.94 -2.12 29.51
N SER B 29 -23.20 -3.19 29.28
CA SER B 29 -22.97 -4.21 30.29
C SER B 29 -21.63 -4.94 30.13
N GLY B 30 -21.13 -5.47 31.25
CA GLY B 30 -20.00 -6.38 31.28
C GLY B 30 -18.87 -6.07 30.34
N ILE B 31 -18.63 -6.99 29.38
CA ILE B 31 -17.52 -6.90 28.44
C ILE B 31 -17.68 -5.71 27.51
N GLY B 32 -18.86 -5.56 26.91
CA GLY B 32 -19.13 -4.43 26.02
C GLY B 32 -18.79 -3.08 26.67
N LEU B 33 -19.24 -2.87 27.91
CA LEU B 33 -19.04 -1.61 28.60
C LEU B 33 -17.57 -1.35 28.97
N ALA B 34 -16.88 -2.38 29.46
CA ALA B 34 -15.48 -2.26 29.87
C ALA B 34 -14.60 -1.91 28.68
N THR B 35 -15.00 -2.40 27.51
CA THR B 35 -14.30 -2.15 26.26
C THR B 35 -14.59 -0.71 25.82
N ALA B 36 -15.84 -0.29 25.98
CA ALA B 36 -16.23 1.10 25.70
C ALA B 36 -15.37 2.06 26.51
N LYS B 37 -15.27 1.83 27.82
CA LYS B 37 -14.42 2.62 28.67
C LYS B 37 -13.00 2.68 28.11
N ARG B 38 -12.37 1.52 27.99
CA ARG B 38 -10.99 1.44 27.48
C ARG B 38 -10.82 2.14 26.14
N PHE B 39 -11.78 1.95 25.25
CA PHE B 39 -11.77 2.58 23.95
C PHE B 39 -11.71 4.10 24.07
N VAL B 40 -12.60 4.68 24.91
CA VAL B 40 -12.65 6.12 25.13
C VAL B 40 -11.35 6.63 25.77
N ALA B 41 -10.87 5.88 26.75
CA ALA B 41 -9.57 6.14 27.36
C ALA B 41 -8.46 6.24 26.31
N GLU B 42 -8.58 5.46 25.23
CA GLU B 42 -7.60 5.45 24.15
C GLU B 42 -7.97 6.41 23.02
N GLY B 43 -8.91 7.31 23.35
CA GLY B 43 -9.31 8.42 22.48
C GLY B 43 -10.26 8.12 21.33
N ALA B 44 -11.02 7.04 21.43
CA ALA B 44 -12.02 6.73 20.42
C ALA B 44 -13.34 7.44 20.73
N TYR B 45 -14.20 7.53 19.72
CA TYR B 45 -15.59 7.86 19.93
C TYR B 45 -16.39 6.57 19.83
N VAL B 46 -17.25 6.36 20.82
CA VAL B 46 -17.90 5.06 21.00
C VAL B 46 -19.41 5.13 20.95
N PHE B 47 -19.98 4.33 20.05
CA PHE B 47 -21.41 4.02 20.10
C PHE B 47 -21.65 2.74 20.90
N ILE B 48 -22.37 2.86 22.03
CA ILE B 48 -22.84 1.68 22.75
C ILE B 48 -24.28 1.38 22.39
N VAL B 49 -24.57 0.09 22.25
CA VAL B 49 -25.80 -0.38 21.64
C VAL B 49 -26.35 -1.56 22.45
N GLY B 50 -27.66 -1.54 22.66
CA GLY B 50 -28.32 -2.52 23.52
C GLY B 50 -29.80 -2.22 23.59
N ARG B 51 -30.55 -3.06 24.28
CA ARG B 51 -32.00 -2.95 24.33
C ARG B 51 -32.50 -2.10 25.49
N ARG B 52 -31.89 -2.25 26.67
CA ARG B 52 -32.36 -1.60 27.88
C ARG B 52 -31.90 -0.15 27.99
N ARG B 53 -32.87 0.76 28.00
CA ARG B 53 -32.62 2.20 27.96
C ARG B 53 -32.00 2.73 29.25
N LYS B 54 -32.48 2.22 30.37
CA LYS B 54 -31.95 2.58 31.67
C LYS B 54 -30.44 2.36 31.71
N GLU B 55 -30.03 1.14 31.39
CA GLU B 55 -28.62 0.72 31.47
C GLU B 55 -27.76 1.44 30.46
N LEU B 56 -28.28 1.62 29.25
CA LEU B 56 -27.61 2.43 28.23
C LEU B 56 -27.25 3.80 28.78
N GLU B 57 -28.23 4.49 29.36
CA GLU B 57 -28.04 5.81 29.94
C GLU B 57 -27.03 5.82 31.10
N GLN B 58 -27.07 4.78 31.92
CA GLN B 58 -26.11 4.62 33.02
C GLN B 58 -24.70 4.38 32.51
N ALA B 59 -24.59 3.51 31.49
CA ALA B 59 -23.32 3.17 30.88
C ALA B 59 -22.67 4.41 30.26
N ALA B 60 -23.47 5.15 29.49
CA ALA B 60 -23.03 6.41 28.90
C ALA B 60 -22.54 7.38 29.97
N ALA B 61 -23.28 7.46 31.08
CA ALA B 61 -22.90 8.29 32.22
C ALA B 61 -21.54 7.87 32.77
N GLU B 62 -21.37 6.55 33.02
CA GLU B 62 -20.12 5.98 33.55
C GLU B 62 -18.93 6.21 32.63
N ILE B 63 -19.11 5.93 31.34
CA ILE B 63 -18.10 6.22 30.32
C ILE B 63 -17.70 7.69 30.38
N GLY B 64 -18.69 8.59 30.45
CA GLY B 64 -18.43 10.02 30.65
C GLY B 64 -18.37 10.89 29.40
N ARG B 65 -17.37 10.68 28.55
CA ARG B 65 -17.18 11.49 27.34
C ARG B 65 -17.18 10.68 26.04
N ASN B 66 -17.27 11.38 24.91
CA ASN B 66 -17.15 10.77 23.58
C ASN B 66 -17.99 9.50 23.37
N VAL B 67 -19.21 9.50 23.90
CA VAL B 67 -20.07 8.32 23.80
C VAL B 67 -21.49 8.67 23.37
N THR B 68 -22.06 7.80 22.53
CA THR B 68 -23.46 7.89 22.15
C THR B 68 -24.13 6.55 22.42
N ALA B 69 -25.20 6.59 23.20
CA ALA B 69 -26.02 5.42 23.47
C ALA B 69 -27.09 5.27 22.41
N VAL B 70 -27.24 4.07 21.86
CA VAL B 70 -28.24 3.81 20.86
C VAL B 70 -29.04 2.58 21.29
N LYS B 71 -30.35 2.75 21.40
CA LYS B 71 -31.24 1.64 21.69
C LYS B 71 -31.46 0.84 20.40
N ALA B 72 -31.14 -0.44 20.44
CA ALA B 72 -31.36 -1.33 19.29
C ALA B 72 -31.41 -2.78 19.73
N ASP B 73 -32.23 -3.55 19.02
CA ASP B 73 -32.27 -4.98 19.19
C ASP B 73 -31.67 -5.59 17.92
N VAL B 74 -30.57 -6.31 18.07
CA VAL B 74 -29.81 -6.78 16.92
C VAL B 74 -30.57 -7.84 16.11
N THR B 75 -31.61 -8.41 16.70
CA THR B 75 -32.43 -9.38 16.01
C THR B 75 -33.51 -8.69 15.17
N LYS B 76 -33.59 -7.37 15.28
CA LYS B 76 -34.53 -6.55 14.50
C LYS B 76 -33.81 -5.73 13.43
N LEU B 77 -33.93 -6.15 12.17
CA LEU B 77 -33.24 -5.49 11.08
C LEU B 77 -33.45 -3.97 11.10
N GLU B 78 -34.69 -3.54 11.33
CA GLU B 78 -35.03 -2.12 11.33
C GLU B 78 -34.31 -1.36 12.44
N ASP B 79 -34.08 -2.01 13.58
CA ASP B 79 -33.27 -1.40 14.65
C ASP B 79 -31.81 -1.18 14.20
N LEU B 80 -31.29 -2.11 13.41
CA LEU B 80 -29.92 -1.99 12.89
C LEU B 80 -29.78 -0.84 11.89
N ASP B 81 -30.74 -0.76 10.98
CA ASP B 81 -30.84 0.32 9.99
C ASP B 81 -30.87 1.67 10.69
N ARG B 82 -31.70 1.76 11.73
CA ARG B 82 -31.78 2.97 12.53
C ARG B 82 -30.45 3.28 13.20
N LEU B 83 -29.83 2.25 13.78
CA LEU B 83 -28.50 2.38 14.40
C LEU B 83 -27.53 3.01 13.41
N TYR B 84 -27.41 2.41 12.24
CA TYR B 84 -26.40 2.87 11.31
C TYR B 84 -26.71 4.23 10.67
N ALA B 85 -27.99 4.61 10.65
CA ALA B 85 -28.38 5.95 10.26
C ALA B 85 -27.78 6.95 11.25
N ILE B 86 -28.03 6.72 12.53
CA ILE B 86 -27.52 7.58 13.60
C ILE B 86 -26.03 7.65 13.52
N VAL B 87 -25.37 6.50 13.51
CA VAL B 87 -23.93 6.43 13.38
C VAL B 87 -23.52 7.36 12.26
N ARG B 88 -24.14 7.18 11.10
CA ARG B 88 -23.77 7.95 9.92
C ARG B 88 -23.93 9.45 10.09
N GLU B 89 -25.07 9.87 10.62
CA GLU B 89 -25.28 11.29 10.89
C GLU B 89 -24.22 11.84 11.84
N GLN B 90 -24.04 11.20 12.98
CA GLN B 90 -23.15 11.71 14.03
C GLN B 90 -21.65 11.67 13.69
N ARG B 91 -21.17 10.58 13.10
CA ARG B 91 -19.71 10.43 12.86
C ARG B 91 -19.33 10.04 11.45
N GLY B 92 -20.28 9.49 10.70
CA GLY B 92 -20.07 9.25 9.27
C GLY B 92 -19.40 7.95 8.85
N SER B 93 -18.53 7.40 9.68
CA SER B 93 -17.85 6.15 9.33
C SER B 93 -17.45 5.36 10.56
N ILE B 94 -17.12 4.09 10.34
CA ILE B 94 -16.75 3.20 11.44
C ILE B 94 -15.35 2.68 11.22
N ASP B 95 -14.49 2.86 12.22
CA ASP B 95 -13.15 2.27 12.23
C ASP B 95 -13.08 0.89 12.92
N VAL B 96 -13.78 0.78 14.05
CA VAL B 96 -13.83 -0.46 14.83
C VAL B 96 -15.28 -0.88 15.12
N LEU B 97 -15.64 -2.06 14.67
CA LEU B 97 -16.91 -2.67 15.00
C LEU B 97 -16.66 -3.87 15.92
N PHE B 98 -17.23 -3.80 17.12
CA PHE B 98 -17.18 -4.89 18.06
C PHE B 98 -18.59 -5.52 18.20
N ALA B 99 -18.83 -6.56 17.41
CA ALA B 99 -20.11 -7.28 17.37
C ALA B 99 -20.16 -8.22 18.55
N ASN B 100 -20.64 -7.68 19.67
CA ASN B 100 -20.43 -8.31 20.95
C ASN B 100 -21.69 -8.82 21.66
N SER B 101 -22.83 -8.18 21.41
CA SER B 101 -24.10 -8.63 21.98
C SER B 101 -24.31 -10.13 21.74
N GLY B 102 -24.71 -10.82 22.81
CA GLY B 102 -24.97 -12.25 22.77
C GLY B 102 -25.52 -12.70 24.11
N ALA B 103 -26.05 -13.92 24.15
CA ALA B 103 -26.74 -14.42 25.33
C ALA B 103 -26.74 -15.93 25.42
N ILE B 104 -26.74 -16.45 26.66
CA ILE B 104 -26.74 -17.91 26.95
C ILE B 104 -27.92 -18.36 27.80
N GLU B 105 -28.54 -19.47 27.38
CA GLU B 105 -29.56 -20.16 28.17
C GLU B 105 -29.20 -21.65 28.21
N GLN B 106 -29.05 -22.19 29.43
CA GLN B 106 -28.66 -23.59 29.60
C GLN B 106 -29.80 -24.53 29.40
N LYS B 107 -29.66 -25.43 28.40
CA LYS B 107 -30.60 -26.53 28.14
C LYS B 107 -29.80 -27.70 27.56
N THR B 108 -30.11 -28.92 27.97
CA THR B 108 -29.46 -30.09 27.45
C THR B 108 -30.19 -30.49 26.19
N LEU B 109 -29.61 -31.42 25.41
CA LEU B 109 -30.23 -31.90 24.16
C LEU B 109 -31.69 -32.28 24.34
N GLU B 110 -31.98 -33.10 25.37
CA GLU B 110 -33.35 -33.50 25.71
C GLU B 110 -34.30 -32.29 25.89
N GLU B 111 -33.82 -31.28 26.59
CA GLU B 111 -34.63 -30.12 26.97
C GLU B 111 -34.84 -29.11 25.83
N ILE B 112 -34.16 -29.29 24.69
CA ILE B 112 -34.16 -28.24 23.66
C ILE B 112 -35.52 -28.10 23.01
N THR B 113 -36.08 -26.91 23.11
CA THR B 113 -37.31 -26.55 22.41
C THR B 113 -36.92 -25.72 21.18
N PRO B 114 -37.85 -25.59 20.22
CA PRO B 114 -37.60 -24.66 19.11
C PRO B 114 -37.43 -23.20 19.53
N GLU B 115 -38.16 -22.76 20.54
CA GLU B 115 -38.09 -21.36 20.97
C GLU B 115 -36.72 -21.07 21.53
N HIS B 116 -36.22 -21.97 22.38
CA HIS B 116 -34.87 -21.89 22.92
C HIS B 116 -33.83 -21.81 21.86
N TYR B 117 -33.90 -22.71 20.88
CA TYR B 117 -32.98 -22.72 19.75
C TYR B 117 -32.97 -21.38 19.07
N ASP B 118 -34.15 -20.87 18.69
CA ASP B 118 -34.28 -19.59 17.99
C ASP B 118 -33.77 -18.39 18.82
N ARG B 119 -34.06 -18.37 20.12
CA ARG B 119 -33.53 -17.32 20.98
C ARG B 119 -32.01 -17.27 20.93
N THR B 120 -31.37 -18.43 21.08
CA THR B 120 -29.89 -18.50 21.01
C THR B 120 -29.34 -18.07 19.65
N PHE B 121 -29.83 -18.67 18.58
CA PHE B 121 -29.23 -18.41 17.30
C PHE B 121 -29.55 -17.02 16.70
N ASP B 122 -30.70 -16.47 17.08
CA ASP B 122 -31.09 -15.12 16.65
C ASP B 122 -30.19 -14.01 17.17
N VAL B 123 -29.85 -14.04 18.44
CA VAL B 123 -28.97 -13.03 19.00
C VAL B 123 -27.50 -13.32 18.78
N ASN B 124 -27.10 -14.57 18.94
CA ASN B 124 -25.67 -14.94 18.84
C ASN B 124 -25.12 -15.05 17.44
N VAL B 125 -25.96 -15.48 16.50
CA VAL B 125 -25.51 -15.73 15.14
C VAL B 125 -26.20 -14.82 14.11
N ARG B 126 -27.53 -14.87 14.09
CA ARG B 126 -28.31 -14.11 13.11
C ARG B 126 -28.08 -12.60 13.30
N GLY B 127 -28.32 -12.12 14.51
CA GLY B 127 -28.17 -10.70 14.83
C GLY B 127 -26.79 -10.22 14.43
N LEU B 128 -25.77 -11.04 14.73
CA LEU B 128 -24.39 -10.67 14.49
C LEU B 128 -24.16 -10.56 13.00
N ILE B 129 -24.58 -11.57 12.24
CA ILE B 129 -24.47 -11.53 10.77
C ILE B 129 -25.01 -10.21 10.20
N PHE B 130 -26.17 -9.78 10.67
CA PHE B 130 -26.77 -8.55 10.15
C PHE B 130 -26.14 -7.29 10.72
N THR B 131 -25.74 -7.32 11.98
CA THR B 131 -24.87 -6.29 12.52
C THR B 131 -23.69 -5.97 11.59
N VAL B 132 -22.98 -7.00 11.12
CA VAL B 132 -21.76 -6.78 10.30
C VAL B 132 -22.10 -6.42 8.87
N GLN B 133 -23.12 -7.07 8.31
CA GLN B 133 -23.57 -6.78 6.94
C GLN B 133 -23.96 -5.30 6.73
N LYS B 134 -24.73 -4.76 7.68
CA LYS B 134 -25.23 -3.40 7.58
C LYS B 134 -24.22 -2.33 8.00
N ALA B 135 -23.09 -2.77 8.55
CA ALA B 135 -22.01 -1.86 8.85
C ALA B 135 -21.10 -1.67 7.66
N LEU B 136 -21.11 -2.62 6.73
CA LEU B 136 -20.25 -2.59 5.54
C LEU B 136 -20.14 -1.25 4.75
N PRO B 137 -21.28 -0.57 4.49
CA PRO B 137 -21.23 0.75 3.82
C PRO B 137 -20.48 1.85 4.60
N LEU B 138 -20.53 1.79 5.93
CA LEU B 138 -19.88 2.77 6.77
C LEU B 138 -18.46 2.38 7.20
N LEU B 139 -18.11 1.10 7.05
CA LEU B 139 -16.83 0.59 7.48
C LEU B 139 -15.73 1.14 6.63
N ARG B 140 -14.75 1.74 7.29
CA ARG B 140 -13.55 2.24 6.63
C ARG B 140 -12.67 1.15 6.07
N ASP B 141 -12.13 1.36 4.88
CA ASP B 141 -11.04 0.51 4.42
C ASP B 141 -9.95 0.55 5.46
N GLY B 142 -9.29 -0.60 5.68
CA GLY B 142 -8.28 -0.74 6.74
C GLY B 142 -8.85 -0.86 8.15
N GLY B 143 -10.18 -0.97 8.26
CA GLY B 143 -10.85 -1.10 9.57
C GLY B 143 -10.77 -2.50 10.19
N SER B 144 -11.32 -2.61 11.40
CA SER B 144 -11.21 -3.82 12.18
C SER B 144 -12.54 -4.23 12.81
N VAL B 145 -12.96 -5.45 12.46
CA VAL B 145 -14.16 -6.08 13.05
C VAL B 145 -13.75 -7.17 14.06
N ILE B 146 -14.29 -7.08 15.28
CA ILE B 146 -14.08 -8.12 16.27
C ILE B 146 -15.38 -8.78 16.66
N LEU B 147 -15.41 -10.10 16.52
CA LEU B 147 -16.56 -10.92 16.89
C LEU B 147 -16.30 -11.61 18.23
N THR B 148 -17.29 -11.59 19.12
CA THR B 148 -17.16 -12.28 20.40
C THR B 148 -17.66 -13.71 20.34
N SER B 149 -16.74 -14.66 20.12
CA SER B 149 -17.05 -16.07 20.20
C SER B 149 -17.07 -16.46 21.68
N SER B 150 -16.56 -17.63 22.01
CA SER B 150 -16.49 -18.10 23.39
C SER B 150 -15.60 -19.36 23.44
N VAL B 151 -15.03 -19.68 24.60
CA VAL B 151 -14.35 -20.98 24.78
C VAL B 151 -15.32 -22.13 24.60
N ALA B 152 -16.59 -21.87 24.86
CA ALA B 152 -17.66 -22.83 24.57
C ALA B 152 -17.57 -23.43 23.13
N GLY B 153 -17.07 -22.62 22.21
CA GLY B 153 -17.08 -22.96 20.82
C GLY B 153 -16.11 -24.03 20.45
N VAL B 154 -15.21 -24.38 21.39
CA VAL B 154 -14.24 -25.49 21.18
C VAL B 154 -14.35 -26.58 22.25
N LEU B 155 -15.27 -26.42 23.21
CA LEU B 155 -15.42 -27.34 24.32
C LEU B 155 -16.74 -28.12 24.24
N GLY B 156 -16.88 -29.20 25.00
CA GLY B 156 -18.13 -29.93 25.09
C GLY B 156 -18.71 -29.82 26.49
N LEU B 157 -19.43 -28.72 26.76
CA LEU B 157 -19.92 -28.41 28.09
C LEU B 157 -21.38 -28.80 28.30
N GLN B 158 -21.65 -29.50 29.40
CA GLN B 158 -22.99 -29.96 29.69
C GLN B 158 -24.01 -28.83 29.47
N ALA B 159 -25.13 -29.14 28.79
CA ALA B 159 -26.29 -28.22 28.60
C ALA B 159 -25.95 -26.87 27.97
N HIS B 160 -24.92 -26.87 27.10
CA HIS B 160 -24.52 -25.66 26.39
C HIS B 160 -24.74 -25.84 24.92
N ASP B 161 -25.58 -26.82 24.56
CA ASP B 161 -25.72 -27.28 23.18
C ASP B 161 -25.83 -26.17 22.14
N THR B 162 -26.78 -25.25 22.33
CA THR B 162 -26.99 -24.21 21.33
C THR B 162 -25.97 -23.08 21.45
N TYR B 163 -25.74 -22.60 22.67
CA TYR B 163 -24.78 -21.53 22.88
C TYR B 163 -23.46 -21.86 22.20
N SER B 164 -22.85 -22.97 22.61
CA SER B 164 -21.59 -23.43 22.05
C SER B 164 -21.62 -23.53 20.52
N ALA B 165 -22.66 -24.15 19.96
CA ALA B 165 -22.83 -24.25 18.51
C ALA B 165 -22.90 -22.88 17.83
N ALA B 166 -23.66 -21.97 18.43
CA ALA B 166 -23.77 -20.63 17.90
C ALA B 166 -22.41 -19.94 17.88
N LYS B 167 -21.66 -20.01 18.99
CA LYS B 167 -20.38 -19.32 19.10
C LYS B 167 -19.30 -19.95 18.20
N ALA B 168 -19.47 -21.24 17.91
CA ALA B 168 -18.61 -21.94 16.93
C ALA B 168 -18.96 -21.40 15.57
N ALA B 169 -20.23 -21.05 15.37
CA ALA B 169 -20.70 -20.40 14.14
C ALA B 169 -20.01 -19.04 13.98
N VAL B 170 -20.00 -18.26 15.05
CA VAL B 170 -19.38 -16.94 15.06
C VAL B 170 -17.91 -16.96 14.73
N ARG B 171 -17.17 -17.96 15.23
CA ARG B 171 -15.74 -18.08 14.90
C ARG B 171 -15.52 -18.33 13.40
N SER B 172 -16.37 -19.17 12.82
CA SER B 172 -16.35 -19.48 11.39
C SER B 172 -16.50 -18.20 10.54
N LEU B 173 -17.50 -17.37 10.90
CA LEU B 173 -17.77 -16.11 10.21
C LEU B 173 -16.56 -15.17 10.09
N ALA B 174 -15.71 -15.14 11.12
CA ALA B 174 -14.43 -14.40 11.08
C ALA B 174 -13.49 -14.94 10.02
N ARG B 175 -13.54 -16.24 9.74
CA ARG B 175 -12.71 -16.82 8.68
C ARG B 175 -13.23 -16.46 7.31
N THR B 176 -14.54 -16.67 7.10
CA THR B 176 -15.22 -16.34 5.84
C THR B 176 -15.07 -14.84 5.52
N TRP B 177 -15.34 -13.96 6.49
CA TRP B 177 -15.28 -12.50 6.26
C TRP B 177 -13.88 -11.97 6.09
N THR B 178 -12.90 -12.73 6.54
CA THR B 178 -11.54 -12.38 6.25
C THR B 178 -11.30 -12.47 4.74
N THR B 179 -11.81 -13.53 4.11
CA THR B 179 -11.74 -13.67 2.65
C THR B 179 -12.64 -12.68 1.91
N GLU B 180 -13.84 -12.48 2.39
CA GLU B 180 -14.76 -11.57 1.70
C GLU B 180 -14.40 -10.08 1.83
N LEU B 181 -13.73 -9.69 2.91
CA LEU B 181 -13.39 -8.28 3.08
C LEU B 181 -11.91 -7.93 2.82
N LYS B 182 -11.12 -8.91 2.43
CA LYS B 182 -9.70 -8.67 2.25
C LYS B 182 -9.43 -7.57 1.24
N GLY B 183 -10.24 -7.54 0.18
CA GLY B 183 -10.15 -6.50 -0.83
C GLY B 183 -10.16 -5.10 -0.25
N ARG B 184 -10.91 -4.87 0.84
CA ARG B 184 -10.98 -3.57 1.49
C ARG B 184 -9.99 -3.42 2.66
N SER B 185 -9.12 -4.42 2.83
CA SER B 185 -8.15 -4.43 3.91
C SER B 185 -8.81 -4.32 5.27
N ILE B 186 -10.01 -4.88 5.39
CA ILE B 186 -10.70 -4.92 6.67
C ILE B 186 -10.29 -6.24 7.36
N ARG B 187 -9.77 -6.11 8.58
CA ARG B 187 -9.43 -7.26 9.39
C ARG B 187 -10.64 -7.69 10.25
N VAL B 188 -10.93 -9.00 10.19
CA VAL B 188 -11.98 -9.61 11.01
C VAL B 188 -11.40 -10.74 11.88
N ASN B 189 -11.55 -10.56 13.21
CA ASN B 189 -11.02 -11.50 14.19
C ASN B 189 -12.05 -11.87 15.28
N ALA B 190 -11.97 -13.14 15.71
CA ALA B 190 -12.80 -13.63 16.80
C ALA B 190 -12.02 -13.55 18.10
N VAL B 191 -12.67 -13.03 19.14
CA VAL B 191 -12.17 -13.14 20.51
C VAL B 191 -13.01 -14.19 21.22
N SER B 192 -12.38 -15.21 21.79
CA SER B 192 -13.07 -16.21 22.58
C SER B 192 -12.67 -16.10 24.06
N PRO B 193 -13.56 -15.46 24.90
CA PRO B 193 -13.33 -15.39 26.36
C PRO B 193 -13.63 -16.69 27.10
N GLY B 194 -12.88 -16.97 28.15
CA GLY B 194 -13.27 -18.01 29.09
C GLY B 194 -14.21 -17.43 30.12
N ALA B 195 -14.02 -17.79 31.38
CA ALA B 195 -14.76 -17.19 32.49
C ALA B 195 -14.32 -15.76 32.71
N ILE B 196 -15.25 -14.84 32.50
CA ILE B 196 -15.01 -13.43 32.77
C ILE B 196 -16.06 -12.92 33.74
N ASP B 197 -15.61 -12.18 34.75
CA ASP B 197 -16.49 -11.70 35.82
C ASP B 197 -17.50 -10.64 35.32
N THR B 198 -18.62 -11.10 34.77
CA THR B 198 -19.64 -10.23 34.15
C THR B 198 -21.04 -10.76 34.49
N PRO B 199 -22.09 -9.93 34.29
CA PRO B 199 -23.50 -10.35 34.55
C PRO B 199 -23.98 -11.66 33.88
N ILE B 200 -23.35 -12.08 32.77
CA ILE B 200 -23.76 -13.32 32.05
C ILE B 200 -23.71 -14.61 32.89
N ILE B 201 -22.82 -14.60 33.90
CA ILE B 201 -22.66 -15.69 34.86
C ILE B 201 -23.82 -15.65 35.86
N GLU B 202 -24.04 -14.49 36.45
CA GLU B 202 -25.09 -14.30 37.47
C GLU B 202 -26.50 -14.53 36.90
N ASN B 203 -26.72 -14.05 35.67
CA ASN B 203 -28.04 -14.08 35.05
C ASN B 203 -28.49 -15.46 34.57
N GLN B 204 -27.64 -16.48 34.70
CA GLN B 204 -28.02 -17.84 34.27
C GLN B 204 -28.31 -18.78 35.44
N VAL B 205 -27.72 -18.50 36.59
CA VAL B 205 -28.06 -19.25 37.82
C VAL B 205 -29.40 -18.79 38.40
N SER B 206 -29.96 -19.58 39.31
CA SER B 206 -31.22 -19.22 39.94
C SER B 206 -31.00 -18.61 41.33
N THR B 207 -29.81 -18.84 41.90
CA THR B 207 -29.48 -18.40 43.25
C THR B 207 -28.07 -17.81 43.35
N GLN B 208 -27.92 -16.78 44.19
CA GLN B 208 -26.65 -16.08 44.40
C GLN B 208 -25.59 -16.96 45.06
N GLU B 209 -26.06 -18.05 45.67
CA GLU B 209 -25.19 -19.06 46.27
C GLU B 209 -24.51 -19.87 45.18
N GLU B 210 -25.29 -20.34 44.21
CA GLU B 210 -24.79 -21.11 43.05
C GLU B 210 -23.67 -20.39 42.31
N ALA B 211 -23.83 -19.07 42.16
CA ALA B 211 -22.89 -18.22 41.42
C ALA B 211 -21.48 -18.16 42.06
N ASP B 212 -21.42 -18.25 43.38
CA ASP B 212 -20.15 -18.33 44.10
C ASP B 212 -19.40 -19.62 43.76
N GLU B 213 -20.17 -20.67 43.45
CA GLU B 213 -19.63 -22.00 43.20
C GLU B 213 -19.25 -22.22 41.73
N LEU B 214 -20.03 -21.63 40.82
CA LEU B 214 -19.74 -21.69 39.38
C LEU B 214 -18.45 -20.92 39.07
N ARG B 215 -18.19 -19.87 39.86
CA ARG B 215 -16.96 -19.08 39.74
C ARG B 215 -15.73 -19.79 40.29
N ALA B 216 -15.90 -20.48 41.42
CA ALA B 216 -14.81 -21.25 42.01
C ALA B 216 -14.48 -22.49 41.19
N LYS B 217 -15.47 -22.99 40.44
CA LYS B 217 -15.29 -24.16 39.58
C LYS B 217 -14.43 -23.82 38.36
N PHE B 218 -14.72 -22.66 37.76
CA PHE B 218 -14.00 -22.17 36.59
C PHE B 218 -12.57 -21.78 36.92
N ALA B 219 -12.40 -21.17 38.09
CA ALA B 219 -11.08 -20.83 38.61
C ALA B 219 -10.17 -22.04 38.75
N ALA B 220 -10.73 -23.17 39.19
CA ALA B 220 -9.98 -24.40 39.41
C ALA B 220 -9.52 -24.98 38.09
N ALA B 221 -10.37 -24.84 37.07
CA ALA B 221 -10.10 -25.39 35.74
C ALA B 221 -9.06 -24.57 34.92
N THR B 222 -8.79 -23.36 35.39
CA THR B 222 -8.02 -22.37 34.65
C THR B 222 -6.60 -22.21 35.19
N PRO B 223 -5.59 -22.51 34.36
CA PRO B 223 -4.20 -22.39 34.79
C PRO B 223 -3.87 -21.15 35.60
N LEU B 224 -4.45 -20.00 35.24
CA LEU B 224 -4.18 -18.76 35.97
C LEU B 224 -4.95 -18.66 37.29
N GLY B 225 -5.68 -19.71 37.61
CA GLY B 225 -6.35 -19.86 38.90
C GLY B 225 -7.35 -18.79 39.30
N ARG B 226 -8.03 -18.17 38.33
CA ARG B 226 -8.99 -17.07 38.60
C ARG B 226 -9.89 -16.78 37.42
N VAL B 227 -11.09 -16.27 37.68
CA VAL B 227 -11.90 -15.71 36.58
C VAL B 227 -11.24 -14.45 36.06
N GLY B 228 -11.53 -14.09 34.82
CA GLY B 228 -10.93 -12.89 34.22
C GLY B 228 -11.71 -11.65 34.60
N ARG B 229 -11.03 -10.51 34.63
CA ARG B 229 -11.71 -9.22 34.83
C ARG B 229 -12.13 -8.68 33.46
N PRO B 230 -13.33 -8.06 33.38
CA PRO B 230 -13.80 -7.44 32.13
C PRO B 230 -12.75 -6.52 31.50
N GLU B 231 -12.02 -5.79 32.34
CA GLU B 231 -10.90 -4.93 31.91
C GLU B 231 -9.93 -5.70 31.00
N GLU B 232 -9.71 -6.97 31.33
CA GLU B 232 -8.74 -7.81 30.62
C GLU B 232 -9.26 -8.30 29.28
N LEU B 233 -10.56 -8.53 29.16
CA LEU B 233 -11.12 -8.82 27.84
C LEU B 233 -11.07 -7.57 26.96
N ALA B 234 -11.41 -6.42 27.52
CA ALA B 234 -11.33 -5.17 26.78
C ALA B 234 -9.93 -4.91 26.25
N ALA B 235 -8.90 -5.15 27.05
CA ALA B 235 -7.52 -4.98 26.59
C ALA B 235 -7.19 -5.91 25.39
N ALA B 236 -7.62 -7.17 25.45
CA ALA B 236 -7.48 -8.08 24.33
C ALA B 236 -8.22 -7.61 23.07
N VAL B 237 -9.43 -7.10 23.25
CA VAL B 237 -10.20 -6.54 22.14
C VAL B 237 -9.46 -5.30 21.57
N LEU B 238 -8.95 -4.46 22.45
CA LEU B 238 -8.19 -3.26 22.03
C LEU B 238 -7.05 -3.66 21.12
N PHE B 239 -6.36 -4.75 21.45
CA PHE B 239 -5.25 -5.20 20.63
C PHE B 239 -5.73 -5.43 19.20
N LEU B 240 -6.86 -6.12 19.09
CA LEU B 240 -7.44 -6.44 17.79
C LEU B 240 -7.95 -5.19 17.10
N ALA B 241 -8.48 -4.24 17.88
CA ALA B 241 -8.98 -2.96 17.36
C ALA B 241 -7.85 -2.05 16.87
N SER B 242 -6.67 -2.17 17.47
CA SER B 242 -5.55 -1.22 17.26
C SER B 242 -4.62 -1.64 16.11
N ASP B 243 -3.64 -0.78 15.82
CA ASP B 243 -2.72 -1.01 14.72
C ASP B 243 -1.73 -2.14 15.04
N ASP B 244 -1.63 -2.46 16.33
CA ASP B 244 -0.73 -3.48 16.81
C ASP B 244 -1.05 -4.81 16.14
N SER B 245 -2.32 -5.06 15.85
CA SER B 245 -2.77 -6.32 15.24
C SER B 245 -2.90 -6.22 13.70
N SER B 246 -2.18 -5.26 13.12
CA SER B 246 -2.34 -4.94 11.69
C SER B 246 -2.05 -6.11 10.76
N TYR B 247 -1.30 -7.09 11.23
CA TYR B 247 -1.04 -8.27 10.43
C TYR B 247 -1.69 -9.51 11.03
N VAL B 248 -2.70 -9.27 11.88
CA VAL B 248 -3.47 -10.33 12.49
C VAL B 248 -4.85 -10.43 11.88
N ALA B 249 -5.15 -11.54 11.21
CA ALA B 249 -6.40 -11.67 10.49
C ALA B 249 -7.06 -13.03 10.67
N GLY B 250 -8.37 -13.01 10.97
CA GLY B 250 -9.21 -14.22 10.96
C GLY B 250 -9.00 -15.21 12.10
N ILE B 251 -8.36 -14.75 13.18
CA ILE B 251 -7.95 -15.62 14.25
C ILE B 251 -9.02 -15.79 15.34
N GLU B 252 -8.76 -16.78 16.20
CA GLU B 252 -9.50 -16.97 17.42
C GLU B 252 -8.54 -16.72 18.59
N LEU B 253 -8.70 -15.54 19.21
CA LEU B 253 -7.85 -15.12 20.31
C LEU B 253 -8.50 -15.55 21.59
N PHE B 254 -7.94 -16.57 22.23
CA PHE B 254 -8.49 -17.12 23.46
C PHE B 254 -8.01 -16.29 24.63
N VAL B 255 -8.96 -15.70 25.36
CA VAL B 255 -8.66 -14.90 26.54
C VAL B 255 -9.35 -15.64 27.66
N ASP B 256 -8.69 -16.68 28.15
CA ASP B 256 -9.32 -17.64 29.07
C ASP B 256 -8.39 -18.12 30.20
N GLY B 257 -7.29 -17.39 30.42
CA GLY B 257 -6.25 -17.81 31.38
C GLY B 257 -5.64 -19.20 31.12
N GLY B 258 -5.78 -19.76 29.92
CA GLY B 258 -5.15 -21.02 29.59
C GLY B 258 -6.09 -22.20 29.55
N LEU B 259 -7.38 -21.92 29.82
CA LEU B 259 -8.40 -22.97 29.99
C LEU B 259 -8.45 -23.94 28.89
N THR B 260 -8.46 -23.46 27.65
CA THR B 260 -8.57 -24.34 26.48
C THR B 260 -7.21 -24.71 25.92
N GLN B 261 -6.14 -24.22 26.50
CA GLN B 261 -4.83 -24.37 25.91
C GLN B 261 -3.99 -25.50 26.50
N VAL B 262 -4.39 -26.04 27.64
CA VAL B 262 -3.61 -27.06 28.31
C VAL B 262 -4.38 -28.36 28.48
N ALA C 14 -13.35 -60.50 4.41
CA ALA C 14 -13.05 -60.49 5.87
C ALA C 14 -11.67 -59.90 6.14
N TYR C 15 -10.79 -60.04 5.14
CA TYR C 15 -9.37 -59.73 5.28
C TYR C 15 -9.04 -58.40 4.62
N ARG C 16 -8.96 -57.35 5.44
CA ARG C 16 -8.83 -55.96 4.95
C ARG C 16 -7.40 -55.54 4.62
N LEU C 17 -6.44 -56.42 4.93
CA LEU C 17 -5.04 -56.16 4.59
C LEU C 17 -4.39 -57.39 3.94
N LEU C 18 -5.19 -58.13 3.19
CA LEU C 18 -4.78 -59.39 2.57
C LEU C 18 -3.53 -59.23 1.68
N ASN C 19 -2.46 -59.94 2.07
CA ASN C 19 -1.18 -59.96 1.35
C ASN C 19 -0.39 -58.66 1.36
N LYS C 20 -0.85 -57.69 2.14
CA LYS C 20 -0.12 -56.44 2.28
C LYS C 20 1.00 -56.69 3.27
N THR C 21 2.16 -56.09 3.02
CA THR C 21 3.30 -56.22 3.91
C THR C 21 3.37 -54.98 4.80
N ALA C 22 3.48 -55.20 6.10
CA ALA C 22 3.54 -54.11 7.08
C ALA C 22 4.78 -54.17 7.98
N VAL C 23 5.32 -53.00 8.31
CA VAL C 23 6.43 -52.87 9.24
C VAL C 23 5.99 -52.01 10.45
N ILE C 24 6.17 -52.55 11.65
CA ILE C 24 5.78 -51.86 12.88
C ILE C 24 6.96 -51.77 13.83
N THR C 25 7.56 -50.59 13.94
CA THR C 25 8.54 -50.36 14.99
C THR C 25 7.78 -50.30 16.32
N GLY C 26 8.42 -50.78 17.38
CA GLY C 26 7.79 -50.86 18.70
C GLY C 26 6.77 -51.96 18.73
N GLY C 27 7.06 -53.04 18.02
CA GLY C 27 6.08 -54.11 17.78
C GLY C 27 6.07 -55.27 18.76
N ASN C 28 6.94 -55.24 19.77
CA ASN C 28 7.03 -56.36 20.72
C ASN C 28 6.24 -56.09 21.99
N SER C 29 5.53 -54.97 22.01
CA SER C 29 4.88 -54.50 23.22
C SER C 29 3.63 -53.67 22.95
N GLY C 30 2.74 -53.65 23.95
CA GLY C 30 1.57 -52.79 24.00
C GLY C 30 0.83 -52.53 22.69
N ILE C 31 0.88 -51.29 22.23
CA ILE C 31 0.19 -50.87 21.02
C ILE C 31 0.77 -51.54 19.79
N GLY C 32 2.09 -51.50 19.64
CA GLY C 32 2.75 -52.12 18.49
C GLY C 32 2.33 -53.58 18.29
N LEU C 33 2.31 -54.34 19.39
CA LEU C 33 2.00 -55.75 19.33
C LEU C 33 0.51 -56.03 19.01
N ALA C 34 -0.38 -55.29 19.65
CA ALA C 34 -1.82 -55.44 19.44
C ALA C 34 -2.21 -55.18 17.99
N THR C 35 -1.47 -54.25 17.38
CA THR C 35 -1.65 -53.86 16.00
C THR C 35 -1.13 -54.98 15.11
N ALA C 36 0.03 -55.51 15.48
CA ALA C 36 0.60 -56.65 14.76
C ALA C 36 -0.39 -57.81 14.70
N LYS C 37 -0.94 -58.18 15.87
CA LYS C 37 -1.98 -59.20 15.91
C LYS C 37 -3.10 -58.90 14.94
N ARG C 38 -3.76 -57.74 15.12
CA ARG C 38 -4.88 -57.34 14.28
C ARG C 38 -4.53 -57.34 12.79
N PHE C 39 -3.34 -56.85 12.48
CA PHE C 39 -2.85 -56.85 11.12
C PHE C 39 -2.81 -58.26 10.53
N VAL C 40 -2.21 -59.20 11.25
CA VAL C 40 -2.11 -60.59 10.80
C VAL C 40 -3.50 -61.22 10.67
N ALA C 41 -4.36 -60.94 11.64
CA ALA C 41 -5.75 -61.34 11.59
C ALA C 41 -6.43 -60.89 10.29
N GLU C 42 -6.03 -59.73 9.79
CA GLU C 42 -6.60 -59.15 8.58
C GLU C 42 -5.79 -59.56 7.34
N GLY C 43 -4.93 -60.56 7.51
CA GLY C 43 -4.16 -61.17 6.42
C GLY C 43 -2.88 -60.48 5.96
N ALA C 44 -2.29 -59.64 6.82
CA ALA C 44 -1.04 -58.98 6.46
C ALA C 44 0.16 -59.84 6.86
N TYR C 45 1.31 -59.54 6.27
CA TYR C 45 2.57 -60.05 6.75
C TYR C 45 3.25 -58.93 7.51
N VAL C 46 3.66 -59.24 8.74
CA VAL C 46 4.11 -58.22 9.69
C VAL C 46 5.57 -58.39 10.12
N PHE C 47 6.35 -57.33 9.92
CA PHE C 47 7.63 -57.19 10.60
C PHE C 47 7.45 -56.43 11.93
N ILE C 48 7.75 -57.09 13.04
CA ILE C 48 7.85 -56.39 14.32
C ILE C 48 9.30 -56.08 14.64
N VAL C 49 9.51 -54.89 15.19
CA VAL C 49 10.83 -54.29 15.33
C VAL C 49 10.95 -53.66 16.72
N GLY C 50 12.12 -53.86 17.35
CA GLY C 50 12.34 -53.44 18.72
C GLY C 50 13.74 -53.84 19.14
N ARG C 51 14.12 -53.46 20.35
CA ARG C 51 15.49 -53.71 20.83
C ARG C 51 15.63 -55.03 21.58
N ARG C 52 14.64 -55.36 22.41
CA ARG C 52 14.72 -56.52 23.29
C ARG C 52 14.38 -57.82 22.55
N ARG C 53 15.37 -58.71 22.48
CA ARG C 53 15.27 -59.97 21.74
C ARG C 53 14.30 -60.97 22.36
N LYS C 54 14.32 -61.05 23.69
CA LYS C 54 13.42 -61.92 24.43
C LYS C 54 11.96 -61.61 24.04
N GLU C 55 11.58 -60.34 24.17
CA GLU C 55 10.21 -59.89 23.94
C GLU C 55 9.80 -60.01 22.49
N LEU C 56 10.72 -59.67 21.59
CA LEU C 56 10.50 -59.89 20.16
C LEU C 56 10.09 -61.33 19.88
N GLU C 57 10.87 -62.28 20.39
CA GLU C 57 10.61 -63.71 20.20
C GLU C 57 9.28 -64.15 20.81
N GLN C 58 8.94 -63.61 21.99
CA GLN C 58 7.65 -63.87 22.63
C GLN C 58 6.48 -63.29 21.83
N ALA C 59 6.65 -62.05 21.35
CA ALA C 59 5.64 -61.38 20.55
C ALA C 59 5.36 -62.16 19.27
N ALA C 60 6.43 -62.55 18.57
CA ALA C 60 6.31 -63.37 17.36
C ALA C 60 5.59 -64.69 17.66
N ALA C 61 5.91 -65.30 18.79
CA ALA C 61 5.23 -66.51 19.23
C ALA C 61 3.73 -66.25 19.41
N GLU C 62 3.39 -65.19 20.14
CA GLU C 62 1.98 -64.81 20.40
C GLU C 62 1.20 -64.53 19.12
N ILE C 63 1.78 -63.71 18.25
CA ILE C 63 1.22 -63.44 16.94
C ILE C 63 0.95 -64.76 16.20
N GLY C 64 1.94 -65.65 16.18
CA GLY C 64 1.76 -66.99 15.62
C GLY C 64 2.21 -67.19 14.19
N ARG C 65 1.53 -66.55 13.25
CA ARG C 65 1.82 -66.73 11.81
C ARG C 65 2.20 -65.43 11.08
N ASN C 66 2.72 -65.56 9.87
CA ASN C 66 3.04 -64.42 8.99
C ASN C 66 3.81 -63.26 9.66
N VAL C 67 4.77 -63.59 10.52
CA VAL C 67 5.49 -62.57 11.27
C VAL C 67 7.00 -62.80 11.24
N THR C 68 7.74 -61.71 11.14
CA THR C 68 9.19 -61.74 11.29
C THR C 68 9.61 -60.71 12.33
N ALA C 69 10.36 -61.16 13.32
CA ALA C 69 10.90 -60.29 14.34
C ALA C 69 12.25 -59.77 13.88
N VAL C 70 12.47 -58.48 14.05
CA VAL C 70 13.74 -57.89 13.67
C VAL C 70 14.23 -57.04 14.85
N LYS C 71 15.44 -57.35 15.31
CA LYS C 71 16.07 -56.55 16.35
C LYS C 71 16.66 -55.28 15.72
N ALA C 72 16.24 -54.13 16.22
CA ALA C 72 16.76 -52.85 15.74
C ALA C 72 16.52 -51.75 16.76
N ASP C 73 17.46 -50.82 16.81
CA ASP C 73 17.31 -49.61 17.59
C ASP C 73 17.15 -48.47 16.60
N VAL C 74 15.98 -47.83 16.63
CA VAL C 74 15.62 -46.81 15.65
C VAL C 74 16.53 -45.57 15.71
N THR C 75 17.22 -45.39 16.83
CA THR C 75 18.18 -44.29 16.98
C THR C 75 19.53 -44.63 16.34
N LYS C 76 19.67 -45.87 15.87
CA LYS C 76 20.89 -46.31 15.17
C LYS C 76 20.67 -46.51 13.67
N LEU C 77 21.21 -45.60 12.87
CA LEU C 77 20.99 -45.62 11.43
C LEU C 77 21.30 -46.99 10.83
N GLU C 78 22.41 -47.59 11.26
CA GLU C 78 22.84 -48.89 10.75
C GLU C 78 21.85 -50.01 11.08
N ASP C 79 21.18 -49.92 12.24
CA ASP C 79 20.10 -50.86 12.57
C ASP C 79 18.92 -50.75 11.61
N LEU C 80 18.61 -49.53 11.18
CA LEU C 80 17.53 -49.28 10.23
C LEU C 80 17.84 -49.83 8.85
N ASP C 81 19.07 -49.58 8.38
CA ASP C 81 19.58 -50.12 7.12
C ASP C 81 19.49 -51.64 7.11
N ARG C 82 19.92 -52.26 8.19
CA ARG C 82 19.83 -53.69 8.35
C ARG C 82 18.37 -54.14 8.32
N LEU C 83 17.51 -53.44 9.05
CA LEU C 83 16.07 -53.73 9.06
C LEU C 83 15.54 -53.79 7.63
N TYR C 84 15.78 -52.75 6.87
CA TYR C 84 15.21 -52.64 5.54
C TYR C 84 15.85 -53.57 4.51
N ALA C 85 17.07 -54.01 4.78
CA ALA C 85 17.69 -55.05 3.99
C ALA C 85 16.90 -56.35 4.16
N ILE C 86 16.68 -56.75 5.42
CA ILE C 86 15.89 -57.94 5.74
C ILE C 86 14.50 -57.87 5.11
N VAL C 87 13.77 -56.79 5.41
CA VAL C 87 12.46 -56.53 4.83
C VAL C 87 12.51 -56.80 3.33
N ARG C 88 13.46 -56.14 2.65
CA ARG C 88 13.61 -56.30 1.22
C ARG C 88 13.82 -57.75 0.77
N GLU C 89 14.74 -58.45 1.42
CA GLU C 89 15.01 -59.85 1.07
C GLU C 89 13.75 -60.71 1.24
N GLN C 90 13.14 -60.61 2.42
CA GLN C 90 11.98 -61.45 2.75
C GLN C 90 10.70 -61.15 1.97
N ARG C 91 10.34 -59.87 1.81
CA ARG C 91 9.05 -59.51 1.19
C ARG C 91 9.15 -58.50 0.06
N GLY C 92 10.25 -57.77 0.00
CA GLY C 92 10.50 -56.89 -1.16
C GLY C 92 9.91 -55.49 -1.15
N SER C 93 8.76 -55.31 -0.51
CA SER C 93 8.15 -53.99 -0.47
C SER C 93 7.28 -53.79 0.78
N ILE C 94 6.92 -52.55 1.04
CA ILE C 94 6.13 -52.20 2.22
C ILE C 94 4.85 -51.52 1.81
N ASP C 95 3.73 -52.02 2.29
CA ASP C 95 2.42 -51.41 2.05
C ASP C 95 2.01 -50.52 3.21
N VAL C 96 2.30 -50.97 4.43
CA VAL C 96 1.96 -50.23 5.62
C VAL C 96 3.16 -50.10 6.55
N LEU C 97 3.55 -48.85 6.84
CA LEU C 97 4.57 -48.56 7.83
C LEU C 97 3.88 -47.90 9.02
N PHE C 98 4.05 -48.51 10.18
CA PHE C 98 3.57 -47.95 11.42
C PHE C 98 4.76 -47.55 12.32
N ALA C 99 5.21 -46.31 12.15
CA ALA C 99 6.36 -45.78 12.91
C ALA C 99 5.92 -45.47 14.34
N ASN C 100 6.01 -46.49 15.19
CA ASN C 100 5.32 -46.46 16.46
C ASN C 100 6.22 -46.42 17.69
N SER C 101 7.44 -46.96 17.60
CA SER C 101 8.39 -46.93 18.69
C SER C 101 8.54 -45.51 19.24
N GLY C 102 8.49 -45.41 20.57
CA GLY C 102 8.62 -44.14 21.27
C GLY C 102 8.63 -44.39 22.76
N ALA C 103 8.99 -43.37 23.54
CA ALA C 103 9.22 -43.52 24.97
C ALA C 103 9.04 -42.20 25.72
N ILE C 104 8.59 -42.30 26.97
CA ILE C 104 8.39 -41.12 27.86
C ILE C 104 9.18 -41.17 29.18
N GLU C 105 9.77 -40.03 29.54
CA GLU C 105 10.38 -39.88 30.84
C GLU C 105 9.91 -38.54 31.42
N GLN C 106 9.28 -38.58 32.59
CA GLN C 106 8.73 -37.37 33.21
C GLN C 106 9.83 -36.54 33.87
N LYS C 107 9.97 -35.30 33.42
CA LYS C 107 10.84 -34.29 34.02
C LYS C 107 10.23 -32.91 33.77
N THR C 108 10.22 -32.05 34.79
CA THR C 108 9.71 -30.70 34.65
C THR C 108 10.78 -29.82 34.02
N LEU C 109 10.43 -28.61 33.62
CA LEU C 109 11.39 -27.68 33.00
C LEU C 109 12.68 -27.55 33.82
N GLU C 110 12.54 -27.29 35.12
CA GLU C 110 13.67 -27.19 36.05
C GLU C 110 14.57 -28.41 35.99
N GLU C 111 13.96 -29.60 35.94
CA GLU C 111 14.67 -30.87 36.00
C GLU C 111 15.38 -31.28 34.68
N ILE C 112 15.10 -30.58 33.60
CA ILE C 112 15.52 -31.07 32.30
C ILE C 112 17.04 -31.03 32.16
N THR C 113 17.61 -32.18 31.86
CA THR C 113 19.03 -32.27 31.57
C THR C 113 19.18 -32.44 30.07
N PRO C 114 20.39 -32.20 29.51
CA PRO C 114 20.61 -32.47 28.09
C PRO C 114 20.44 -33.94 27.71
N GLU C 115 20.78 -34.84 28.63
CA GLU C 115 20.73 -36.27 28.34
C GLU C 115 19.28 -36.67 28.20
N HIS C 116 18.44 -36.20 29.14
CA HIS C 116 16.99 -36.43 29.10
C HIS C 116 16.41 -35.94 27.82
N TYR C 117 16.74 -34.71 27.43
CA TYR C 117 16.27 -34.13 26.19
C TYR C 117 16.61 -35.02 25.00
N ASP C 118 17.88 -35.39 24.88
CA ASP C 118 18.36 -36.24 23.76
C ASP C 118 17.72 -37.64 23.74
N ARG C 119 17.52 -38.24 24.92
CA ARG C 119 16.82 -39.51 24.98
C ARG C 119 15.42 -39.41 24.36
N THR C 120 14.66 -38.39 24.77
CA THR C 120 13.29 -38.21 24.28
C THR C 120 13.27 -37.93 22.77
N PHE C 121 14.04 -36.94 22.35
CA PHE C 121 13.96 -36.56 20.96
C PHE C 121 14.60 -37.55 19.96
N ASP C 122 15.57 -38.35 20.43
CA ASP C 122 16.22 -39.34 19.59
C ASP C 122 15.26 -40.45 19.20
N VAL C 123 14.52 -40.98 20.17
CA VAL C 123 13.59 -42.06 19.88
C VAL C 123 12.27 -41.57 19.28
N ASN C 124 11.73 -40.50 19.85
CA ASN C 124 10.38 -40.04 19.47
C ASN C 124 10.33 -39.29 18.15
N VAL C 125 11.39 -38.57 17.84
CA VAL C 125 11.42 -37.69 16.68
C VAL C 125 12.49 -38.10 15.68
N ARG C 126 13.76 -38.14 16.13
CA ARG C 126 14.90 -38.45 15.28
C ARG C 126 14.77 -39.86 14.69
N GLY C 127 14.59 -40.84 15.58
CA GLY C 127 14.45 -42.23 15.17
C GLY C 127 13.34 -42.42 14.15
N LEU C 128 12.21 -41.77 14.41
CA LEU C 128 11.03 -41.82 13.54
C LEU C 128 11.34 -41.24 12.16
N ILE C 129 11.95 -40.06 12.12
CA ILE C 129 12.33 -39.43 10.87
C ILE C 129 13.14 -40.37 9.99
N PHE C 130 14.12 -41.05 10.58
CA PHE C 130 14.95 -41.95 9.81
C PHE C 130 14.28 -43.28 9.48
N THR C 131 13.45 -43.77 10.40
CA THR C 131 12.53 -44.88 10.11
C THR C 131 11.79 -44.66 8.78
N VAL C 132 11.17 -43.49 8.62
CA VAL C 132 10.34 -43.21 7.43
C VAL C 132 11.20 -42.93 6.19
N GLN C 133 12.31 -42.20 6.38
CA GLN C 133 13.20 -41.86 5.28
C GLN C 133 13.76 -43.11 4.59
N LYS C 134 14.17 -44.08 5.39
CA LYS C 134 14.81 -45.27 4.87
C LYS C 134 13.81 -46.32 4.39
N ALA C 135 12.53 -46.09 4.66
CA ALA C 135 11.49 -46.94 4.13
C ALA C 135 11.07 -46.51 2.73
N LEU C 136 11.36 -45.26 2.38
CA LEU C 136 10.93 -44.70 1.09
C LEU C 136 11.21 -45.52 -0.18
N PRO C 137 12.44 -46.11 -0.32
CA PRO C 137 12.73 -46.97 -1.48
C PRO C 137 11.83 -48.21 -1.55
N LEU C 138 11.42 -48.73 -0.41
CA LEU C 138 10.63 -49.96 -0.38
C LEU C 138 9.13 -49.70 -0.35
N LEU C 139 8.75 -48.48 0.00
CA LEU C 139 7.34 -48.10 0.14
C LEU C 139 6.65 -48.12 -1.20
N ARG C 140 5.55 -48.85 -1.26
CA ARG C 140 4.71 -48.95 -2.45
C ARG C 140 3.98 -47.65 -2.72
N ASP C 141 3.89 -47.27 -3.98
CA ASP C 141 2.95 -46.24 -4.37
C ASP C 141 1.55 -46.63 -3.88
N GLY C 142 0.78 -45.66 -3.42
CA GLY C 142 -0.54 -45.94 -2.82
C GLY C 142 -0.49 -46.49 -1.41
N GLY C 143 0.71 -46.53 -0.82
CA GLY C 143 0.90 -47.05 0.55
C GLY C 143 0.45 -46.11 1.66
N SER C 144 0.54 -46.60 2.89
CA SER C 144 0.09 -45.85 4.04
C SER C 144 1.08 -45.84 5.22
N VAL C 145 1.51 -44.65 5.62
CA VAL C 145 2.37 -44.46 6.78
C VAL C 145 1.55 -43.89 7.97
N ILE C 146 1.68 -44.53 9.13
CA ILE C 146 1.04 -44.04 10.35
C ILE C 146 2.06 -43.72 11.41
N LEU C 147 2.04 -42.49 11.87
CA LEU C 147 2.89 -42.03 12.96
C LEU C 147 2.12 -42.00 14.27
N THR C 148 2.76 -42.45 15.34
CA THR C 148 2.12 -42.43 16.65
C THR C 148 2.46 -41.15 17.41
N SER C 149 1.56 -40.16 17.37
CA SER C 149 1.73 -38.96 18.13
C SER C 149 1.24 -39.28 19.51
N SER C 150 0.57 -38.30 20.14
CA SER C 150 -0.03 -38.49 21.47
C SER C 150 -0.98 -37.36 21.80
N VAL C 151 -1.95 -37.60 22.67
CA VAL C 151 -2.75 -36.45 23.18
C VAL C 151 -1.89 -35.38 23.86
N ALA C 152 -0.76 -35.81 24.44
CA ALA C 152 0.25 -34.90 24.98
C ALA C 152 0.61 -33.76 24.04
N GLY C 153 0.54 -34.03 22.74
CA GLY C 153 0.98 -33.06 21.73
C GLY C 153 0.08 -31.85 21.57
N VAL C 154 -1.11 -31.90 22.18
CA VAL C 154 -2.01 -30.77 22.16
C VAL C 154 -2.36 -30.32 23.58
N LEU C 155 -1.80 -31.00 24.60
CA LEU C 155 -2.10 -30.67 26.02
C LEU C 155 -0.91 -30.08 26.74
N GLY C 156 -1.16 -29.47 27.90
CA GLY C 156 -0.11 -28.89 28.75
C GLY C 156 -0.04 -29.65 30.04
N LEU C 157 0.64 -30.81 30.01
CA LEU C 157 0.68 -31.74 31.14
C LEU C 157 1.95 -31.59 31.99
N GLN C 158 1.75 -31.46 33.31
CA GLN C 158 2.89 -31.31 34.22
C GLN C 158 4.04 -32.30 33.89
N ALA C 159 5.27 -31.80 33.82
CA ALA C 159 6.47 -32.64 33.64
C ALA C 159 6.46 -33.52 32.41
N HIS C 160 5.84 -33.06 31.35
CA HIS C 160 5.81 -33.80 30.10
C HIS C 160 6.50 -33.01 29.01
N ASP C 161 7.31 -32.05 29.44
CA ASP C 161 7.88 -31.03 28.57
C ASP C 161 8.43 -31.55 27.25
N THR C 162 9.35 -32.52 27.31
CA THR C 162 9.97 -33.00 26.08
C THR C 162 9.10 -34.00 25.34
N TYR C 163 8.51 -34.94 26.07
CA TYR C 163 7.61 -35.90 25.46
C TYR C 163 6.60 -35.18 24.59
N SER C 164 5.79 -34.33 25.19
CA SER C 164 4.74 -33.59 24.50
C SER C 164 5.26 -32.85 23.28
N ALA C 165 6.39 -32.14 23.43
CA ALA C 165 7.00 -31.41 22.33
C ALA C 165 7.41 -32.34 21.20
N ALA C 166 8.00 -33.46 21.54
CA ALA C 166 8.43 -34.44 20.56
C ALA C 166 7.24 -34.95 19.75
N LYS C 167 6.16 -35.33 20.44
CA LYS C 167 4.94 -35.84 19.79
C LYS C 167 4.21 -34.78 18.97
N ALA C 168 4.34 -33.53 19.36
CA ALA C 168 3.81 -32.45 18.57
C ALA C 168 4.66 -32.33 17.33
N ALA C 169 5.93 -32.66 17.45
CA ALA C 169 6.86 -32.67 16.30
C ALA C 169 6.39 -33.78 15.32
N VAL C 170 6.11 -34.97 15.86
CA VAL C 170 5.61 -36.09 15.08
C VAL C 170 4.32 -35.79 14.30
N ARG C 171 3.39 -35.07 14.92
CA ARG C 171 2.18 -34.70 14.20
C ARG C 171 2.50 -33.83 13.00
N SER C 172 3.41 -32.87 13.20
CA SER C 172 3.84 -31.96 12.12
C SER C 172 4.38 -32.72 10.91
N LEU C 173 5.27 -33.68 11.15
CA LEU C 173 5.85 -34.52 10.11
C LEU C 173 4.82 -35.18 9.20
N ALA C 174 3.69 -35.63 9.76
CA ALA C 174 2.59 -36.16 8.94
C ALA C 174 2.01 -35.13 7.97
N ARG C 175 2.01 -33.86 8.36
CA ARG C 175 1.55 -32.81 7.45
C ARG C 175 2.57 -32.62 6.34
N THR C 176 3.83 -32.42 6.72
CA THR C 176 4.91 -32.20 5.76
C THR C 176 5.03 -33.37 4.79
N TRP C 177 4.98 -34.60 5.29
CA TRP C 177 5.15 -35.77 4.44
C TRP C 177 3.97 -36.04 3.56
N THR C 178 2.83 -35.46 3.90
CA THR C 178 1.67 -35.58 3.05
C THR C 178 1.94 -34.83 1.77
N THR C 179 2.56 -33.65 1.89
CA THR C 179 2.97 -32.85 0.74
C THR C 179 4.15 -33.51 -0.01
N GLU C 180 5.15 -33.98 0.72
CA GLU C 180 6.33 -34.52 0.06
C GLU C 180 6.06 -35.86 -0.64
N LEU C 181 5.11 -36.64 -0.15
CA LEU C 181 4.85 -37.96 -0.74
C LEU C 181 3.58 -38.05 -1.60
N LYS C 182 2.89 -36.91 -1.78
CA LYS C 182 1.64 -36.94 -2.52
C LYS C 182 1.84 -37.46 -3.94
N GLY C 183 2.98 -37.11 -4.55
CA GLY C 183 3.33 -37.58 -5.88
C GLY C 183 3.25 -39.09 -6.04
N ARG C 184 3.59 -39.81 -4.98
CA ARG C 184 3.56 -41.28 -5.02
C ARG C 184 2.25 -41.84 -4.45
N SER C 185 1.29 -40.96 -4.17
CA SER C 185 0.00 -41.35 -3.58
C SER C 185 0.15 -42.10 -2.25
N ILE C 186 1.18 -41.76 -1.50
CA ILE C 186 1.39 -42.36 -0.18
C ILE C 186 0.69 -41.48 0.85
N ARG C 187 -0.20 -42.09 1.62
CA ARG C 187 -0.90 -41.38 2.68
C ARG C 187 -0.13 -41.46 3.97
N VAL C 188 0.07 -40.29 4.60
CA VAL C 188 0.71 -40.21 5.91
C VAL C 188 -0.24 -39.59 6.95
N ASN C 189 -0.52 -40.34 8.01
CA ASN C 189 -1.42 -39.86 9.07
C ASN C 189 -0.90 -40.12 10.49
N ALA C 190 -1.22 -39.19 11.39
CA ALA C 190 -0.82 -39.30 12.78
C ALA C 190 -1.99 -39.88 13.57
N VAL C 191 -1.70 -40.88 14.40
CA VAL C 191 -2.63 -41.35 15.40
C VAL C 191 -2.18 -40.83 16.78
N SER C 192 -3.06 -40.13 17.49
CA SER C 192 -2.76 -39.62 18.81
C SER C 192 -3.63 -40.32 19.84
N PRO C 193 -3.06 -41.31 20.55
CA PRO C 193 -3.75 -42.01 21.64
C PRO C 193 -3.82 -41.20 22.95
N GLY C 194 -4.91 -41.38 23.72
CA GLY C 194 -4.97 -40.90 25.08
C GLY C 194 -4.40 -41.95 25.99
N ALA C 195 -5.05 -42.16 27.12
CA ALA C 195 -4.69 -43.24 28.00
C ALA C 195 -5.05 -44.61 27.39
N ILE C 196 -4.03 -45.41 27.14
CA ILE C 196 -4.22 -46.76 26.66
C ILE C 196 -3.50 -47.74 27.58
N ASP C 197 -4.19 -48.81 27.94
CA ASP C 197 -3.69 -49.80 28.90
C ASP C 197 -2.50 -50.59 28.37
N THR C 198 -1.31 -50.01 28.50
CA THR C 198 -0.08 -50.60 27.97
C THR C 198 1.07 -50.40 28.96
N PRO C 199 2.19 -51.13 28.79
CA PRO C 199 3.39 -50.99 29.65
C PRO C 199 3.95 -49.56 29.86
N ILE C 200 3.71 -48.64 28.93
CA ILE C 200 4.24 -47.26 29.03
C ILE C 200 3.77 -46.50 30.26
N ILE C 201 2.59 -46.87 30.78
CA ILE C 201 2.02 -46.31 32.01
C ILE C 201 2.76 -46.87 33.23
N GLU C 202 2.87 -48.20 33.28
CA GLU C 202 3.53 -48.89 34.38
C GLU C 202 5.03 -48.55 34.48
N ASN C 203 5.69 -48.45 33.34
CA ASN C 203 7.14 -48.24 33.29
C ASN C 203 7.63 -46.83 33.66
N GLN C 204 6.70 -45.91 33.93
CA GLN C 204 7.08 -44.56 34.31
C GLN C 204 6.88 -44.26 35.80
N VAL C 205 5.95 -44.96 36.43
CA VAL C 205 5.77 -44.87 37.89
C VAL C 205 6.88 -45.65 38.62
N SER C 206 7.02 -45.41 39.92
CA SER C 206 8.01 -46.12 40.73
C SER C 206 7.38 -47.26 41.53
N THR C 207 6.06 -47.20 41.69
CA THR C 207 5.33 -48.18 42.50
C THR C 207 4.03 -48.63 41.83
N GLN C 208 3.69 -49.91 42.01
CA GLN C 208 2.48 -50.55 41.45
C GLN C 208 1.17 -49.95 42.02
N GLU C 209 1.30 -49.30 43.18
CA GLU C 209 0.20 -48.60 43.82
C GLU C 209 -0.13 -47.33 43.04
N GLU C 210 0.90 -46.54 42.73
CA GLU C 210 0.77 -45.31 41.94
C GLU C 210 0.02 -45.53 40.62
N ALA C 211 0.34 -46.64 39.96
CA ALA C 211 -0.21 -47.00 38.65
C ALA C 211 -1.73 -47.23 38.66
N ASP C 212 -2.25 -47.72 39.78
CA ASP C 212 -3.69 -47.89 39.98
C ASP C 212 -4.38 -46.52 40.02
N GLU C 213 -3.65 -45.51 40.47
CA GLU C 213 -4.19 -44.16 40.67
C GLU C 213 -4.05 -43.28 39.44
N LEU C 214 -2.96 -43.45 38.69
CA LEU C 214 -2.75 -42.74 37.42
C LEU C 214 -3.78 -43.19 36.38
N ARG C 215 -4.21 -44.46 36.46
CA ARG C 215 -5.25 -45.00 35.59
C ARG C 215 -6.65 -44.53 35.96
N ALA C 216 -6.93 -44.43 37.25
CA ALA C 216 -8.23 -43.92 37.72
C ALA C 216 -8.37 -42.41 37.48
N LYS C 217 -7.23 -41.70 37.42
CA LYS C 217 -7.20 -40.27 37.16
C LYS C 217 -7.56 -39.97 35.71
N PHE C 218 -6.97 -40.74 34.79
CA PHE C 218 -7.21 -40.61 33.35
C PHE C 218 -8.63 -41.00 32.98
N ALA C 219 -9.14 -42.04 33.61
CA ALA C 219 -10.53 -42.47 33.43
C ALA C 219 -11.54 -41.38 33.76
N ALA C 220 -11.26 -40.63 34.83
CA ALA C 220 -12.13 -39.56 35.31
C ALA C 220 -12.17 -38.42 34.31
N ALA C 221 -11.02 -38.17 33.68
CA ALA C 221 -10.86 -37.04 32.74
C ALA C 221 -11.44 -37.35 31.36
N THR C 222 -11.78 -38.62 31.12
CA THR C 222 -12.15 -39.07 29.77
C THR C 222 -13.62 -39.36 29.65
N PRO C 223 -14.35 -38.64 28.77
CA PRO C 223 -15.78 -38.83 28.60
C PRO C 223 -16.26 -40.27 28.63
N LEU C 224 -15.51 -41.17 28.00
CA LEU C 224 -15.90 -42.58 27.95
C LEU C 224 -15.64 -43.32 29.26
N GLY C 225 -15.16 -42.59 30.25
CA GLY C 225 -14.95 -43.11 31.62
C GLY C 225 -14.05 -44.33 31.82
N ARG C 226 -13.00 -44.45 31.00
CA ARG C 226 -12.14 -45.64 31.03
C ARG C 226 -10.90 -45.44 30.22
N VAL C 227 -9.82 -46.11 30.62
CA VAL C 227 -8.63 -46.20 29.75
C VAL C 227 -8.95 -47.05 28.52
N GLY C 228 -8.22 -46.84 27.43
CA GLY C 228 -8.46 -47.58 26.20
C GLY C 228 -7.76 -48.92 26.23
N ARG C 229 -8.34 -49.90 25.54
CA ARG C 229 -7.66 -51.18 25.34
C ARG C 229 -6.74 -51.09 24.12
N PRO C 230 -5.52 -51.68 24.19
CA PRO C 230 -4.60 -51.72 23.03
C PRO C 230 -5.28 -52.17 21.75
N GLU C 231 -6.24 -53.09 21.88
CA GLU C 231 -7.06 -53.59 20.76
C GLU C 231 -7.71 -52.45 20.02
N GLU C 232 -8.13 -51.44 20.78
CA GLU C 232 -8.86 -50.31 20.22
C GLU C 232 -7.94 -49.32 19.49
N LEU C 233 -6.71 -49.17 19.96
CA LEU C 233 -5.77 -48.36 19.21
C LEU C 233 -5.39 -49.04 17.88
N ALA C 234 -5.15 -50.35 17.94
CA ALA C 234 -4.88 -51.16 16.74
C ALA C 234 -5.99 -51.00 15.70
N ALA C 235 -7.26 -51.06 16.12
CA ALA C 235 -8.40 -50.91 15.20
C ALA C 235 -8.37 -49.55 14.53
N ALA C 236 -8.08 -48.51 15.29
CA ALA C 236 -7.91 -47.17 14.72
C ALA C 236 -6.74 -47.09 13.74
N VAL C 237 -5.61 -47.70 14.09
CA VAL C 237 -4.46 -47.79 13.16
C VAL C 237 -4.83 -48.60 11.88
N LEU C 238 -5.56 -49.70 12.06
CA LEU C 238 -6.04 -50.49 10.92
C LEU C 238 -6.83 -49.62 9.94
N PHE C 239 -7.69 -48.77 10.47
CA PHE C 239 -8.49 -47.90 9.60
C PHE C 239 -7.56 -47.12 8.70
N LEU C 240 -6.49 -46.57 9.28
CA LEU C 240 -5.58 -45.71 8.56
C LEU C 240 -4.73 -46.55 7.60
N ALA C 241 -4.42 -47.77 8.01
CA ALA C 241 -3.68 -48.74 7.16
C ALA C 241 -4.48 -49.26 5.97
N SER C 242 -5.81 -49.26 6.10
CA SER C 242 -6.69 -49.94 5.15
C SER C 242 -7.20 -49.00 4.08
N ASP C 243 -7.92 -49.55 3.10
CA ASP C 243 -8.47 -48.78 1.98
C ASP C 243 -9.60 -47.84 2.44
N ASP C 244 -10.17 -48.15 3.60
CA ASP C 244 -11.25 -47.36 4.15
C ASP C 244 -10.87 -45.89 4.29
N SER C 245 -9.60 -45.64 4.61
CA SER C 245 -9.08 -44.29 4.79
C SER C 245 -8.41 -43.72 3.54
N SER C 246 -8.77 -44.28 2.37
CA SER C 246 -8.13 -43.93 1.10
C SER C 246 -8.20 -42.44 0.76
N TYR C 247 -9.16 -41.71 1.33
CA TYR C 247 -9.24 -40.28 1.11
C TYR C 247 -8.94 -39.50 2.40
N VAL C 248 -8.28 -40.16 3.34
CA VAL C 248 -7.85 -39.53 4.57
C VAL C 248 -6.35 -39.30 4.57
N ALA C 249 -5.92 -38.03 4.60
CA ALA C 249 -4.49 -37.70 4.50
C ALA C 249 -4.06 -36.64 5.50
N GLY C 250 -2.92 -36.87 6.15
CA GLY C 250 -2.26 -35.84 6.97
C GLY C 250 -2.94 -35.47 8.27
N ILE C 251 -3.86 -36.33 8.74
CA ILE C 251 -4.69 -36.00 9.87
C ILE C 251 -4.11 -36.42 11.22
N GLU C 252 -4.73 -35.88 12.28
CA GLU C 252 -4.46 -36.30 13.61
C GLU C 252 -5.73 -36.97 14.11
N LEU C 253 -5.70 -38.29 14.15
CA LEU C 253 -6.82 -39.12 14.62
C LEU C 253 -6.66 -39.35 16.10
N PHE C 254 -7.46 -38.65 16.91
CA PHE C 254 -7.45 -38.78 18.37
C PHE C 254 -8.23 -40.02 18.81
N VAL C 255 -7.51 -40.98 19.40
CA VAL C 255 -8.14 -42.18 19.97
C VAL C 255 -7.94 -42.05 21.48
N ASP C 256 -8.83 -41.30 22.11
CA ASP C 256 -8.64 -40.89 23.51
C ASP C 256 -9.93 -40.90 24.32
N GLY C 257 -10.98 -41.52 23.79
CA GLY C 257 -12.29 -41.53 24.44
C GLY C 257 -12.91 -40.15 24.68
N GLY C 258 -12.46 -39.12 23.95
CA GLY C 258 -13.05 -37.80 24.06
C GLY C 258 -12.23 -36.81 24.88
N LEU C 259 -11.10 -37.27 25.40
CA LEU C 259 -10.27 -36.48 26.33
C LEU C 259 -9.97 -35.06 25.86
N THR C 260 -9.46 -34.96 24.63
CA THR C 260 -9.02 -33.69 24.09
C THR C 260 -10.13 -33.00 23.32
N GLN C 261 -11.30 -33.64 23.22
CA GLN C 261 -12.35 -33.11 22.34
C GLN C 261 -13.42 -32.30 23.07
N VAL C 262 -13.47 -32.40 24.38
CA VAL C 262 -14.53 -31.71 25.13
C VAL C 262 -13.99 -30.64 26.10
N ALA D 14 1.67 6.32 28.04
CA ALA D 14 2.25 6.09 26.69
C ALA D 14 3.16 4.87 26.70
N TYR D 15 3.75 4.61 27.86
CA TYR D 15 4.83 3.63 28.01
C TYR D 15 4.30 2.35 28.65
N ARG D 16 4.01 1.37 27.82
CA ARG D 16 3.35 0.14 28.27
C ARG D 16 4.29 -0.92 28.88
N LEU D 17 5.59 -0.65 28.85
CA LEU D 17 6.57 -1.55 29.46
C LEU D 17 7.58 -0.77 30.30
N LEU D 18 7.10 0.32 30.90
CA LEU D 18 7.92 1.25 31.68
C LEU D 18 8.69 0.55 32.80
N ASN D 19 10.02 0.61 32.70
CA ASN D 19 10.95 0.05 33.69
C ASN D 19 10.99 -1.47 33.80
N LYS D 20 10.30 -2.13 32.89
CA LYS D 20 10.32 -3.58 32.84
C LYS D 20 11.60 -3.98 32.12
N THR D 21 12.23 -5.05 32.60
CA THR D 21 13.45 -5.56 31.98
C THR D 21 13.11 -6.71 31.08
N ALA D 22 13.61 -6.66 29.84
CA ALA D 22 13.34 -7.70 28.86
C ALA D 22 14.61 -8.32 28.26
N VAL D 23 14.53 -9.62 27.96
CA VAL D 23 15.64 -10.31 27.30
C VAL D 23 15.12 -10.91 26.00
N ILE D 24 15.83 -10.64 24.90
CA ILE D 24 15.42 -11.10 23.58
C ILE D 24 16.58 -11.82 22.92
N THR D 25 16.51 -13.14 22.86
CA THR D 25 17.46 -13.88 22.05
C THR D 25 17.11 -13.65 20.58
N GLY D 26 18.12 -13.62 19.72
CA GLY D 26 17.93 -13.31 18.31
C GLY D 26 17.60 -11.84 18.11
N GLY D 27 18.23 -11.00 18.90
CA GLY D 27 17.88 -9.60 18.96
C GLY D 27 18.65 -8.65 18.10
N ASN D 28 19.61 -9.15 17.33
CA ASN D 28 20.44 -8.27 16.49
C ASN D 28 19.94 -8.19 15.07
N SER D 29 18.78 -8.82 14.82
CA SER D 29 18.28 -8.99 13.46
C SER D 29 16.76 -9.09 13.39
N GLY D 30 16.24 -8.74 12.22
CA GLY D 30 14.82 -8.91 11.86
C GLY D 30 13.81 -8.68 12.95
N ILE D 31 13.12 -9.75 13.32
CA ILE D 31 12.06 -9.71 14.33
C ILE D 31 12.57 -9.33 15.72
N GLY D 32 13.65 -10.00 16.16
CA GLY D 32 14.25 -9.71 17.46
C GLY D 32 14.57 -8.23 17.63
N LEU D 33 15.19 -7.64 16.61
CA LEU D 33 15.61 -6.25 16.68
C LEU D 33 14.44 -5.25 16.67
N ALA D 34 13.46 -5.47 15.79
CA ALA D 34 12.27 -4.63 15.68
C ALA D 34 11.46 -4.59 17.00
N THR D 35 11.48 -5.72 17.71
CA THR D 35 10.83 -5.89 18.98
C THR D 35 11.64 -5.11 20.02
N ALA D 36 12.96 -5.24 19.95
CA ALA D 36 13.84 -4.51 20.85
C ALA D 36 13.55 -3.02 20.76
N LYS D 37 13.53 -2.49 19.53
CA LYS D 37 13.18 -1.09 19.32
C LYS D 37 11.85 -0.74 19.99
N ARG D 38 10.79 -1.44 19.62
CA ARG D 38 9.46 -1.17 20.15
C ARG D 38 9.44 -1.24 21.66
N PHE D 39 10.12 -2.25 22.21
CA PHE D 39 10.20 -2.42 23.65
C PHE D 39 10.80 -1.17 24.30
N VAL D 40 11.92 -0.70 23.79
CA VAL D 40 12.60 0.49 24.32
C VAL D 40 11.72 1.71 24.18
N ALA D 41 11.06 1.84 23.03
CA ALA D 41 10.08 2.89 22.78
C ALA D 41 8.98 2.90 23.86
N GLU D 42 8.65 1.73 24.41
CA GLU D 42 7.61 1.59 25.42
C GLU D 42 8.22 1.61 26.81
N GLY D 43 9.47 2.06 26.90
CA GLY D 43 10.16 2.26 28.17
C GLY D 43 10.79 1.05 28.86
N ALA D 44 11.07 -0.01 28.12
CA ALA D 44 11.73 -1.18 28.70
C ALA D 44 13.24 -1.03 28.63
N TYR D 45 13.93 -1.86 29.42
CA TYR D 45 15.36 -2.05 29.29
C TYR D 45 15.53 -3.38 28.62
N VAL D 46 16.33 -3.41 27.56
CA VAL D 46 16.42 -4.57 26.68
C VAL D 46 17.81 -5.16 26.59
N PHE D 47 17.92 -6.43 26.92
CA PHE D 47 19.09 -7.24 26.51
C PHE D 47 18.87 -7.90 25.15
N ILE D 48 19.69 -7.53 24.17
CA ILE D 48 19.71 -8.27 22.92
C ILE D 48 20.86 -9.27 22.89
N VAL D 49 20.56 -10.43 22.33
CA VAL D 49 21.41 -11.62 22.46
C VAL D 49 21.52 -12.31 21.11
N GLY D 50 22.74 -12.72 20.77
CA GLY D 50 23.03 -13.29 19.45
C GLY D 50 24.49 -13.66 19.40
N ARG D 51 24.91 -14.24 18.27
CA ARG D 51 26.29 -14.74 18.11
C ARG D 51 27.23 -13.72 17.50
N ARG D 52 26.74 -12.99 16.50
CA ARG D 52 27.58 -12.06 15.74
C ARG D 52 27.76 -10.73 16.45
N ARG D 53 29.00 -10.44 16.78
CA ARG D 53 29.38 -9.25 17.56
C ARG D 53 29.19 -7.94 16.79
N LYS D 54 29.55 -7.95 15.52
CA LYS D 54 29.39 -6.81 14.66
C LYS D 54 27.93 -6.33 14.69
N GLU D 55 27.02 -7.25 14.40
CA GLU D 55 25.58 -6.96 14.28
C GLU D 55 24.97 -6.55 15.63
N LEU D 56 25.34 -7.25 16.68
CA LEU D 56 24.96 -6.88 18.03
C LEU D 56 25.27 -5.41 18.29
N GLU D 57 26.51 -5.00 18.02
CA GLU D 57 26.95 -3.63 18.23
C GLU D 57 26.15 -2.64 17.38
N GLN D 58 25.84 -3.03 16.15
CA GLN D 58 25.07 -2.18 15.23
C GLN D 58 23.63 -2.06 15.70
N ALA D 59 23.08 -3.19 16.14
CA ALA D 59 21.71 -3.21 16.64
C ALA D 59 21.57 -2.32 17.88
N ALA D 60 22.49 -2.47 18.82
CA ALA D 60 22.52 -1.63 20.01
C ALA D 60 22.64 -0.15 19.63
N ALA D 61 23.46 0.14 18.64
CA ALA D 61 23.59 1.50 18.13
C ALA D 61 22.25 2.02 17.62
N GLU D 62 21.58 1.21 16.77
CA GLU D 62 20.28 1.56 16.18
C GLU D 62 19.20 1.77 17.24
N ILE D 63 19.11 0.85 18.17
CA ILE D 63 18.20 0.96 19.29
C ILE D 63 18.45 2.25 20.03
N GLY D 64 19.72 2.53 20.31
CA GLY D 64 20.09 3.82 20.89
C GLY D 64 20.23 3.88 22.40
N ARG D 65 19.13 3.73 23.14
CA ARG D 65 19.15 3.83 24.61
C ARG D 65 18.64 2.57 25.34
N ASN D 66 18.88 2.51 26.64
CA ASN D 66 18.41 1.39 27.49
C ASN D 66 18.62 -0.02 26.93
N VAL D 67 19.80 -0.27 26.34
CA VAL D 67 20.07 -1.55 25.70
C VAL D 67 21.44 -2.09 26.06
N THR D 68 21.51 -3.41 26.28
CA THR D 68 22.78 -4.09 26.47
C THR D 68 22.86 -5.26 25.51
N ALA D 69 23.95 -5.29 24.74
CA ALA D 69 24.19 -6.38 23.80
C ALA D 69 24.98 -7.46 24.51
N VAL D 70 24.56 -8.71 24.33
CA VAL D 70 25.26 -9.82 24.95
C VAL D 70 25.52 -10.86 23.88
N LYS D 71 26.78 -11.22 23.71
CA LYS D 71 27.15 -12.29 22.79
C LYS D 71 26.88 -13.64 23.47
N ALA D 72 26.07 -14.47 22.81
CA ALA D 72 25.74 -15.80 23.32
C ALA D 72 25.25 -16.71 22.22
N ASP D 73 25.59 -17.99 22.33
CA ASP D 73 25.06 -18.99 21.45
C ASP D 73 24.15 -19.84 22.32
N VAL D 74 22.86 -19.84 21.96
CA VAL D 74 21.84 -20.50 22.79
C VAL D 74 22.00 -22.03 22.84
N THR D 75 22.74 -22.58 21.89
CA THR D 75 23.04 -24.01 21.91
C THR D 75 24.20 -24.36 22.85
N LYS D 76 24.83 -23.33 23.42
CA LYS D 76 25.91 -23.50 24.39
C LYS D 76 25.48 -23.12 25.82
N LEU D 77 25.30 -24.13 26.66
CA LEU D 77 24.81 -23.89 28.02
C LEU D 77 25.61 -22.82 28.75
N GLU D 78 26.95 -22.88 28.62
CA GLU D 78 27.82 -21.93 29.31
C GLU D 78 27.62 -20.49 28.83
N ASP D 79 27.27 -20.32 27.55
CA ASP D 79 26.92 -18.98 27.03
C ASP D 79 25.67 -18.45 27.72
N LEU D 80 24.71 -19.33 27.99
CA LEU D 80 23.45 -18.95 28.62
C LEU D 80 23.68 -18.54 30.07
N ASP D 81 24.49 -19.32 30.78
CA ASP D 81 24.89 -19.04 32.15
C ASP D 81 25.54 -17.69 32.24
N ARG D 82 26.45 -17.44 31.31
CA ARG D 82 27.11 -16.14 31.23
C ARG D 82 26.09 -15.01 30.97
N LEU D 83 25.18 -15.26 30.03
CA LEU D 83 24.15 -14.30 29.71
C LEU D 83 23.42 -13.90 30.98
N TYR D 84 22.94 -14.89 31.73
CA TYR D 84 22.08 -14.61 32.85
C TYR D 84 22.84 -14.06 34.06
N ALA D 85 24.15 -14.30 34.10
CA ALA D 85 25.02 -13.63 35.08
C ALA D 85 25.02 -12.13 34.82
N ILE D 86 25.30 -11.75 33.56
CA ILE D 86 25.30 -10.34 33.13
C ILE D 86 23.97 -9.69 33.44
N VAL D 87 22.88 -10.30 32.94
CA VAL D 87 21.51 -9.83 33.18
C VAL D 87 21.39 -9.54 34.66
N ARG D 88 21.70 -10.54 35.49
CA ARG D 88 21.58 -10.39 36.93
C ARG D 88 22.37 -9.20 37.48
N GLU D 89 23.64 -9.08 37.11
CA GLU D 89 24.46 -7.98 37.60
C GLU D 89 23.86 -6.64 37.19
N GLN D 90 23.55 -6.48 35.91
CA GLN D 90 23.07 -5.21 35.37
C GLN D 90 21.66 -4.78 35.81
N ARG D 91 20.71 -5.71 35.83
CA ARG D 91 19.30 -5.34 36.13
C ARG D 91 18.64 -6.19 37.22
N GLY D 92 19.18 -7.37 37.48
CA GLY D 92 18.70 -8.18 38.60
C GLY D 92 17.55 -9.13 38.35
N SER D 93 16.63 -8.77 37.45
CA SER D 93 15.46 -9.61 37.20
C SER D 93 14.89 -9.43 35.80
N ILE D 94 14.03 -10.35 35.39
CA ILE D 94 13.49 -10.32 34.04
C ILE D 94 11.98 -10.28 34.11
N ASP D 95 11.39 -9.29 33.42
CA ASP D 95 9.94 -9.17 33.31
C ASP D 95 9.42 -9.82 32.03
N VAL D 96 10.16 -9.68 30.94
CA VAL D 96 9.75 -10.23 29.67
C VAL D 96 10.91 -10.98 29.04
N LEU D 97 10.69 -12.26 28.76
CA LEU D 97 11.64 -13.06 28.00
C LEU D 97 11.03 -13.37 26.67
N PHE D 98 11.71 -12.99 25.61
CA PHE D 98 11.31 -13.31 24.25
C PHE D 98 12.34 -14.29 23.61
N ALA D 99 12.06 -15.58 23.80
CA ALA D 99 12.91 -16.67 23.29
C ALA D 99 12.72 -16.80 21.79
N ASN D 100 13.47 -16.00 21.05
CA ASN D 100 13.17 -15.77 19.67
C ASN D 100 14.20 -16.33 18.65
N SER D 101 15.45 -16.48 19.07
CA SER D 101 16.49 -17.02 18.20
C SER D 101 16.03 -18.35 17.62
N GLY D 102 16.22 -18.51 16.31
CA GLY D 102 15.89 -19.72 15.59
C GLY D 102 16.36 -19.59 14.17
N ALA D 103 16.31 -20.69 13.42
CA ALA D 103 16.92 -20.76 12.08
C ALA D 103 16.31 -21.88 11.24
N ILE D 104 16.26 -21.66 9.91
CA ILE D 104 15.70 -22.62 8.95
C ILE D 104 16.68 -23.03 7.84
N GLU D 105 16.70 -24.33 7.56
CA GLU D 105 17.42 -24.85 6.42
C GLU D 105 16.49 -25.79 5.67
N GLN D 106 16.24 -25.51 4.41
CA GLN D 106 15.35 -26.36 3.59
C GLN D 106 16.02 -27.66 3.14
N LYS D 107 15.42 -28.78 3.54
CA LYS D 107 15.79 -30.13 3.08
C LYS D 107 14.52 -31.00 3.11
N THR D 108 14.33 -31.82 2.08
CA THR D 108 13.19 -32.74 2.01
C THR D 108 13.52 -33.97 2.82
N LEU D 109 12.53 -34.83 3.04
CA LEU D 109 12.74 -36.07 3.82
C LEU D 109 13.96 -36.86 3.30
N GLU D 110 14.01 -37.08 1.98
CA GLU D 110 15.13 -37.79 1.32
C GLU D 110 16.48 -37.19 1.67
N GLU D 111 16.54 -35.85 1.65
CA GLU D 111 17.78 -35.10 1.82
C GLU D 111 18.26 -35.01 3.27
N ILE D 112 17.44 -35.42 4.23
CA ILE D 112 17.75 -35.13 5.63
C ILE D 112 18.98 -35.91 6.10
N THR D 113 19.99 -35.16 6.54
CA THR D 113 21.15 -35.76 7.19
C THR D 113 21.01 -35.59 8.72
N PRO D 114 21.78 -36.37 9.49
CA PRO D 114 21.79 -36.16 10.95
C PRO D 114 22.30 -34.76 11.37
N GLU D 115 23.24 -34.20 10.62
CA GLU D 115 23.81 -32.91 10.95
C GLU D 115 22.74 -31.85 10.78
N HIS D 116 22.04 -31.90 9.66
CA HIS D 116 20.92 -31.00 9.39
C HIS D 116 19.88 -31.07 10.47
N TYR D 117 19.49 -32.28 10.85
CA TYR D 117 18.52 -32.47 11.92
C TYR D 117 18.98 -31.77 13.21
N ASP D 118 20.21 -32.06 13.63
CA ASP D 118 20.75 -31.51 14.86
C ASP D 118 20.87 -29.98 14.81
N ARG D 119 21.24 -29.43 13.67
CA ARG D 119 21.35 -27.99 13.54
C ARG D 119 20.00 -27.34 13.81
N THR D 120 18.95 -27.87 13.17
CA THR D 120 17.59 -27.33 13.35
C THR D 120 17.09 -27.44 14.80
N PHE D 121 17.16 -28.66 15.35
CA PHE D 121 16.59 -28.89 16.67
C PHE D 121 17.37 -28.28 17.82
N ASP D 122 18.68 -28.08 17.61
CA ASP D 122 19.54 -27.50 18.63
C ASP D 122 19.18 -26.05 18.87
N VAL D 123 19.03 -25.29 17.79
CA VAL D 123 18.75 -23.86 17.94
C VAL D 123 17.26 -23.59 18.19
N ASN D 124 16.40 -24.31 17.46
CA ASN D 124 14.96 -24.02 17.49
C ASN D 124 14.25 -24.57 18.71
N VAL D 125 14.72 -25.72 19.20
CA VAL D 125 14.05 -26.42 20.29
C VAL D 125 14.93 -26.53 21.54
N ARG D 126 16.10 -27.14 21.39
CA ARG D 126 17.03 -27.37 22.51
C ARG D 126 17.48 -26.04 23.13
N GLY D 127 18.02 -25.17 22.30
CA GLY D 127 18.49 -23.87 22.75
C GLY D 127 17.42 -23.12 23.49
N LEU D 128 16.20 -23.12 22.91
CA LEU D 128 15.06 -22.45 23.50
C LEU D 128 14.72 -23.02 24.87
N ILE D 129 14.65 -24.35 24.96
CA ILE D 129 14.37 -25.01 26.24
C ILE D 129 15.33 -24.52 27.33
N PHE D 130 16.61 -24.45 27.01
CA PHE D 130 17.57 -24.03 28.01
C PHE D 130 17.59 -22.54 28.26
N THR D 131 17.31 -21.75 27.22
CA THR D 131 17.03 -20.31 27.36
C THR D 131 15.99 -20.05 28.46
N VAL D 132 14.87 -20.76 28.43
CA VAL D 132 13.79 -20.51 29.37
C VAL D 132 14.09 -21.11 30.75
N GLN D 133 14.71 -22.29 30.77
CA GLN D 133 15.06 -22.97 32.03
C GLN D 133 15.98 -22.14 32.90
N LYS D 134 16.99 -21.56 32.27
CA LYS D 134 17.99 -20.78 32.99
C LYS D 134 17.55 -19.35 33.30
N ALA D 135 16.42 -18.93 32.75
CA ALA D 135 15.85 -17.63 33.07
C ALA D 135 14.98 -17.73 34.33
N LEU D 136 14.56 -18.94 34.68
CA LEU D 136 13.60 -19.14 35.77
C LEU D 136 13.94 -18.47 37.11
N PRO D 137 15.23 -18.56 37.55
CA PRO D 137 15.64 -17.89 38.79
C PRO D 137 15.47 -16.37 38.77
N LEU D 138 15.62 -15.77 37.60
CA LEU D 138 15.58 -14.32 37.45
C LEU D 138 14.20 -13.82 37.05
N LEU D 139 13.36 -14.71 36.54
CA LEU D 139 12.01 -14.37 36.10
C LEU D 139 11.13 -13.92 37.23
N ARG D 140 10.56 -12.75 37.08
CA ARG D 140 9.66 -12.18 38.07
C ARG D 140 8.35 -12.94 38.08
N ASP D 141 7.79 -13.11 39.27
CA ASP D 141 6.40 -13.53 39.38
C ASP D 141 5.51 -12.53 38.63
N GLY D 142 4.49 -13.03 37.94
CA GLY D 142 3.68 -12.17 37.08
C GLY D 142 4.31 -11.82 35.73
N GLY D 143 5.46 -12.42 35.42
CA GLY D 143 6.18 -12.13 34.18
C GLY D 143 5.63 -12.83 32.96
N SER D 144 6.22 -12.54 31.80
CA SER D 144 5.69 -13.02 30.53
C SER D 144 6.79 -13.56 29.60
N VAL D 145 6.65 -14.82 29.23
CA VAL D 145 7.56 -15.50 28.28
C VAL D 145 6.86 -15.64 26.93
N ILE D 146 7.53 -15.24 25.85
CA ILE D 146 7.00 -15.41 24.50
C ILE D 146 7.94 -16.24 23.69
N LEU D 147 7.39 -17.32 23.12
CA LEU D 147 8.17 -18.22 22.26
C LEU D 147 7.81 -17.97 20.81
N THR D 148 8.80 -17.96 19.93
CA THR D 148 8.54 -17.73 18.52
C THR D 148 8.39 -19.06 17.80
N SER D 149 7.13 -19.46 17.60
CA SER D 149 6.85 -20.63 16.78
C SER D 149 6.87 -20.20 15.32
N SER D 150 5.96 -20.74 14.50
CA SER D 150 5.87 -20.36 13.10
C SER D 150 4.60 -20.93 12.51
N VAL D 151 4.08 -20.31 11.46
CA VAL D 151 2.95 -20.93 10.71
C VAL D 151 3.33 -22.31 10.19
N ALA D 152 4.62 -22.53 9.90
CA ALA D 152 5.14 -23.85 9.52
C ALA D 152 4.68 -24.95 10.47
N GLY D 153 4.45 -24.60 11.73
CA GLY D 153 4.15 -25.59 12.74
C GLY D 153 2.77 -26.18 12.63
N VAL D 154 1.93 -25.59 11.77
CA VAL D 154 0.57 -26.14 11.51
C VAL D 154 0.37 -26.43 10.02
N LEU D 155 1.39 -26.18 9.21
CA LEU D 155 1.29 -26.43 7.76
C LEU D 155 2.17 -27.59 7.29
N GLY D 156 1.92 -28.07 6.08
CA GLY D 156 2.74 -29.11 5.47
C GLY D 156 3.47 -28.55 4.26
N LEU D 157 4.59 -27.87 4.51
CA LEU D 157 5.35 -27.17 3.46
C LEU D 157 6.51 -27.99 2.92
N GLN D 158 6.62 -28.07 1.58
CA GLN D 158 7.69 -28.81 0.93
C GLN D 158 9.05 -28.50 1.55
N ALA D 159 9.82 -29.54 1.89
CA ALA D 159 11.21 -29.41 2.38
C ALA D 159 11.37 -28.56 3.64
N HIS D 160 10.36 -28.59 4.51
CA HIS D 160 10.40 -27.85 5.76
C HIS D 160 10.35 -28.81 6.91
N ASP D 161 10.62 -30.07 6.61
CA ASP D 161 10.45 -31.19 7.54
C ASP D 161 10.89 -30.92 8.98
N THR D 162 12.13 -30.52 9.19
CA THR D 162 12.64 -30.34 10.55
C THR D 162 12.22 -28.99 11.14
N TYR D 163 12.38 -27.92 10.36
CA TYR D 163 11.96 -26.62 10.82
C TYR D 163 10.53 -26.67 11.39
N SER D 164 9.58 -27.10 10.57
CA SER D 164 8.16 -27.17 10.95
C SER D 164 7.94 -28.02 12.20
N ALA D 165 8.58 -29.19 12.23
CA ALA D 165 8.52 -30.05 13.42
C ALA D 165 9.06 -29.34 14.68
N ALA D 166 10.21 -28.70 14.54
CA ALA D 166 10.81 -28.00 15.64
C ALA D 166 9.87 -26.92 16.19
N LYS D 167 9.30 -26.12 15.29
CA LYS D 167 8.39 -25.03 15.69
C LYS D 167 7.06 -25.53 16.27
N ALA D 168 6.64 -26.70 15.83
CA ALA D 168 5.48 -27.34 16.42
C ALA D 168 5.86 -27.79 17.84
N ALA D 169 7.13 -28.18 18.02
CA ALA D 169 7.66 -28.50 19.36
C ALA D 169 7.60 -27.26 20.26
N VAL D 170 8.05 -26.11 19.73
CA VAL D 170 8.03 -24.86 20.45
C VAL D 170 6.61 -24.45 20.91
N ARG D 171 5.60 -24.66 20.05
CA ARG D 171 4.25 -24.31 20.44
C ARG D 171 3.81 -25.18 21.63
N SER D 172 4.18 -26.47 21.61
CA SER D 172 3.83 -27.40 22.68
C SER D 172 4.39 -26.94 24.04
N LEU D 173 5.66 -26.52 24.05
CA LEU D 173 6.33 -26.03 25.25
C LEU D 173 5.58 -24.88 25.93
N ALA D 174 4.97 -24.00 25.13
CA ALA D 174 4.12 -22.94 25.71
C ALA D 174 2.92 -23.48 26.48
N ARG D 175 2.38 -24.61 26.04
CA ARG D 175 1.27 -25.25 26.76
C ARG D 175 1.79 -25.86 28.07
N THR D 176 2.87 -26.63 27.96
CA THR D 176 3.42 -27.32 29.12
C THR D 176 3.85 -26.31 30.17
N TRP D 177 4.54 -25.24 29.74
CA TRP D 177 5.10 -24.27 30.70
C TRP D 177 4.04 -23.40 31.28
N THR D 178 2.86 -23.37 30.64
CA THR D 178 1.72 -22.66 31.21
C THR D 178 1.31 -23.36 32.49
N THR D 179 1.24 -24.68 32.44
CA THR D 179 0.97 -25.51 33.60
C THR D 179 2.13 -25.46 34.63
N GLU D 180 3.37 -25.61 34.18
CA GLU D 180 4.48 -25.65 35.13
C GLU D 180 4.76 -24.32 35.83
N LEU D 181 4.43 -23.20 35.20
CA LEU D 181 4.75 -21.90 35.80
C LEU D 181 3.53 -21.16 36.34
N LYS D 182 2.36 -21.78 36.29
CA LYS D 182 1.15 -21.09 36.72
C LYS D 182 1.26 -20.67 38.19
N GLY D 183 1.88 -21.50 39.01
CA GLY D 183 2.11 -21.18 40.42
C GLY D 183 2.75 -19.81 40.63
N ARG D 184 3.64 -19.40 39.72
CA ARG D 184 4.33 -18.12 39.83
C ARG D 184 3.63 -17.03 39.00
N SER D 185 2.46 -17.35 38.46
CA SER D 185 1.71 -16.40 37.65
C SER D 185 2.48 -15.90 36.45
N ILE D 186 3.35 -16.75 35.91
CA ILE D 186 4.12 -16.41 34.72
C ILE D 186 3.34 -16.89 33.53
N ARG D 187 3.02 -15.96 32.63
CA ARG D 187 2.35 -16.29 31.38
C ARG D 187 3.35 -16.71 30.28
N VAL D 188 3.07 -17.83 29.63
CA VAL D 188 3.87 -18.28 28.51
C VAL D 188 2.99 -18.42 27.26
N ASN D 189 3.33 -17.69 26.21
CA ASN D 189 2.60 -17.74 24.93
C ASN D 189 3.50 -17.90 23.68
N ALA D 190 2.96 -18.56 22.67
CA ALA D 190 3.65 -18.76 21.41
C ALA D 190 3.15 -17.75 20.41
N VAL D 191 4.06 -17.08 19.72
CA VAL D 191 3.71 -16.25 18.56
C VAL D 191 4.17 -17.01 17.32
N SER D 192 3.23 -17.23 16.39
CA SER D 192 3.52 -17.91 15.14
C SER D 192 3.36 -16.92 13.98
N PRO D 193 4.51 -16.37 13.48
CA PRO D 193 4.50 -15.49 12.31
C PRO D 193 4.34 -16.25 11.00
N GLY D 194 3.69 -15.60 10.04
CA GLY D 194 3.73 -16.07 8.67
C GLY D 194 4.95 -15.50 7.95
N ALA D 195 4.75 -15.05 6.72
CA ALA D 195 5.78 -14.34 6.00
C ALA D 195 6.00 -12.97 6.58
N ILE D 196 7.21 -12.76 7.11
CA ILE D 196 7.61 -11.45 7.62
C ILE D 196 8.88 -11.02 6.90
N ASP D 197 8.92 -9.77 6.49
CA ASP D 197 10.03 -9.21 5.71
C ASP D 197 11.32 -9.06 6.56
N THR D 198 12.07 -10.15 6.67
CA THR D 198 13.26 -10.21 7.50
C THR D 198 14.35 -11.03 6.80
N PRO D 199 15.62 -10.93 7.25
CA PRO D 199 16.75 -11.70 6.66
C PRO D 199 16.57 -13.22 6.51
N ILE D 200 15.70 -13.86 7.30
CA ILE D 200 15.48 -15.32 7.25
C ILE D 200 15.00 -15.83 5.89
N ILE D 201 14.31 -14.95 5.14
CA ILE D 201 13.83 -15.24 3.79
C ILE D 201 15.01 -15.18 2.81
N GLU D 202 15.75 -14.09 2.85
CA GLU D 202 16.91 -13.87 1.97
C GLU D 202 18.02 -14.91 2.18
N ASN D 203 18.27 -15.26 3.44
CA ASN D 203 19.37 -16.14 3.81
C ASN D 203 19.17 -17.63 3.46
N GLN D 204 18.00 -17.97 2.94
CA GLN D 204 17.74 -19.38 2.58
C GLN D 204 17.76 -19.62 1.06
N VAL D 205 17.48 -18.57 0.28
CA VAL D 205 17.60 -18.66 -1.18
C VAL D 205 19.07 -18.57 -1.59
N SER D 206 19.37 -18.94 -2.84
CA SER D 206 20.73 -18.86 -3.35
C SER D 206 20.94 -17.61 -4.20
N THR D 207 19.83 -17.02 -4.66
CA THR D 207 19.88 -15.86 -5.56
C THR D 207 18.86 -14.78 -5.17
N GLN D 208 19.25 -13.51 -5.35
CA GLN D 208 18.41 -12.33 -5.04
C GLN D 208 17.15 -12.24 -5.93
N GLU D 209 17.19 -12.94 -7.05
CA GLU D 209 16.07 -13.06 -7.97
C GLU D 209 14.99 -13.94 -7.35
N GLU D 210 15.40 -15.11 -6.87
CA GLU D 210 14.51 -16.07 -6.21
C GLU D 210 13.69 -15.45 -5.08
N ALA D 211 14.35 -14.59 -4.31
CA ALA D 211 13.77 -13.93 -3.14
C ALA D 211 12.61 -12.99 -3.47
N ASP D 212 12.67 -12.36 -4.64
CA ASP D 212 11.58 -11.53 -5.15
C ASP D 212 10.33 -12.38 -5.42
N GLU D 213 10.55 -13.64 -5.76
CA GLU D 213 9.49 -14.56 -6.16
C GLU D 213 8.89 -15.33 -4.98
N LEU D 214 9.72 -15.67 -4.00
CA LEU D 214 9.27 -16.30 -2.76
C LEU D 214 8.39 -15.35 -1.95
N ARG D 215 8.68 -14.05 -2.06
CA ARG D 215 7.87 -13.01 -1.42
C ARG D 215 6.53 -12.75 -2.11
N ALA D 216 6.54 -12.78 -3.45
CA ALA D 216 5.30 -12.62 -4.22
C ALA D 216 4.39 -13.84 -4.11
N LYS D 217 4.98 -15.00 -3.83
CA LYS D 217 4.25 -16.26 -3.65
C LYS D 217 3.47 -16.26 -2.33
N PHE D 218 4.14 -15.82 -1.26
CA PHE D 218 3.55 -15.74 0.06
C PHE D 218 2.46 -14.68 0.13
N ALA D 219 2.69 -13.55 -0.54
CA ALA D 219 1.69 -12.48 -0.63
C ALA D 219 0.39 -12.96 -1.27
N ALA D 220 0.50 -13.82 -2.28
CA ALA D 220 -0.66 -14.33 -3.00
C ALA D 220 -1.47 -15.24 -2.11
N ALA D 221 -0.78 -16.01 -1.26
CA ALA D 221 -1.40 -16.99 -0.37
C ALA D 221 -2.07 -16.36 0.87
N THR D 222 -1.78 -15.09 1.11
CA THR D 222 -2.17 -14.43 2.34
C THR D 222 -3.30 -13.42 2.14
N PRO D 223 -4.44 -13.65 2.79
CA PRO D 223 -5.61 -12.77 2.64
C PRO D 223 -5.31 -11.28 2.63
N LEU D 224 -4.38 -10.82 3.46
CA LEU D 224 -4.01 -9.40 3.48
C LEU D 224 -3.12 -8.97 2.31
N GLY D 225 -2.85 -9.91 1.41
CA GLY D 225 -2.12 -9.66 0.15
C GLY D 225 -0.75 -9.06 0.23
N ARG D 226 0.00 -9.36 1.29
CA ARG D 226 1.34 -8.78 1.51
C ARG D 226 2.13 -9.52 2.58
N VAL D 227 3.46 -9.52 2.48
CA VAL D 227 4.29 -9.97 3.58
C VAL D 227 4.16 -8.99 4.74
N GLY D 228 4.42 -9.46 5.96
CA GLY D 228 4.32 -8.61 7.13
C GLY D 228 5.58 -7.80 7.36
N ARG D 229 5.43 -6.63 7.96
CA ARG D 229 6.59 -5.84 8.37
C ARG D 229 7.04 -6.30 9.77
N PRO D 230 8.37 -6.38 10.02
CA PRO D 230 8.90 -6.72 11.35
C PRO D 230 8.26 -5.91 12.47
N GLU D 231 7.95 -4.65 12.19
CA GLU D 231 7.27 -3.76 13.13
C GLU D 231 5.98 -4.40 13.64
N GLU D 232 5.30 -5.11 12.74
CA GLU D 232 4.00 -5.70 13.03
C GLU D 232 4.10 -6.96 13.90
N LEU D 233 5.15 -7.75 13.71
CA LEU D 233 5.38 -8.86 14.61
C LEU D 233 5.73 -8.35 16.01
N ALA D 234 6.59 -7.33 16.10
CA ALA D 234 6.96 -6.69 17.36
C ALA D 234 5.72 -6.20 18.13
N ALA D 235 4.77 -5.57 17.43
CA ALA D 235 3.56 -5.09 18.06
C ALA D 235 2.76 -6.25 18.65
N ALA D 236 2.66 -7.34 17.89
CA ALA D 236 2.01 -8.55 18.41
C ALA D 236 2.73 -9.11 19.64
N VAL D 237 4.06 -9.14 19.59
CA VAL D 237 4.86 -9.60 20.74
C VAL D 237 4.65 -8.66 21.96
N LEU D 238 4.62 -7.35 21.70
CA LEU D 238 4.35 -6.36 22.73
C LEU D 238 3.04 -6.66 23.46
N PHE D 239 2.01 -7.04 22.71
CA PHE D 239 0.72 -7.35 23.30
C PHE D 239 0.90 -8.44 24.35
N LEU D 240 1.62 -9.49 23.97
CA LEU D 240 1.87 -10.62 24.84
C LEU D 240 2.76 -10.24 26.01
N ALA D 241 3.72 -9.33 25.78
CA ALA D 241 4.62 -8.83 26.81
C ALA D 241 3.92 -7.90 27.82
N SER D 242 2.85 -7.24 27.39
CA SER D 242 2.25 -6.16 28.17
C SER D 242 1.11 -6.67 29.05
N ASP D 243 0.56 -5.79 29.87
CA ASP D 243 -0.53 -6.14 30.79
C ASP D 243 -1.83 -6.42 30.06
N ASP D 244 -1.93 -5.92 28.82
CA ASP D 244 -3.10 -6.11 27.97
C ASP D 244 -3.45 -7.59 27.82
N SER D 245 -2.42 -8.45 27.80
CA SER D 245 -2.62 -9.89 27.66
C SER D 245 -2.63 -10.63 28.99
N SER D 246 -2.94 -9.90 30.05
CA SER D 246 -2.84 -10.43 31.41
C SER D 246 -3.69 -11.67 31.65
N TYR D 247 -4.72 -11.88 30.82
CA TYR D 247 -5.54 -13.08 30.94
C TYR D 247 -5.41 -13.97 29.74
N VAL D 248 -4.32 -13.77 28.99
CA VAL D 248 -3.98 -14.61 27.84
C VAL D 248 -2.84 -15.56 28.16
N ALA D 249 -3.12 -16.87 28.19
CA ALA D 249 -2.10 -17.85 28.56
C ALA D 249 -2.03 -19.06 27.61
N GLY D 250 -0.81 -19.43 27.21
CA GLY D 250 -0.55 -20.71 26.53
C GLY D 250 -1.02 -20.78 25.10
N ILE D 251 -1.28 -19.61 24.52
CA ILE D 251 -1.87 -19.56 23.18
C ILE D 251 -0.88 -19.60 22.02
N GLU D 252 -1.41 -19.82 20.83
CA GLU D 252 -0.67 -19.62 19.63
C GLU D 252 -1.31 -18.45 18.91
N LEU D 253 -0.67 -17.30 18.99
CA LEU D 253 -1.07 -16.08 18.28
C LEU D 253 -0.48 -16.06 16.88
N PHE D 254 -1.33 -16.33 15.88
CA PHE D 254 -0.92 -16.28 14.48
C PHE D 254 -0.87 -14.84 13.97
N VAL D 255 0.34 -14.41 13.57
CA VAL D 255 0.54 -13.11 12.97
C VAL D 255 1.01 -13.41 11.54
N ASP D 256 0.04 -13.65 10.65
CA ASP D 256 0.30 -14.17 9.32
C ASP D 256 -0.60 -13.58 8.25
N GLY D 257 -1.31 -12.48 8.58
CA GLY D 257 -2.29 -11.87 7.67
C GLY D 257 -3.43 -12.77 7.23
N GLY D 258 -3.72 -13.83 8.00
CA GLY D 258 -4.83 -14.74 7.66
C GLY D 258 -4.45 -16.05 6.95
N LEU D 259 -3.15 -16.26 6.69
CA LEU D 259 -2.64 -17.39 5.94
C LEU D 259 -3.15 -18.74 6.40
N THR D 260 -3.05 -19.00 7.69
CA THR D 260 -3.44 -20.30 8.24
C THR D 260 -4.88 -20.30 8.70
N GLN D 261 -5.56 -19.14 8.62
CA GLN D 261 -6.90 -19.03 9.18
C GLN D 261 -8.06 -19.25 8.19
N VAL D 262 -7.76 -19.25 6.89
CA VAL D 262 -8.83 -19.36 5.88
C VAL D 262 -8.65 -20.61 4.99
N ALA E 14 36.30 47.32 -22.04
CA ALA E 14 36.57 46.34 -20.95
C ALA E 14 35.58 46.53 -19.82
N TYR E 15 35.10 47.77 -19.67
CA TYR E 15 34.31 48.21 -18.52
C TYR E 15 32.82 48.28 -18.88
N ARG E 16 32.08 47.24 -18.53
CA ARG E 16 30.67 47.09 -18.94
C ARG E 16 29.67 47.83 -18.07
N LEU E 17 30.14 48.44 -16.98
CA LEU E 17 29.28 49.24 -16.12
C LEU E 17 29.94 50.57 -15.76
N LEU E 18 30.72 51.09 -16.72
CA LEU E 18 31.51 52.32 -16.54
C LEU E 18 30.66 53.52 -16.11
N ASN E 19 30.96 54.03 -14.91
CA ASN E 19 30.29 55.20 -14.31
C ASN E 19 28.86 55.00 -13.90
N LYS E 20 28.39 53.76 -13.95
CA LYS E 20 27.03 53.46 -13.55
C LYS E 20 27.07 53.35 -12.05
N THR E 21 26.01 53.83 -11.37
CA THR E 21 25.91 53.73 -9.91
C THR E 21 25.05 52.56 -9.56
N ALA E 22 25.53 51.70 -8.66
CA ALA E 22 24.79 50.50 -8.23
C ALA E 22 24.60 50.42 -6.71
N VAL E 23 23.48 49.85 -6.29
CA VAL E 23 23.17 49.66 -4.87
C VAL E 23 22.89 48.19 -4.67
N ILE E 24 23.61 47.58 -3.73
CA ILE E 24 23.47 46.16 -3.44
C ILE E 24 23.18 45.94 -1.96
N THR E 25 21.93 45.62 -1.63
CA THR E 25 21.61 45.19 -0.29
C THR E 25 22.18 43.78 -0.11
N GLY E 26 22.64 43.48 1.09
CA GLY E 26 23.31 42.21 1.40
C GLY E 26 24.69 42.17 0.79
N GLY E 27 25.36 43.33 0.80
CA GLY E 27 26.61 43.50 0.08
C GLY E 27 27.90 43.26 0.85
N ASN E 28 27.80 42.93 2.13
CA ASN E 28 29.00 42.70 2.93
C ASN E 28 29.42 41.23 2.99
N SER E 29 28.70 40.39 2.26
CA SER E 29 28.85 38.95 2.39
C SER E 29 28.53 38.20 1.09
N GLY E 30 29.13 37.01 0.97
CA GLY E 30 28.83 36.04 -0.09
C GLY E 30 28.55 36.58 -1.47
N ILE E 31 27.33 36.40 -1.92
CA ILE E 31 26.89 36.84 -3.25
C ILE E 31 26.94 38.36 -3.41
N GLY E 32 26.36 39.08 -2.45
CA GLY E 32 26.34 40.54 -2.51
C GLY E 32 27.73 41.12 -2.70
N LEU E 33 28.69 40.62 -1.92
CA LEU E 33 30.05 41.12 -1.96
C LEU E 33 30.81 40.77 -3.27
N ALA E 34 30.67 39.53 -3.74
CA ALA E 34 31.31 39.07 -4.98
C ALA E 34 30.83 39.88 -6.21
N THR E 35 29.57 40.29 -6.13
CA THR E 35 28.93 41.09 -7.16
C THR E 35 29.49 42.51 -7.07
N ALA E 36 29.60 43.02 -5.83
CA ALA E 36 30.19 44.34 -5.59
C ALA E 36 31.59 44.42 -6.21
N LYS E 37 32.44 43.44 -5.89
CA LYS E 37 33.77 43.35 -6.52
C LYS E 37 33.67 43.42 -8.05
N ARG E 38 32.95 42.47 -8.65
CA ARG E 38 32.80 42.41 -10.10
C ARG E 38 32.28 43.71 -10.68
N PHE E 39 31.30 44.31 -10.01
CA PHE E 39 30.74 45.59 -10.44
C PHE E 39 31.83 46.66 -10.50
N VAL E 40 32.62 46.78 -9.44
CA VAL E 40 33.69 47.78 -9.39
C VAL E 40 34.75 47.50 -10.48
N ALA E 41 35.10 46.23 -10.61
CA ALA E 41 36.00 45.79 -11.68
C ALA E 41 35.51 46.27 -13.06
N GLU E 42 34.18 46.36 -13.24
CA GLU E 42 33.56 46.76 -14.49
C GLU E 42 33.30 48.25 -14.52
N GLY E 43 33.92 48.96 -13.56
CA GLY E 43 33.86 50.43 -13.49
C GLY E 43 32.61 51.07 -12.86
N ALA E 44 31.87 50.34 -12.03
CA ALA E 44 30.73 50.92 -11.38
C ALA E 44 31.13 51.54 -10.06
N TYR E 45 30.26 52.42 -9.54
CA TYR E 45 30.34 52.88 -8.16
C TYR E 45 29.30 52.11 -7.38
N VAL E 46 29.73 51.49 -6.28
CA VAL E 46 28.89 50.55 -5.56
C VAL E 46 28.60 50.99 -4.11
N PHE E 47 27.31 51.08 -3.78
CA PHE E 47 26.86 51.09 -2.40
C PHE E 47 26.62 49.65 -1.92
N ILE E 48 27.38 49.23 -0.89
CA ILE E 48 27.05 48.00 -0.17
C ILE E 48 26.29 48.33 1.13
N VAL E 49 25.32 47.47 1.42
CA VAL E 49 24.29 47.74 2.42
C VAL E 49 24.06 46.46 3.22
N GLY E 50 23.94 46.62 4.54
CA GLY E 50 23.85 45.49 5.46
C GLY E 50 23.76 46.00 6.87
N ARG E 51 23.60 45.09 7.83
CA ARG E 51 23.41 45.46 9.23
C ARG E 51 24.72 45.53 10.02
N ARG E 52 25.61 44.57 9.78
CA ARG E 52 26.85 44.44 10.55
C ARG E 52 27.93 45.40 10.07
N ARG E 53 28.32 46.32 10.95
CA ARG E 53 29.28 47.38 10.65
C ARG E 53 30.70 46.87 10.44
N LYS E 54 31.12 45.91 11.25
CA LYS E 54 32.42 45.29 11.11
C LYS E 54 32.62 44.77 9.69
N GLU E 55 31.68 43.93 9.24
CA GLU E 55 31.74 43.26 7.95
C GLU E 55 31.64 44.25 6.80
N LEU E 56 30.74 45.22 6.92
CA LEU E 56 30.64 46.29 5.95
C LEU E 56 32.00 46.94 5.71
N GLU E 57 32.65 47.35 6.80
CA GLU E 57 33.99 47.97 6.73
C GLU E 57 35.03 47.05 6.09
N GLN E 58 34.98 45.77 6.41
CA GLN E 58 35.90 44.78 5.83
C GLN E 58 35.63 44.59 4.34
N ALA E 59 34.36 44.51 3.97
CA ALA E 59 33.96 44.34 2.59
C ALA E 59 34.42 45.52 1.76
N ALA E 60 34.15 46.74 2.26
CA ALA E 60 34.60 47.97 1.61
C ALA E 60 36.12 47.97 1.44
N ALA E 61 36.83 47.51 2.46
CA ALA E 61 38.28 47.38 2.39
C ALA E 61 38.69 46.42 1.27
N GLU E 62 38.06 45.24 1.23
CA GLU E 62 38.35 44.22 0.21
C GLU E 62 38.06 44.70 -1.19
N ILE E 63 36.88 45.28 -1.39
CA ILE E 63 36.53 45.90 -2.67
C ILE E 63 37.59 46.92 -3.07
N GLY E 64 37.98 47.79 -2.15
CA GLY E 64 39.10 48.70 -2.41
C GLY E 64 38.73 50.10 -2.85
N ARG E 65 38.16 50.22 -4.06
CA ARG E 65 37.85 51.54 -4.64
C ARG E 65 36.38 51.69 -5.02
N ASN E 66 35.97 52.94 -5.28
CA ASN E 66 34.62 53.27 -5.72
C ASN E 66 33.46 52.64 -4.92
N VAL E 67 33.59 52.60 -3.60
CA VAL E 67 32.61 51.91 -2.77
C VAL E 67 32.24 52.72 -1.54
N THR E 68 30.96 52.65 -1.18
CA THR E 68 30.46 53.27 0.03
C THR E 68 29.65 52.25 0.80
N ALA E 69 30.02 52.03 2.05
CA ALA E 69 29.30 51.10 2.90
C ALA E 69 28.21 51.88 3.62
N VAL E 70 27.02 51.29 3.68
CA VAL E 70 25.92 51.93 4.36
C VAL E 70 25.29 50.90 5.29
N LYS E 71 25.19 51.25 6.57
CA LYS E 71 24.51 50.39 7.54
C LYS E 71 23.01 50.61 7.41
N ALA E 72 22.27 49.53 7.20
CA ALA E 72 20.83 49.59 7.09
C ALA E 72 20.22 48.23 7.30
N ASP E 73 19.04 48.24 7.92
CA ASP E 73 18.24 47.05 8.05
C ASP E 73 17.03 47.23 7.13
N VAL E 74 16.93 46.37 6.13
CA VAL E 74 15.89 46.50 5.09
C VAL E 74 14.48 46.33 5.64
N THR E 75 14.36 45.73 6.81
CA THR E 75 13.06 45.61 7.46
C THR E 75 12.65 46.88 8.20
N LYS E 76 13.56 47.85 8.26
CA LYS E 76 13.30 49.15 8.90
C LYS E 76 13.16 50.28 7.89
N LEU E 77 11.93 50.75 7.68
CA LEU E 77 11.69 51.76 6.67
C LEU E 77 12.63 52.96 6.79
N GLU E 78 12.83 53.42 8.02
CA GLU E 78 13.68 54.59 8.27
C GLU E 78 15.12 54.33 7.87
N ASP E 79 15.58 53.09 8.02
CA ASP E 79 16.94 52.74 7.54
C ASP E 79 17.04 52.89 6.01
N LEU E 80 15.98 52.54 5.31
CA LEU E 80 15.94 52.63 3.87
C LEU E 80 15.95 54.08 3.40
N ASP E 81 15.15 54.90 4.06
CA ASP E 81 15.08 56.35 3.81
C ASP E 81 16.44 56.97 3.98
N ARG E 82 17.10 56.61 5.08
CA ARG E 82 18.46 57.06 5.33
C ARG E 82 19.41 56.58 4.23
N LEU E 83 19.32 55.31 3.86
CA LEU E 83 20.13 54.76 2.79
C LEU E 83 20.01 55.65 1.55
N TYR E 84 18.78 55.91 1.12
CA TYR E 84 18.57 56.59 -0.14
C TYR E 84 18.88 58.06 -0.08
N ALA E 85 18.89 58.62 1.11
CA ALA E 85 19.35 59.99 1.31
C ALA E 85 20.83 60.06 1.01
N ILE E 86 21.60 59.16 1.65
CA ILE E 86 23.04 59.05 1.41
C ILE E 86 23.36 58.83 -0.09
N VAL E 87 22.77 57.79 -0.67
CA VAL E 87 22.87 57.51 -2.07
C VAL E 87 22.72 58.80 -2.84
N ARG E 88 21.59 59.48 -2.62
CA ARG E 88 21.30 60.72 -3.32
C ARG E 88 22.38 61.79 -3.16
N GLU E 89 22.81 62.05 -1.94
CA GLU E 89 23.85 63.05 -1.70
C GLU E 89 25.13 62.69 -2.46
N GLN E 90 25.60 61.45 -2.28
CA GLN E 90 26.88 61.01 -2.83
C GLN E 90 26.90 60.86 -4.36
N ARG E 91 25.88 60.25 -4.95
CA ARG E 91 25.89 59.95 -6.39
C ARG E 91 24.67 60.40 -7.16
N GLY E 92 23.58 60.71 -6.46
CA GLY E 92 22.41 61.33 -7.10
C GLY E 92 21.40 60.42 -7.77
N SER E 93 21.85 59.29 -8.31
CA SER E 93 20.92 58.40 -9.04
C SER E 93 21.42 56.98 -9.05
N ILE E 94 20.53 56.06 -9.40
CA ILE E 94 20.86 54.63 -9.37
C ILE E 94 20.62 54.02 -10.74
N ASP E 95 21.64 53.38 -11.25
CA ASP E 95 21.54 52.67 -12.53
C ASP E 95 21.23 51.19 -12.34
N VAL E 96 21.84 50.59 -11.33
CA VAL E 96 21.62 49.18 -11.00
C VAL E 96 21.26 48.98 -9.53
N LEU E 97 20.09 48.43 -9.27
CA LEU E 97 19.68 48.01 -7.92
C LEU E 97 19.66 46.50 -7.85
N PHE E 98 20.45 45.96 -6.93
CA PHE E 98 20.49 44.52 -6.69
C PHE E 98 19.91 44.25 -5.27
N ALA E 99 18.60 44.01 -5.24
CA ALA E 99 17.88 43.75 -4.00
C ALA E 99 18.15 42.33 -3.57
N ASN E 100 19.23 42.17 -2.83
CA ASN E 100 19.81 40.86 -2.63
C ASN E 100 19.75 40.30 -1.20
N SER E 101 19.75 41.19 -0.21
CA SER E 101 19.61 40.78 1.20
C SER E 101 18.43 39.84 1.38
N GLY E 102 18.70 38.74 2.09
CA GLY E 102 17.71 37.74 2.40
C GLY E 102 18.33 36.70 3.32
N ALA E 103 17.50 35.81 3.86
CA ALA E 103 17.92 34.90 4.93
C ALA E 103 17.00 33.68 5.01
N ILE E 104 17.59 32.54 5.42
CA ILE E 104 16.88 31.24 5.57
C ILE E 104 16.97 30.62 6.96
N GLU E 105 15.83 30.14 7.44
CA GLU E 105 15.78 29.37 8.68
C GLU E 105 14.93 28.12 8.41
N GLN E 106 15.52 26.94 8.62
CA GLN E 106 14.82 25.68 8.34
C GLN E 106 13.84 25.34 9.45
N LYS E 107 12.57 25.21 9.08
CA LYS E 107 11.50 24.72 9.95
C LYS E 107 10.48 24.03 9.07
N THR E 108 9.96 22.88 9.52
CA THR E 108 8.92 22.15 8.78
C THR E 108 7.56 22.77 9.12
N LEU E 109 6.52 22.36 8.40
CA LEU E 109 5.18 22.90 8.64
C LEU E 109 4.79 22.84 10.11
N GLU E 110 4.98 21.66 10.72
CA GLU E 110 4.68 21.43 12.13
C GLU E 110 5.38 22.44 13.03
N GLU E 111 6.64 22.70 12.74
CA GLU E 111 7.50 23.53 13.55
C GLU E 111 7.25 25.04 13.40
N ILE E 112 6.45 25.45 12.41
CA ILE E 112 6.37 26.86 12.07
C ILE E 112 5.71 27.68 13.19
N THR E 113 6.44 28.67 13.69
CA THR E 113 5.88 29.61 14.64
C THR E 113 5.58 30.90 13.89
N PRO E 114 4.77 31.80 14.49
CA PRO E 114 4.55 33.13 13.89
C PRO E 114 5.83 33.98 13.79
N GLU E 115 6.73 33.84 14.75
CA GLU E 115 7.93 34.64 14.77
C GLU E 115 8.83 34.21 13.61
N HIS E 116 8.97 32.90 13.42
CA HIS E 116 9.70 32.34 12.29
C HIS E 116 9.16 32.82 10.99
N TYR E 117 7.85 32.74 10.82
CA TYR E 117 7.21 33.22 9.61
C TYR E 117 7.58 34.68 9.35
N ASP E 118 7.39 35.55 10.34
CA ASP E 118 7.64 36.98 10.19
C ASP E 118 9.09 37.30 9.91
N ARG E 119 10.01 36.57 10.55
CA ARG E 119 11.44 36.75 10.26
C ARG E 119 11.74 36.51 8.79
N THR E 120 11.25 35.40 8.25
CA THR E 120 11.48 35.05 6.84
C THR E 120 10.85 36.07 5.90
N PHE E 121 9.55 36.34 6.07
CA PHE E 121 8.86 37.21 5.14
C PHE E 121 9.25 38.70 5.23
N ASP E 122 9.69 39.14 6.40
CA ASP E 122 10.12 40.51 6.60
C ASP E 122 11.35 40.85 5.80
N VAL E 123 12.36 40.00 5.87
CA VAL E 123 13.62 40.25 5.17
C VAL E 123 13.53 39.85 3.68
N ASN E 124 12.92 38.71 3.40
CA ASN E 124 12.96 38.16 2.05
C ASN E 124 11.96 38.84 1.12
N VAL E 125 10.83 39.26 1.66
CA VAL E 125 9.74 39.76 0.82
C VAL E 125 9.40 41.21 1.13
N ARG E 126 9.08 41.50 2.40
CA ARG E 126 8.70 42.82 2.85
C ARG E 126 9.84 43.81 2.66
N GLY E 127 11.01 43.47 3.18
CA GLY E 127 12.17 44.35 3.09
C GLY E 127 12.50 44.67 1.64
N LEU E 128 12.48 43.64 0.80
CA LEU E 128 12.74 43.77 -0.62
C LEU E 128 11.73 44.72 -1.29
N ILE E 129 10.44 44.50 -1.06
CA ILE E 129 9.40 45.40 -1.59
C ILE E 129 9.72 46.86 -1.28
N PHE E 130 10.08 47.16 -0.05
CA PHE E 130 10.35 48.53 0.30
C PHE E 130 11.70 49.04 -0.22
N THR E 131 12.69 48.17 -0.25
CA THR E 131 13.94 48.44 -0.93
C THR E 131 13.70 49.00 -2.33
N VAL E 132 12.86 48.33 -3.12
CA VAL E 132 12.64 48.73 -4.53
C VAL E 132 11.73 49.96 -4.66
N GLN E 133 10.71 50.02 -3.77
CA GLN E 133 9.77 51.17 -3.73
C GLN E 133 10.45 52.50 -3.48
N LYS E 134 11.37 52.51 -2.54
CA LYS E 134 12.03 53.72 -2.13
C LYS E 134 13.21 54.06 -3.03
N ALA E 135 13.58 53.14 -3.92
CA ALA E 135 14.62 53.43 -4.90
C ALA E 135 14.04 54.10 -6.14
N LEU E 136 12.73 53.97 -6.33
CA LEU E 136 12.04 54.53 -7.52
C LEU E 136 12.33 56.00 -7.90
N PRO E 137 12.31 56.93 -6.93
CA PRO E 137 12.68 58.32 -7.21
C PRO E 137 14.10 58.51 -7.74
N LEU E 138 15.02 57.67 -7.30
CA LEU E 138 16.44 57.76 -7.71
C LEU E 138 16.80 56.92 -8.92
N LEU E 139 15.97 55.93 -9.21
CA LEU E 139 16.22 55.02 -10.33
C LEU E 139 16.15 55.73 -11.66
N ARG E 140 17.21 55.55 -12.45
CA ARG E 140 17.31 56.11 -13.79
C ARG E 140 16.38 55.40 -14.75
N ASP E 141 15.73 56.16 -15.63
CA ASP E 141 15.07 55.57 -16.78
C ASP E 141 16.10 54.72 -17.52
N GLY E 142 15.67 53.57 -18.02
CA GLY E 142 16.60 52.63 -18.66
C GLY E 142 17.42 51.80 -17.70
N GLY E 143 17.12 51.92 -16.41
CA GLY E 143 17.87 51.19 -15.38
C GLY E 143 17.49 49.73 -15.22
N SER E 144 18.19 49.03 -14.33
CA SER E 144 18.02 47.60 -14.16
C SER E 144 17.96 47.18 -12.71
N VAL E 145 16.85 46.53 -12.33
CA VAL E 145 16.64 45.98 -11.01
C VAL E 145 16.77 44.48 -11.03
N ILE E 146 17.59 43.93 -10.14
CA ILE E 146 17.73 42.45 -10.03
C ILE E 146 17.33 41.98 -8.63
N LEU E 147 16.38 41.05 -8.60
CA LEU E 147 15.93 40.46 -7.37
C LEU E 147 16.50 39.07 -7.21
N THR E 148 16.95 38.73 -6.02
CA THR E 148 17.52 37.42 -5.77
C THR E 148 16.44 36.49 -5.26
N SER E 149 15.89 35.68 -6.16
CA SER E 149 14.98 34.63 -5.76
C SER E 149 15.82 33.44 -5.30
N SER E 150 15.39 32.22 -5.63
CA SER E 150 16.16 31.00 -5.30
C SER E 150 15.60 29.81 -6.04
N VAL E 151 16.40 28.78 -6.27
CA VAL E 151 15.83 27.52 -6.81
C VAL E 151 14.74 26.95 -5.91
N ALA E 152 14.81 27.24 -4.60
CA ALA E 152 13.76 26.90 -3.63
C ALA E 152 12.38 27.32 -4.09
N GLY E 153 12.31 28.38 -4.86
CA GLY E 153 11.02 28.94 -5.27
C GLY E 153 10.28 28.12 -6.31
N VAL E 154 10.93 27.11 -6.89
CA VAL E 154 10.28 26.18 -7.81
C VAL E 154 10.38 24.72 -7.33
N LEU E 155 11.02 24.49 -6.18
CA LEU E 155 11.21 23.15 -5.64
C LEU E 155 10.41 22.91 -4.35
N GLY E 156 10.27 21.63 -3.98
CA GLY E 156 9.59 21.25 -2.74
C GLY E 156 10.57 20.63 -1.78
N LEU E 157 11.31 21.47 -1.06
CA LEU E 157 12.41 21.02 -0.21
C LEU E 157 12.00 20.90 1.25
N GLN E 158 12.32 19.76 1.86
CA GLN E 158 11.99 19.52 3.27
C GLN E 158 12.35 20.73 4.14
N ALA E 159 11.40 21.15 4.99
CA ALA E 159 11.61 22.23 5.99
C ALA E 159 12.09 23.55 5.40
N HIS E 160 11.63 23.87 4.21
CA HIS E 160 11.98 25.12 3.55
C HIS E 160 10.72 25.94 3.35
N ASP E 161 9.68 25.59 4.11
CA ASP E 161 8.34 26.09 3.85
C ASP E 161 8.23 27.59 3.59
N THR E 162 8.78 28.40 4.49
CA THR E 162 8.64 29.84 4.36
C THR E 162 9.66 30.41 3.41
N TYR E 163 10.90 30.01 3.56
CA TYR E 163 11.94 30.47 2.63
C TYR E 163 11.49 30.35 1.18
N SER E 164 11.16 29.12 0.78
CA SER E 164 10.73 28.83 -0.60
C SER E 164 9.55 29.65 -1.04
N ALA E 165 8.54 29.76 -0.18
CA ALA E 165 7.36 30.61 -0.45
C ALA E 165 7.73 32.09 -0.63
N ALA E 166 8.57 32.61 0.27
CA ALA E 166 9.04 33.97 0.16
C ALA E 166 9.73 34.20 -1.19
N LYS E 167 10.70 33.35 -1.54
CA LYS E 167 11.46 33.50 -2.81
C LYS E 167 10.58 33.31 -4.06
N ALA E 168 9.52 32.51 -3.93
CA ALA E 168 8.53 32.41 -4.99
C ALA E 168 7.76 33.72 -5.08
N ALA E 169 7.57 34.40 -3.93
CA ALA E 169 6.97 35.71 -3.91
C ALA E 169 7.87 36.71 -4.64
N VAL E 170 9.17 36.66 -4.35
CA VAL E 170 10.15 37.54 -4.98
C VAL E 170 10.17 37.40 -6.51
N ARG E 171 10.06 36.18 -7.02
CA ARG E 171 10.03 35.98 -8.48
C ARG E 171 8.81 36.68 -9.08
N SER E 172 7.68 36.59 -8.37
CA SER E 172 6.43 37.17 -8.84
C SER E 172 6.55 38.69 -9.00
N LEU E 173 7.14 39.35 -7.98
CA LEU E 173 7.37 40.78 -7.99
C LEU E 173 8.12 41.27 -9.24
N ALA E 174 9.10 40.49 -9.71
CA ALA E 174 9.79 40.81 -10.99
C ALA E 174 8.87 40.86 -12.18
N ARG E 175 7.86 39.98 -12.22
CA ARG E 175 6.85 40.03 -13.28
C ARG E 175 5.97 41.30 -13.14
N THR E 176 5.40 41.52 -11.94
CA THR E 176 4.55 42.66 -11.68
C THR E 176 5.28 43.97 -11.98
N TRP E 177 6.52 44.10 -11.51
CA TRP E 177 7.26 45.35 -11.67
C TRP E 177 7.73 45.56 -13.07
N THR E 178 7.77 44.49 -13.85
CA THR E 178 8.07 44.63 -15.27
C THR E 178 6.95 45.44 -15.94
N THR E 179 5.71 45.11 -15.58
CA THR E 179 4.56 45.87 -16.05
C THR E 179 4.50 47.27 -15.44
N GLU E 180 4.74 47.39 -14.16
CA GLU E 180 4.58 48.70 -13.53
C GLU E 180 5.68 49.71 -13.91
N LEU E 181 6.85 49.23 -14.25
CA LEU E 181 7.96 50.14 -14.57
C LEU E 181 8.32 50.21 -16.07
N LYS E 182 7.55 49.54 -16.91
CA LYS E 182 7.85 49.52 -18.32
C LYS E 182 7.87 50.91 -18.91
N GLY E 183 6.95 51.76 -18.45
CA GLY E 183 6.88 53.16 -18.87
C GLY E 183 8.21 53.90 -18.76
N ARG E 184 9.00 53.58 -17.73
CA ARG E 184 10.29 54.20 -17.52
C ARG E 184 11.43 53.38 -18.12
N SER E 185 11.09 52.33 -18.89
CA SER E 185 12.10 51.47 -19.49
C SER E 185 13.05 50.83 -18.47
N ILE E 186 12.56 50.60 -17.26
CA ILE E 186 13.35 49.96 -16.22
C ILE E 186 13.11 48.46 -16.33
N ARG E 187 14.21 47.71 -16.50
CA ARG E 187 14.13 46.25 -16.54
C ARG E 187 14.23 45.64 -15.14
N VAL E 188 13.32 44.73 -14.81
CA VAL E 188 13.33 44.03 -13.53
C VAL E 188 13.41 42.55 -13.78
N ASN E 189 14.44 41.90 -13.23
CA ASN E 189 14.66 40.45 -13.43
C ASN E 189 15.02 39.73 -12.14
N ALA E 190 14.60 38.47 -12.04
CA ALA E 190 14.90 37.64 -10.89
C ALA E 190 16.05 36.72 -11.23
N VAL E 191 17.04 36.66 -10.36
CA VAL E 191 18.08 35.64 -10.42
C VAL E 191 17.79 34.58 -9.36
N SER E 192 17.70 33.32 -9.75
CA SER E 192 17.49 32.22 -8.80
C SER E 192 18.72 31.34 -8.77
N PRO E 193 19.56 31.50 -7.74
CA PRO E 193 20.73 30.64 -7.54
C PRO E 193 20.39 29.27 -6.96
N GLY E 194 21.17 28.27 -7.34
CA GLY E 194 21.11 26.98 -6.66
C GLY E 194 22.07 27.00 -5.48
N ALA E 195 22.81 25.92 -5.31
CA ALA E 195 23.87 25.87 -4.33
C ALA E 195 25.04 26.74 -4.73
N ILE E 196 25.28 27.77 -3.94
CA ILE E 196 26.43 28.65 -4.14
C ILE E 196 27.26 28.67 -2.85
N ASP E 197 28.57 28.57 -3.00
CA ASP E 197 29.50 28.48 -1.88
C ASP E 197 29.61 29.80 -1.09
N THR E 198 28.67 30.02 -0.16
CA THR E 198 28.57 31.27 0.58
C THR E 198 28.20 30.97 2.03
N PRO E 199 28.37 31.95 2.95
CA PRO E 199 28.00 31.79 4.38
C PRO E 199 26.57 31.31 4.70
N ILE E 200 25.60 31.51 3.80
CA ILE E 200 24.21 31.07 4.04
C ILE E 200 24.04 29.56 4.26
N ILE E 201 24.95 28.76 3.69
CA ILE E 201 25.00 27.30 3.86
C ILE E 201 25.53 26.98 5.26
N GLU E 202 26.69 27.55 5.60
CA GLU E 202 27.33 27.33 6.91
C GLU E 202 26.47 27.81 8.09
N ASN E 203 25.82 28.95 7.93
CA ASN E 203 25.07 29.59 9.00
C ASN E 203 23.74 28.93 9.37
N GLN E 204 23.35 27.88 8.63
CA GLN E 204 22.11 27.18 8.92
C GLN E 204 22.31 25.81 9.56
N VAL E 205 23.47 25.19 9.33
CA VAL E 205 23.84 23.95 10.04
C VAL E 205 24.28 24.26 11.48
N SER E 206 24.35 23.23 12.31
CA SER E 206 24.80 23.39 13.69
C SER E 206 26.26 22.97 13.86
N THR E 207 26.77 22.19 12.90
CA THR E 207 28.13 21.65 12.97
C THR E 207 28.86 21.74 11.61
N GLN E 208 30.18 21.98 11.68
CA GLN E 208 31.05 22.12 10.49
C GLN E 208 31.18 20.81 9.70
N GLU E 209 30.86 19.71 10.37
CA GLU E 209 30.83 18.40 9.76
C GLU E 209 29.63 18.28 8.81
N GLU E 210 28.45 18.67 9.30
CA GLU E 210 27.21 18.66 8.53
C GLU E 210 27.35 19.42 7.21
N ALA E 211 28.04 20.56 7.26
CA ALA E 211 28.22 21.46 6.12
C ALA E 211 29.01 20.82 4.97
N ASP E 212 29.95 19.94 5.30
CA ASP E 212 30.69 19.18 4.29
C ASP E 212 29.77 18.23 3.53
N GLU E 213 28.71 17.78 4.21
CA GLU E 213 27.78 16.78 3.67
C GLU E 213 26.63 17.42 2.90
N LEU E 214 26.17 18.57 3.35
CA LEU E 214 25.13 19.34 2.65
C LEU E 214 25.65 19.85 1.31
N ARG E 215 26.94 20.12 1.24
CA ARG E 215 27.60 20.53 0.00
C ARG E 215 27.82 19.38 -0.98
N ALA E 216 28.17 18.21 -0.46
CA ALA E 216 28.36 17.03 -1.30
C ALA E 216 27.02 16.49 -1.81
N LYS E 217 25.95 16.77 -1.06
CA LYS E 217 24.59 16.37 -1.44
C LYS E 217 24.08 17.19 -2.64
N PHE E 218 24.30 18.51 -2.58
CA PHE E 218 23.89 19.42 -3.64
C PHE E 218 24.69 19.21 -4.91
N ALA E 219 25.97 18.93 -4.76
CA ALA E 219 26.84 18.60 -5.89
C ALA E 219 26.35 17.38 -6.67
N ALA E 220 25.88 16.38 -5.96
CA ALA E 220 25.38 15.13 -6.56
C ALA E 220 24.13 15.39 -7.38
N ALA E 221 23.28 16.29 -6.87
CA ALA E 221 21.99 16.60 -7.50
C ALA E 221 22.12 17.52 -8.73
N THR E 222 23.29 18.12 -8.91
CA THR E 222 23.51 19.16 -9.91
C THR E 222 24.32 18.66 -11.11
N PRO E 223 23.72 18.69 -12.30
CA PRO E 223 24.39 18.19 -13.51
C PRO E 223 25.86 18.60 -13.63
N LEU E 224 26.21 19.83 -13.24
CA LEU E 224 27.59 20.29 -13.33
C LEU E 224 28.49 19.73 -12.23
N GLY E 225 27.92 18.86 -11.40
CA GLY E 225 28.63 18.15 -10.34
C GLY E 225 29.42 18.96 -9.32
N ARG E 226 28.95 20.16 -8.97
CA ARG E 226 29.66 21.04 -8.03
C ARG E 226 28.78 22.19 -7.56
N VAL E 227 29.06 22.69 -6.36
CA VAL E 227 28.43 23.93 -5.91
C VAL E 227 28.99 25.07 -6.75
N GLY E 228 28.23 26.18 -6.83
CA GLY E 228 28.67 27.33 -7.61
C GLY E 228 29.57 28.24 -6.81
N ARG E 229 30.49 28.92 -7.49
CA ARG E 229 31.32 29.94 -6.86
C ARG E 229 30.57 31.28 -6.87
N PRO E 230 30.65 32.06 -5.76
CA PRO E 230 30.01 33.39 -5.71
C PRO E 230 30.34 34.27 -6.91
N GLU E 231 31.57 34.11 -7.44
CA GLU E 231 32.03 34.80 -8.66
C GLU E 231 31.08 34.56 -9.82
N GLU E 232 30.57 33.33 -9.90
CA GLU E 232 29.68 32.91 -10.97
C GLU E 232 28.25 33.47 -10.87
N LEU E 233 27.73 33.60 -9.65
CA LEU E 233 26.48 34.32 -9.46
C LEU E 233 26.61 35.80 -9.83
N ALA E 234 27.70 36.41 -9.40
CA ALA E 234 28.00 37.82 -9.73
C ALA E 234 28.03 38.04 -11.24
N ALA E 235 28.67 37.13 -11.99
CA ALA E 235 28.73 37.24 -13.45
C ALA E 235 27.34 37.18 -14.06
N ALA E 236 26.51 36.23 -13.61
CA ALA E 236 25.12 36.20 -14.00
C ALA E 236 24.38 37.51 -13.67
N VAL E 237 24.59 38.05 -12.47
CA VAL E 237 23.94 39.31 -12.07
C VAL E 237 24.43 40.47 -12.98
N LEU E 238 25.73 40.47 -13.28
CA LEU E 238 26.31 41.47 -14.17
C LEU E 238 25.61 41.46 -15.51
N PHE E 239 25.29 40.28 -16.03
CA PHE E 239 24.61 40.16 -17.33
C PHE E 239 23.31 40.95 -17.26
N LEU E 240 22.57 40.73 -16.18
CA LEU E 240 21.29 41.39 -15.99
C LEU E 240 21.46 42.91 -15.78
N ALA E 241 22.52 43.27 -15.06
CA ALA E 241 22.85 44.68 -14.82
C ALA E 241 23.31 45.45 -16.06
N SER E 242 23.92 44.72 -17.00
CA SER E 242 24.58 45.33 -18.16
C SER E 242 23.65 45.53 -19.36
N ASP E 243 24.17 46.15 -20.41
CA ASP E 243 23.42 46.41 -21.65
C ASP E 243 23.15 45.14 -22.43
N ASP E 244 23.95 44.10 -22.16
CA ASP E 244 23.81 42.81 -22.83
C ASP E 244 22.39 42.24 -22.69
N SER E 245 21.75 42.50 -21.52
CA SER E 245 20.41 42.02 -21.24
C SER E 245 19.34 43.06 -21.58
N SER E 246 19.68 44.01 -22.46
CA SER E 246 18.80 45.12 -22.75
C SER E 246 17.39 44.73 -23.25
N TYR E 247 17.28 43.51 -23.78
CA TYR E 247 15.97 43.02 -24.22
C TYR E 247 15.47 41.84 -23.37
N VAL E 248 16.07 41.71 -22.19
CA VAL E 248 15.66 40.68 -21.22
C VAL E 248 14.86 41.31 -20.08
N ALA E 249 13.59 40.95 -19.97
CA ALA E 249 12.71 41.53 -18.94
C ALA E 249 11.84 40.53 -18.19
N GLY E 250 11.80 40.65 -16.87
CA GLY E 250 10.84 39.91 -16.04
C GLY E 250 11.14 38.43 -15.88
N ILE E 251 12.37 38.03 -16.20
CA ILE E 251 12.71 36.60 -16.23
C ILE E 251 13.17 36.02 -14.90
N GLU E 252 13.19 34.70 -14.85
CA GLU E 252 13.86 33.98 -13.79
C GLU E 252 15.09 33.26 -14.40
N LEU E 253 16.25 33.85 -14.15
CA LEU E 253 17.52 33.31 -14.58
C LEU E 253 18.03 32.33 -13.55
N PHE E 254 17.92 31.02 -13.83
CA PHE E 254 18.45 29.97 -12.96
C PHE E 254 19.97 29.83 -13.09
N VAL E 255 20.70 30.11 -12.03
CA VAL E 255 22.15 29.91 -11.96
C VAL E 255 22.35 28.80 -10.93
N ASP E 256 22.17 27.57 -11.38
CA ASP E 256 22.13 26.42 -10.49
C ASP E 256 22.86 25.18 -11.04
N GLY E 257 23.69 25.37 -12.07
CA GLY E 257 24.35 24.26 -12.75
C GLY E 257 23.44 23.18 -13.34
N GLY E 258 22.17 23.51 -13.58
CA GLY E 258 21.23 22.56 -14.20
C GLY E 258 20.27 21.84 -13.26
N LEU E 259 20.36 22.18 -11.96
CA LEU E 259 19.60 21.55 -10.88
C LEU E 259 18.11 21.48 -11.16
N THR E 260 17.52 22.62 -11.50
CA THR E 260 16.08 22.67 -11.69
C THR E 260 15.69 22.42 -13.13
N GLN E 261 16.67 22.26 -14.02
CA GLN E 261 16.38 22.19 -15.44
C GLN E 261 16.24 20.78 -16.01
N VAL E 262 16.68 19.78 -15.26
CA VAL E 262 16.71 18.38 -15.79
C VAL E 262 15.82 17.46 -14.95
N ALA F 14 -22.44 7.37 -7.82
CA ALA F 14 -22.81 8.79 -8.11
C ALA F 14 -22.09 9.73 -7.16
N TYR F 15 -21.78 9.23 -5.97
CA TYR F 15 -21.27 10.03 -4.87
C TYR F 15 -19.77 9.85 -4.70
N ARG F 16 -19.00 10.79 -5.24
CA ARG F 16 -17.54 10.68 -5.30
C ARG F 16 -16.81 11.12 -4.03
N LEU F 17 -17.55 11.64 -3.06
CA LEU F 17 -16.98 12.01 -1.77
C LEU F 17 -17.85 11.50 -0.62
N LEU F 18 -18.46 10.34 -0.82
CA LEU F 18 -19.38 9.72 0.14
C LEU F 18 -18.76 9.52 1.53
N ASN F 19 -19.34 10.21 2.51
CA ASN F 19 -18.93 10.13 3.92
C ASN F 19 -17.60 10.75 4.26
N LYS F 20 -16.99 11.42 3.31
CA LYS F 20 -15.72 12.06 3.54
C LYS F 20 -16.06 13.36 4.21
N THR F 21 -15.22 13.76 5.16
CA THR F 21 -15.39 15.04 5.86
C THR F 21 -14.46 16.09 5.24
N ALA F 22 -15.03 17.24 4.90
CA ALA F 22 -14.27 18.33 4.29
C ALA F 22 -14.38 19.65 5.04
N VAL F 23 -13.28 20.40 5.08
CA VAL F 23 -13.23 21.74 5.67
C VAL F 23 -12.83 22.75 4.58
N ILE F 24 -13.65 23.79 4.43
CA ILE F 24 -13.44 24.83 3.42
C ILE F 24 -13.42 26.19 4.09
N THR F 25 -12.23 26.77 4.24
CA THR F 25 -12.15 28.17 4.65
C THR F 25 -12.61 29.04 3.46
N GLY F 26 -13.25 30.16 3.76
CA GLY F 26 -13.85 31.03 2.74
C GLY F 26 -15.07 30.40 2.11
N GLY F 27 -15.83 29.70 2.94
CA GLY F 27 -16.92 28.87 2.47
C GLY F 27 -18.30 29.50 2.40
N ASN F 28 -18.42 30.77 2.79
CA ASN F 28 -19.73 31.42 2.81
C ASN F 28 -19.98 32.23 1.56
N SER F 29 -19.05 32.15 0.62
CA SER F 29 -19.08 33.03 -0.53
C SER F 29 -18.45 32.40 -1.77
N GLY F 30 -18.87 32.88 -2.93
CA GLY F 30 -18.26 32.58 -4.23
C GLY F 30 -17.79 31.16 -4.45
N ILE F 31 -16.47 31.01 -4.59
CA ILE F 31 -15.82 29.71 -4.85
C ILE F 31 -16.00 28.75 -3.69
N GLY F 32 -15.68 29.20 -2.48
CA GLY F 32 -15.84 28.37 -1.29
C GLY F 32 -17.22 27.75 -1.19
N LEU F 33 -18.25 28.56 -1.40
CA LEU F 33 -19.64 28.09 -1.27
C LEU F 33 -20.07 27.12 -2.38
N ALA F 34 -19.70 27.43 -3.63
CA ALA F 34 -20.04 26.59 -4.77
C ALA F 34 -19.41 25.19 -4.64
N THR F 35 -18.23 25.16 -4.05
CA THR F 35 -17.51 23.93 -3.77
C THR F 35 -18.22 23.17 -2.65
N ALA F 36 -18.63 23.91 -1.62
CA ALA F 36 -19.40 23.32 -0.51
C ALA F 36 -20.67 22.60 -1.04
N LYS F 37 -21.44 23.31 -1.86
CA LYS F 37 -22.59 22.71 -2.50
C LYS F 37 -22.21 21.43 -3.21
N ARG F 38 -21.27 21.51 -4.16
CA ARG F 38 -20.85 20.37 -4.97
C ARG F 38 -20.37 19.23 -4.09
N PHE F 39 -19.58 19.56 -3.08
CA PHE F 39 -19.12 18.58 -2.11
C PHE F 39 -20.28 17.81 -1.46
N VAL F 40 -21.28 18.54 -0.98
CA VAL F 40 -22.44 17.91 -0.33
C VAL F 40 -23.23 17.05 -1.33
N ALA F 41 -23.37 17.58 -2.54
CA ALA F 41 -23.99 16.85 -3.62
C ALA F 41 -23.31 15.51 -3.84
N GLU F 42 -22.01 15.45 -3.60
CA GLU F 42 -21.19 14.24 -3.81
C GLU F 42 -21.07 13.44 -2.52
N GLY F 43 -21.93 13.78 -1.56
CA GLY F 43 -22.03 13.03 -0.30
C GLY F 43 -21.02 13.33 0.80
N ALA F 44 -20.41 14.51 0.78
CA ALA F 44 -19.47 14.86 1.84
C ALA F 44 -20.18 15.55 2.96
N TYR F 45 -19.51 15.62 4.11
CA TYR F 45 -19.93 16.49 5.21
C TYR F 45 -18.98 17.68 5.19
N VAL F 46 -19.55 18.87 5.18
CA VAL F 46 -18.78 20.09 4.95
C VAL F 46 -18.85 21.08 6.12
N PHE F 47 -17.66 21.44 6.61
CA PHE F 47 -17.49 22.63 7.42
C PHE F 47 -17.17 23.86 6.57
N ILE F 48 -18.09 24.84 6.59
CA ILE F 48 -17.79 26.15 5.98
C ILE F 48 -17.33 27.12 7.05
N VAL F 49 -16.33 27.92 6.70
CA VAL F 49 -15.57 28.74 7.63
C VAL F 49 -15.35 30.14 7.05
N GLY F 50 -15.52 31.15 7.89
CA GLY F 50 -15.47 32.53 7.45
C GLY F 50 -15.75 33.43 8.64
N ARG F 51 -15.68 34.75 8.41
CA ARG F 51 -15.82 35.73 9.51
C ARG F 51 -17.25 36.20 9.71
N ARG F 52 -17.97 36.43 8.61
CA ARG F 52 -19.31 37.00 8.68
C ARG F 52 -20.37 35.96 9.01
N ARG F 53 -21.01 36.17 10.16
CA ARG F 53 -22.00 35.23 10.70
C ARG F 53 -23.30 35.17 9.89
N LYS F 54 -23.76 36.33 9.44
CA LYS F 54 -24.94 36.42 8.59
C LYS F 54 -24.80 35.50 7.38
N GLU F 55 -23.70 35.69 6.64
CA GLU F 55 -23.44 34.97 5.38
C GLU F 55 -23.21 33.49 5.61
N LEU F 56 -22.46 33.16 6.67
CA LEU F 56 -22.30 31.78 7.08
C LEU F 56 -23.64 31.08 7.23
N GLU F 57 -24.55 31.69 8.00
CA GLU F 57 -25.88 31.15 8.22
C GLU F 57 -26.69 31.00 6.92
N GLN F 58 -26.58 31.99 6.04
CA GLN F 58 -27.25 31.93 4.73
C GLN F 58 -26.67 30.83 3.85
N ALA F 59 -25.35 30.70 3.85
CA ALA F 59 -24.66 29.70 3.05
C ALA F 59 -25.07 28.31 3.52
N ALA F 60 -25.05 28.09 4.83
CA ALA F 60 -25.49 26.82 5.40
C ALA F 60 -26.94 26.51 5.02
N ALA F 61 -27.79 27.54 5.05
CA ALA F 61 -29.17 27.40 4.62
C ALA F 61 -29.25 26.95 3.16
N GLU F 62 -28.52 27.65 2.28
CA GLU F 62 -28.49 27.33 0.83
C GLU F 62 -27.97 25.91 0.56
N ILE F 63 -26.85 25.54 1.17
CA ILE F 63 -26.32 24.20 1.09
C ILE F 63 -27.38 23.19 1.51
N GLY F 64 -28.04 23.44 2.63
CA GLY F 64 -29.18 22.61 3.05
C GLY F 64 -28.87 21.52 4.05
N ARG F 65 -28.11 20.49 3.64
CA ARG F 65 -27.81 19.33 4.50
C ARG F 65 -26.31 19.10 4.71
N ASN F 66 -26.00 18.24 5.66
CA ASN F 66 -24.62 17.84 5.98
C ASN F 66 -23.60 18.98 6.06
N VAL F 67 -23.98 20.09 6.69
CA VAL F 67 -23.12 21.27 6.76
C VAL F 67 -23.08 21.86 8.15
N THR F 68 -21.89 22.31 8.56
CA THR F 68 -21.70 23.06 9.80
C THR F 68 -20.96 24.33 9.50
N ALA F 69 -21.55 25.46 9.89
CA ALA F 69 -20.92 26.76 9.74
C ALA F 69 -20.06 27.07 10.95
N VAL F 70 -18.85 27.56 10.73
CA VAL F 70 -17.98 27.88 11.83
C VAL F 70 -17.44 29.26 11.58
N LYS F 71 -17.63 30.14 12.57
CA LYS F 71 -17.08 31.49 12.50
C LYS F 71 -15.61 31.43 12.90
N ALA F 72 -14.73 31.92 12.01
CA ALA F 72 -13.30 31.96 12.29
C ALA F 72 -12.61 32.96 11.41
N ASP F 73 -11.57 33.59 11.96
CA ASP F 73 -10.70 34.44 11.20
C ASP F 73 -9.37 33.71 11.09
N VAL F 74 -8.96 33.38 9.87
CA VAL F 74 -7.78 32.53 9.66
C VAL F 74 -6.49 33.22 10.08
N THR F 75 -6.54 34.54 10.21
CA THR F 75 -5.38 35.30 10.71
C THR F 75 -5.27 35.27 12.23
N LYS F 76 -6.27 34.69 12.89
CA LYS F 76 -6.27 34.53 14.35
C LYS F 76 -6.06 33.08 14.78
N LEU F 77 -4.87 32.78 15.30
CA LEU F 77 -4.53 31.40 15.66
C LEU F 77 -5.58 30.75 16.54
N GLU F 78 -6.06 31.49 17.54
CA GLU F 78 -7.08 30.98 18.48
C GLU F 78 -8.40 30.63 17.78
N ASP F 79 -8.77 31.38 16.73
CA ASP F 79 -9.94 31.02 15.92
C ASP F 79 -9.76 29.69 15.21
N LEU F 80 -8.54 29.41 14.77
CA LEU F 80 -8.23 28.16 14.10
C LEU F 80 -8.30 26.96 15.05
N ASP F 81 -7.72 27.13 16.23
CA ASP F 81 -7.76 26.15 17.32
C ASP F 81 -9.20 25.81 17.65
N ARG F 82 -10.02 26.84 17.80
CA ARG F 82 -11.44 26.66 18.06
C ARG F 82 -12.11 25.91 16.91
N LEU F 83 -11.82 26.32 15.68
CA LEU F 83 -12.34 25.63 14.49
C LEU F 83 -12.08 24.12 14.58
N TYR F 84 -10.81 23.77 14.79
CA TYR F 84 -10.43 22.38 14.75
C TYR F 84 -10.90 21.56 15.96
N ALA F 85 -11.19 22.26 17.06
CA ALA F 85 -11.84 21.62 18.21
C ALA F 85 -13.24 21.19 17.81
N ILE F 86 -14.02 22.11 17.24
CA ILE F 86 -15.37 21.83 16.76
C ILE F 86 -15.35 20.70 15.76
N VAL F 87 -14.55 20.84 14.69
CA VAL F 87 -14.37 19.80 13.68
C VAL F 87 -14.17 18.46 14.38
N ARG F 88 -13.19 18.40 15.28
CA ARG F 88 -12.89 17.18 16.02
C ARG F 88 -14.09 16.61 16.78
N GLU F 89 -14.79 17.44 17.55
CA GLU F 89 -15.96 16.99 18.29
C GLU F 89 -17.03 16.42 17.35
N GLN F 90 -17.39 17.20 16.34
CA GLN F 90 -18.48 16.83 15.42
C GLN F 90 -18.18 15.65 14.49
N ARG F 91 -16.99 15.59 13.89
CA ARG F 91 -16.71 14.54 12.90
C ARG F 91 -15.41 13.78 13.13
N GLY F 92 -14.52 14.34 13.93
CA GLY F 92 -13.31 13.59 14.33
C GLY F 92 -12.10 13.61 13.41
N SER F 93 -12.31 13.74 12.09
CA SER F 93 -11.18 13.73 11.17
C SER F 93 -11.51 14.46 9.88
N ILE F 94 -10.47 14.80 9.12
CA ILE F 94 -10.64 15.56 7.90
C ILE F 94 -10.08 14.76 6.71
N ASP F 95 -10.91 14.60 5.69
CA ASP F 95 -10.49 13.93 4.47
C ASP F 95 -10.03 14.93 3.41
N VAL F 96 -10.77 16.04 3.31
CA VAL F 96 -10.45 17.10 2.34
C VAL F 96 -10.40 18.48 3.04
N LEU F 97 -9.25 19.12 2.91
CA LEU F 97 -9.07 20.50 3.35
C LEU F 97 -8.91 21.40 2.14
N PHE F 98 -9.81 22.35 2.01
CA PHE F 98 -9.74 23.33 0.95
C PHE F 98 -9.42 24.72 1.55
N ALA F 99 -8.11 25.01 1.62
CA ALA F 99 -7.62 26.26 2.21
C ALA F 99 -7.83 27.40 1.22
N ASN F 100 -9.01 27.99 1.27
CA ASN F 100 -9.47 28.80 0.15
C ASN F 100 -9.63 30.28 0.47
N SER F 101 -9.92 30.64 1.73
CA SER F 101 -10.05 32.04 2.16
C SER F 101 -8.85 32.85 1.69
N GLY F 102 -9.15 34.02 1.14
CA GLY F 102 -8.11 34.92 0.63
C GLY F 102 -8.77 36.17 0.12
N ALA F 103 -7.97 37.21 -0.17
CA ALA F 103 -8.49 38.56 -0.46
C ALA F 103 -7.48 39.37 -1.24
N ILE F 104 -8.00 40.26 -2.10
CA ILE F 104 -7.20 41.17 -2.94
C ILE F 104 -7.51 42.67 -2.75
N GLU F 105 -6.46 43.46 -2.65
CA GLU F 105 -6.57 44.90 -2.66
C GLU F 105 -5.56 45.44 -3.70
N GLN F 106 -6.04 46.19 -4.68
CA GLN F 106 -5.18 46.75 -5.72
C GLN F 106 -4.41 47.98 -5.24
N LYS F 107 -3.09 47.87 -5.28
CA LYS F 107 -2.15 48.97 -5.03
C LYS F 107 -0.87 48.72 -5.87
N THR F 108 -0.35 49.79 -6.47
CA THR F 108 0.87 49.69 -7.26
C THR F 108 2.04 49.75 -6.32
N LEU F 109 3.24 49.49 -6.83
CA LEU F 109 4.46 49.55 -6.00
C LEU F 109 4.57 50.85 -5.20
N GLU F 110 4.42 51.98 -5.90
CA GLU F 110 4.42 53.32 -5.28
C GLU F 110 3.44 53.44 -4.10
N GLU F 111 2.24 52.92 -4.29
CA GLU F 111 1.16 53.03 -3.35
C GLU F 111 1.26 52.11 -2.13
N ILE F 112 2.18 51.14 -2.17
CA ILE F 112 2.19 50.10 -1.13
C ILE F 112 2.53 50.66 0.25
N THR F 113 1.63 50.45 1.18
CA THR F 113 1.88 50.77 2.59
C THR F 113 2.18 49.48 3.34
N PRO F 114 2.77 49.58 4.55
CA PRO F 114 2.96 48.38 5.37
C PRO F 114 1.65 47.69 5.77
N GLU F 115 0.59 48.47 5.96
CA GLU F 115 -0.68 47.92 6.41
C GLU F 115 -1.27 47.10 5.29
N HIS F 116 -1.29 47.67 4.09
CA HIS F 116 -1.68 46.94 2.89
C HIS F 116 -0.93 45.64 2.70
N TYR F 117 0.40 45.68 2.82
CA TYR F 117 1.21 44.48 2.70
C TYR F 117 0.78 43.42 3.69
N ASP F 118 0.66 43.81 4.95
CA ASP F 118 0.27 42.88 6.03
C ASP F 118 -1.13 42.31 5.86
N ARG F 119 -2.07 43.14 5.42
CA ARG F 119 -3.43 42.64 5.14
C ARG F 119 -3.40 41.52 4.12
N THR F 120 -2.69 41.73 2.99
CA THR F 120 -2.59 40.73 1.93
C THR F 120 -1.92 39.45 2.41
N PHE F 121 -0.74 39.59 2.99
CA PHE F 121 0.03 38.40 3.32
C PHE F 121 -0.50 37.62 4.53
N ASP F 122 -1.20 38.32 5.43
CA ASP F 122 -1.80 37.68 6.60
C ASP F 122 -2.89 36.69 6.19
N VAL F 123 -3.79 37.09 5.31
CA VAL F 123 -4.89 36.25 4.95
C VAL F 123 -4.49 35.25 3.86
N ASN F 124 -3.77 35.73 2.86
CA ASN F 124 -3.45 34.88 1.71
C ASN F 124 -2.36 33.85 1.95
N VAL F 125 -1.40 34.18 2.83
CA VAL F 125 -0.23 33.32 3.03
C VAL F 125 -0.12 32.84 4.47
N ARG F 126 -0.10 33.79 5.40
CA ARG F 126 0.06 33.46 6.83
C ARG F 126 -1.12 32.62 7.33
N GLY F 127 -2.32 33.13 7.10
CA GLY F 127 -3.53 32.45 7.56
C GLY F 127 -3.62 31.05 7.01
N LEU F 128 -3.30 30.92 5.71
CA LEU F 128 -3.29 29.61 5.02
C LEU F 128 -2.29 28.66 5.68
N ILE F 129 -1.07 29.14 5.90
CA ILE F 129 -0.02 28.31 6.52
C ILE F 129 -0.52 27.70 7.81
N PHE F 130 -1.16 28.52 8.65
CA PHE F 130 -1.64 28.02 9.93
C PHE F 130 -2.90 27.19 9.80
N THR F 131 -3.77 27.54 8.86
CA THR F 131 -4.92 26.68 8.51
C THR F 131 -4.46 25.23 8.27
N VAL F 132 -3.40 25.05 7.48
CA VAL F 132 -2.94 23.68 7.12
C VAL F 132 -2.14 23.02 8.25
N GLN F 133 -1.34 23.80 8.95
CA GLN F 133 -0.56 23.30 10.10
C GLN F 133 -1.42 22.70 11.19
N LYS F 134 -2.49 23.40 11.55
CA LYS F 134 -3.36 23.01 12.63
C LYS F 134 -4.39 21.94 12.20
N ALA F 135 -4.48 21.67 10.90
CA ALA F 135 -5.30 20.58 10.42
C ALA F 135 -4.57 19.26 10.47
N LEU F 136 -3.25 19.30 10.56
CA LEU F 136 -2.41 18.08 10.47
C LEU F 136 -2.78 16.93 11.42
N PRO F 137 -3.06 17.24 12.72
CA PRO F 137 -3.47 16.18 13.65
C PRO F 137 -4.77 15.48 13.26
N LEU F 138 -5.69 16.20 12.61
CA LEU F 138 -6.98 15.66 12.21
C LEU F 138 -7.02 15.07 10.80
N LEU F 139 -6.06 15.48 9.98
CA LEU F 139 -5.97 15.03 8.60
C LEU F 139 -5.72 13.55 8.51
N ARG F 140 -6.58 12.88 7.77
CA ARG F 140 -6.47 11.46 7.50
C ARG F 140 -5.29 11.14 6.60
N ASP F 141 -4.57 10.06 6.89
CA ASP F 141 -3.65 9.51 5.92
C ASP F 141 -4.40 9.26 4.63
N GLY F 142 -3.76 9.51 3.49
CA GLY F 142 -4.45 9.39 2.20
C GLY F 142 -5.38 10.57 1.86
N GLY F 143 -5.34 11.61 2.67
CA GLY F 143 -6.20 12.77 2.46
C GLY F 143 -5.69 13.73 1.42
N SER F 144 -6.49 14.78 1.18
CA SER F 144 -6.22 15.73 0.10
C SER F 144 -6.38 17.19 0.53
N VAL F 145 -5.29 17.95 0.43
CA VAL F 145 -5.30 19.38 0.68
C VAL F 145 -5.27 20.17 -0.64
N ILE F 146 -6.17 21.14 -0.80
CA ILE F 146 -6.16 22.01 -1.98
C ILE F 146 -6.00 23.44 -1.55
N LEU F 147 -4.99 24.09 -2.10
CA LEU F 147 -4.72 25.48 -1.89
C LEU F 147 -5.19 26.33 -3.05
N THR F 148 -5.83 27.47 -2.78
CA THR F 148 -6.29 28.33 -3.86
C THR F 148 -5.25 29.38 -4.16
N SER F 149 -4.45 29.13 -5.22
CA SER F 149 -3.51 30.13 -5.72
C SER F 149 -4.29 31.07 -6.63
N SER F 150 -3.69 31.50 -7.73
CA SER F 150 -4.36 32.37 -8.69
C SER F 150 -3.53 32.46 -9.96
N VAL F 151 -4.16 32.74 -11.10
CA VAL F 151 -3.39 33.06 -12.30
C VAL F 151 -2.46 34.23 -12.07
N ALA F 152 -2.85 35.16 -11.18
CA ALA F 152 -1.95 36.26 -10.75
C ALA F 152 -0.52 35.80 -10.40
N GLY F 153 -0.41 34.59 -9.88
CA GLY F 153 0.85 34.09 -9.38
C GLY F 153 1.88 33.74 -10.46
N VAL F 154 1.45 33.75 -11.73
CA VAL F 154 2.37 33.57 -12.86
C VAL F 154 2.35 34.77 -13.84
N LEU F 155 1.52 35.78 -13.54
CA LEU F 155 1.34 36.95 -14.43
C LEU F 155 1.92 38.23 -13.80
N GLY F 156 2.14 39.25 -14.63
CA GLY F 156 2.57 40.54 -14.15
C GLY F 156 1.48 41.56 -14.38
N LEU F 157 0.53 41.63 -13.44
CA LEU F 157 -0.66 42.47 -13.59
C LEU F 157 -0.52 43.79 -12.84
N GLN F 158 -0.86 44.89 -13.53
CA GLN F 158 -0.78 46.22 -12.93
C GLN F 158 -1.42 46.25 -11.54
N ALA F 159 -0.71 46.83 -10.56
CA ALA F 159 -1.24 47.03 -9.19
C ALA F 159 -1.72 45.78 -8.48
N HIS F 160 -1.09 44.65 -8.76
CA HIS F 160 -1.40 43.37 -8.11
C HIS F 160 -0.21 42.89 -7.33
N ASP F 161 0.72 43.80 -7.05
CA ASP F 161 2.01 43.47 -6.48
C ASP F 161 1.99 42.46 -5.35
N THR F 162 1.20 42.72 -4.31
CA THR F 162 1.20 41.84 -3.12
C THR F 162 0.32 40.63 -3.34
N TYR F 163 -0.88 40.83 -3.85
CA TYR F 163 -1.76 39.70 -4.16
C TYR F 163 -1.02 38.63 -4.92
N SER F 164 -0.50 38.99 -6.09
CA SER F 164 0.21 38.06 -6.98
C SER F 164 1.39 37.37 -6.26
N ALA F 165 2.20 38.14 -5.54
CA ALA F 165 3.30 37.57 -4.76
C ALA F 165 2.81 36.56 -3.71
N ALA F 166 1.77 36.93 -2.98
CA ALA F 166 1.18 36.05 -1.99
C ALA F 166 0.75 34.72 -2.61
N LYS F 167 0.01 34.78 -3.73
CA LYS F 167 -0.52 33.59 -4.38
C LYS F 167 0.57 32.75 -5.01
N ALA F 168 1.67 33.41 -5.39
CA ALA F 168 2.86 32.68 -5.85
C ALA F 168 3.48 31.97 -4.67
N ALA F 169 3.38 32.60 -3.48
CA ALA F 169 3.82 31.96 -2.24
C ALA F 169 2.98 30.69 -1.99
N VAL F 170 1.66 30.83 -2.15
CA VAL F 170 0.75 29.71 -1.95
C VAL F 170 1.05 28.51 -2.86
N ARG F 171 1.39 28.77 -4.12
CA ARG F 171 1.72 27.67 -5.03
C ARG F 171 2.97 26.92 -4.56
N SER F 172 3.95 27.68 -4.08
CA SER F 172 5.18 27.10 -3.55
C SER F 172 4.90 26.12 -2.40
N LEU F 173 4.06 26.55 -1.42
CA LEU F 173 3.70 25.73 -0.29
C LEU F 173 3.15 24.34 -0.68
N ALA F 174 2.38 24.27 -1.76
CA ALA F 174 1.92 22.98 -2.29
C ALA F 174 3.06 22.06 -2.70
N ARG F 175 4.16 22.63 -3.18
CA ARG F 175 5.34 21.81 -3.55
C ARG F 175 6.04 21.32 -2.29
N THR F 176 6.33 22.27 -1.36
CA THR F 176 6.99 21.95 -0.09
C THR F 176 6.17 20.90 0.72
N TRP F 177 4.86 21.08 0.82
CA TRP F 177 4.06 20.18 1.62
C TRP F 177 3.84 18.87 0.99
N THR F 178 4.08 18.79 -0.32
CA THR F 178 4.04 17.50 -1.00
C THR F 178 5.16 16.63 -0.47
N THR F 179 6.34 17.21 -0.34
CA THR F 179 7.49 16.54 0.27
C THR F 179 7.29 16.29 1.78
N GLU F 180 6.82 17.28 2.52
CA GLU F 180 6.68 17.09 3.96
C GLU F 180 5.57 16.13 4.37
N LEU F 181 4.53 15.96 3.56
CA LEU F 181 3.42 15.09 3.94
C LEU F 181 3.35 13.77 3.17
N LYS F 182 4.36 13.51 2.32
CA LYS F 182 4.33 12.31 1.49
C LYS F 182 4.29 11.06 2.35
N GLY F 183 5.00 11.09 3.48
CA GLY F 183 5.02 9.99 4.43
C GLY F 183 3.62 9.53 4.82
N ARG F 184 2.69 10.48 4.94
CA ARG F 184 1.30 10.17 5.31
C ARG F 184 0.38 9.98 4.09
N SER F 185 0.98 9.98 2.89
CA SER F 185 0.21 9.84 1.66
C SER F 185 -0.86 10.92 1.50
N ILE F 186 -0.58 12.11 2.04
CA ILE F 186 -1.49 13.24 1.89
C ILE F 186 -1.08 13.99 0.63
N ARG F 187 -2.03 14.14 -0.28
CA ARG F 187 -1.80 14.91 -1.50
C ARG F 187 -2.09 16.41 -1.28
N VAL F 188 -1.15 17.26 -1.68
CA VAL F 188 -1.35 18.71 -1.63
C VAL F 188 -1.22 19.32 -3.02
N ASN F 189 -2.27 19.98 -3.50
CA ASN F 189 -2.27 20.61 -4.83
C ASN F 189 -2.81 22.05 -4.83
N ALA F 190 -2.26 22.89 -5.70
CA ALA F 190 -2.72 24.24 -5.87
C ALA F 190 -3.70 24.33 -7.02
N VAL F 191 -4.83 24.97 -6.81
CA VAL F 191 -5.72 25.38 -7.91
C VAL F 191 -5.57 26.88 -8.16
N SER F 192 -5.23 27.23 -9.39
CA SER F 192 -5.09 28.63 -9.78
C SER F 192 -6.23 29.03 -10.75
N PRO F 193 -7.27 29.71 -10.22
CA PRO F 193 -8.37 30.23 -11.05
C PRO F 193 -7.99 31.49 -11.81
N GLY F 194 -8.57 31.64 -13.00
CA GLY F 194 -8.50 32.92 -13.70
C GLY F 194 -9.68 33.78 -13.25
N ALA F 195 -10.32 34.45 -14.20
CA ALA F 195 -11.53 35.17 -13.93
C ALA F 195 -12.68 34.22 -13.66
N ILE F 196 -13.20 34.30 -12.43
CA ILE F 196 -14.37 33.53 -12.04
C ILE F 196 -15.42 34.48 -11.50
N ASP F 197 -16.66 34.28 -11.94
CA ASP F 197 -17.77 35.17 -11.59
C ASP F 197 -18.17 35.09 -10.11
N THR F 198 -17.46 35.82 -9.27
CA THR F 198 -17.64 35.77 -7.81
C THR F 198 -17.53 37.17 -7.23
N PRO F 199 -17.99 37.38 -5.96
CA PRO F 199 -17.89 38.70 -5.28
C PRO F 199 -16.51 39.39 -5.26
N ILE F 200 -15.41 38.64 -5.38
CA ILE F 200 -14.04 39.22 -5.33
C ILE F 200 -13.77 40.25 -6.44
N ILE F 201 -14.48 40.11 -7.56
CA ILE F 201 -14.40 41.05 -8.68
C ILE F 201 -15.15 42.34 -8.33
N GLU F 202 -16.40 42.18 -7.89
CA GLU F 202 -17.26 43.30 -7.53
C GLU F 202 -16.72 44.12 -6.36
N ASN F 203 -16.17 43.43 -5.36
CA ASN F 203 -15.72 44.06 -4.11
C ASN F 203 -14.41 44.86 -4.22
N GLN F 204 -13.78 44.85 -5.40
CA GLN F 204 -12.55 45.63 -5.58
C GLN F 204 -12.74 46.89 -6.42
N VAL F 205 -13.75 46.92 -7.28
CA VAL F 205 -14.12 48.14 -8.01
C VAL F 205 -14.87 49.11 -7.10
N SER F 206 -14.98 50.36 -7.53
CA SER F 206 -15.72 51.37 -6.77
C SER F 206 -17.13 51.58 -7.31
N THR F 207 -17.35 51.15 -8.55
CA THR F 207 -18.63 51.37 -9.23
C THR F 207 -19.10 50.12 -10.00
N GLN F 208 -20.41 49.89 -10.02
CA GLN F 208 -21.05 48.74 -10.69
C GLN F 208 -20.89 48.79 -12.22
N GLU F 209 -20.58 49.98 -12.73
CA GLU F 209 -20.30 50.20 -14.14
C GLU F 209 -18.93 49.61 -14.49
N GLU F 210 -17.92 49.92 -13.68
CA GLU F 210 -16.55 49.42 -13.84
C GLU F 210 -16.50 47.89 -13.94
N ALA F 211 -17.31 47.24 -13.10
CA ALA F 211 -17.37 45.78 -12.99
C ALA F 211 -17.84 45.09 -14.27
N ASP F 212 -18.73 45.74 -15.01
CA ASP F 212 -19.17 45.25 -16.32
C ASP F 212 -18.03 45.24 -17.32
N GLU F 213 -17.08 46.15 -17.13
CA GLU F 213 -15.97 46.35 -18.06
C GLU F 213 -14.76 45.49 -17.71
N LEU F 214 -14.52 45.28 -16.42
CA LEU F 214 -13.44 44.39 -15.95
C LEU F 214 -13.74 42.94 -16.34
N ARG F 215 -15.03 42.60 -16.39
CA ARG F 215 -15.46 41.28 -16.83
C ARG F 215 -15.35 41.07 -18.34
N ALA F 216 -15.69 42.11 -19.11
CA ALA F 216 -15.57 42.04 -20.57
C ALA F 216 -14.11 42.05 -21.02
N LYS F 217 -13.24 42.63 -20.19
CA LYS F 217 -11.79 42.68 -20.46
C LYS F 217 -11.16 41.30 -20.30
N PHE F 218 -11.52 40.61 -19.22
CA PHE F 218 -11.02 39.27 -18.94
C PHE F 218 -11.51 38.26 -19.94
N ALA F 219 -12.78 38.39 -20.34
CA ALA F 219 -13.37 37.54 -21.37
C ALA F 219 -12.60 37.61 -22.69
N ALA F 220 -12.17 38.80 -23.06
CA ALA F 220 -11.44 39.04 -24.31
C ALA F 220 -10.08 38.36 -24.28
N ALA F 221 -9.45 38.37 -23.10
CA ALA F 221 -8.11 37.82 -22.93
C ALA F 221 -8.09 36.28 -22.84
N THR F 222 -9.27 35.68 -22.67
CA THR F 222 -9.39 34.26 -22.37
C THR F 222 -9.88 33.44 -23.55
N PRO F 223 -9.07 32.48 -24.04
CA PRO F 223 -9.44 31.68 -25.20
C PRO F 223 -10.89 31.21 -25.22
N LEU F 224 -11.43 30.82 -24.07
CA LEU F 224 -12.82 30.34 -24.02
C LEU F 224 -13.85 31.48 -24.07
N GLY F 225 -13.37 32.70 -24.22
CA GLY F 225 -14.18 33.90 -24.41
C GLY F 225 -15.24 34.21 -23.37
N ARG F 226 -14.96 33.89 -22.10
CA ARG F 226 -15.94 34.11 -21.01
C ARG F 226 -15.30 33.99 -19.65
N VAL F 227 -15.86 34.68 -18.65
CA VAL F 227 -15.48 34.43 -17.26
C VAL F 227 -15.96 33.05 -16.85
N GLY F 228 -15.31 32.43 -15.87
CA GLY F 228 -15.72 31.11 -15.39
C GLY F 228 -16.87 31.18 -14.39
N ARG F 229 -17.69 30.15 -14.35
CA ARG F 229 -18.73 30.03 -13.33
C ARG F 229 -18.13 29.38 -12.08
N PRO F 230 -18.51 29.86 -10.87
CA PRO F 230 -18.05 29.24 -9.63
C PRO F 230 -18.22 27.72 -9.61
N GLU F 231 -19.29 27.23 -10.24
CA GLU F 231 -19.58 25.81 -10.39
C GLU F 231 -18.39 25.08 -10.99
N GLU F 232 -17.74 25.75 -11.94
CA GLU F 232 -16.65 25.17 -12.69
C GLU F 232 -15.34 25.12 -11.90
N LEU F 233 -15.10 26.10 -11.03
CA LEU F 233 -13.97 26.00 -10.13
C LEU F 233 -14.18 24.86 -9.12
N ALA F 234 -15.39 24.78 -8.56
CA ALA F 234 -15.75 23.69 -7.65
C ALA F 234 -15.49 22.31 -8.28
N ALA F 235 -15.88 22.13 -9.54
CA ALA F 235 -15.69 20.85 -10.20
C ALA F 235 -14.17 20.53 -10.32
N ALA F 236 -13.37 21.52 -10.67
CA ALA F 236 -11.93 21.33 -10.66
C ALA F 236 -11.38 20.99 -9.28
N VAL F 237 -11.87 21.68 -8.24
CA VAL F 237 -11.48 21.36 -6.86
C VAL F 237 -11.92 19.91 -6.48
N LEU F 238 -13.13 19.54 -6.87
CA LEU F 238 -13.63 18.19 -6.63
C LEU F 238 -12.67 17.15 -7.19
N PHE F 239 -12.14 17.41 -8.40
CA PHE F 239 -11.21 16.46 -9.02
C PHE F 239 -10.03 16.24 -8.10
N LEU F 240 -9.49 17.33 -7.56
CA LEU F 240 -8.36 17.24 -6.67
C LEU F 240 -8.74 16.59 -5.34
N ALA F 241 -9.97 16.84 -4.87
CA ALA F 241 -10.48 16.27 -3.63
C ALA F 241 -10.75 14.78 -3.74
N SER F 242 -11.07 14.32 -4.95
CA SER F 242 -11.56 12.94 -5.18
C SER F 242 -10.45 11.95 -5.47
N ASP F 243 -10.82 10.68 -5.56
CA ASP F 243 -9.85 9.60 -5.84
C ASP F 243 -9.29 9.68 -7.26
N ASP F 244 -10.01 10.39 -8.14
CA ASP F 244 -9.63 10.55 -9.53
C ASP F 244 -8.22 11.13 -9.65
N SER F 245 -7.85 11.99 -8.70
CA SER F 245 -6.54 12.64 -8.70
C SER F 245 -5.54 11.94 -7.80
N SER F 246 -5.79 10.67 -7.52
CA SER F 246 -4.98 9.90 -6.57
C SER F 246 -3.48 9.85 -6.91
N TYR F 247 -3.13 10.08 -8.18
CA TYR F 247 -1.73 10.12 -8.56
C TYR F 247 -1.31 11.52 -9.01
N VAL F 248 -2.10 12.51 -8.57
CA VAL F 248 -1.80 13.91 -8.86
C VAL F 248 -1.29 14.62 -7.61
N ALA F 249 -0.03 15.06 -7.62
CA ALA F 249 0.56 15.65 -6.42
C ALA F 249 1.36 16.91 -6.70
N GLY F 250 1.13 17.96 -5.89
CA GLY F 250 1.98 19.14 -5.89
C GLY F 250 1.80 20.09 -7.09
N ILE F 251 0.72 19.88 -7.85
CA ILE F 251 0.55 20.62 -9.09
C ILE F 251 -0.11 21.99 -8.95
N GLU F 252 -0.03 22.73 -10.04
CA GLU F 252 -0.80 23.93 -10.21
C GLU F 252 -1.78 23.72 -11.34
N LEU F 253 -3.01 23.45 -10.95
CA LEU F 253 -4.12 23.26 -11.90
C LEU F 253 -4.74 24.60 -12.28
N PHE F 254 -4.43 25.06 -13.49
CA PHE F 254 -5.00 26.32 -13.99
C PHE F 254 -6.43 26.14 -14.48
N VAL F 255 -7.37 26.81 -13.81
CA VAL F 255 -8.78 26.81 -14.24
C VAL F 255 -9.08 28.25 -14.67
N ASP F 256 -8.73 28.57 -15.91
CA ASP F 256 -8.71 29.95 -16.38
C ASP F 256 -9.15 30.08 -17.83
N GLY F 257 -9.82 29.07 -18.35
CA GLY F 257 -10.19 29.03 -19.77
C GLY F 257 -9.05 29.21 -20.79
N GLY F 258 -7.80 28.96 -20.40
CA GLY F 258 -6.66 29.07 -21.32
C GLY F 258 -5.84 30.34 -21.21
N LEU F 259 -6.23 31.23 -20.30
CA LEU F 259 -5.62 32.56 -20.14
C LEU F 259 -4.10 32.53 -20.07
N THR F 260 -3.57 31.67 -19.20
CA THR F 260 -2.14 31.65 -18.95
C THR F 260 -1.48 30.61 -19.81
N GLN F 261 -2.27 29.88 -20.58
CA GLN F 261 -1.70 28.77 -21.35
C GLN F 261 -1.32 29.07 -22.81
N VAL F 262 -1.80 30.19 -23.35
CA VAL F 262 -1.53 30.52 -24.76
C VAL F 262 -0.72 31.79 -24.93
N ALA G 14 38.91 42.90 -22.33
CA ALA G 14 37.88 43.42 -23.25
C ALA G 14 37.28 42.29 -24.07
N TYR G 15 38.11 41.26 -24.29
CA TYR G 15 37.81 40.18 -25.22
C TYR G 15 37.34 38.92 -24.48
N ARG G 16 36.02 38.73 -24.42
CA ARG G 16 35.41 37.67 -23.60
C ARG G 16 35.37 36.30 -24.26
N LEU G 17 35.77 36.25 -25.53
CA LEU G 17 35.86 34.96 -26.24
C LEU G 17 37.19 34.83 -26.98
N LEU G 18 38.24 35.40 -26.40
CA LEU G 18 39.59 35.45 -26.99
C LEU G 18 40.13 34.07 -27.37
N ASN G 19 40.35 33.87 -28.68
CA ASN G 19 40.90 32.63 -29.26
C ASN G 19 40.00 31.41 -29.20
N LYS G 20 38.75 31.62 -28.79
CA LYS G 20 37.80 30.52 -28.74
C LYS G 20 37.30 30.37 -30.16
N THR G 21 37.07 29.13 -30.58
CA THR G 21 36.52 28.83 -31.91
C THR G 21 35.02 28.59 -31.80
N ALA G 22 34.26 29.27 -32.63
CA ALA G 22 32.80 29.13 -32.62
C ALA G 22 32.22 28.75 -33.98
N VAL G 23 31.16 27.94 -33.96
CA VAL G 23 30.43 27.55 -35.17
C VAL G 23 28.98 28.02 -35.02
N ILE G 24 28.49 28.78 -36.01
CA ILE G 24 27.14 29.29 -36.00
C ILE G 24 26.41 28.87 -37.30
N THR G 25 25.51 27.89 -37.20
CA THR G 25 24.60 27.62 -38.29
C THR G 25 23.59 28.76 -38.40
N GLY G 26 23.18 29.08 -39.61
CA GLY G 26 22.30 30.23 -39.86
C GLY G 26 23.03 31.54 -39.68
N GLY G 27 24.31 31.55 -40.06
CA GLY G 27 25.21 32.66 -39.78
C GLY G 27 25.33 33.76 -40.82
N ASN G 28 24.60 33.63 -41.94
CA ASN G 28 24.70 34.62 -43.00
C ASN G 28 23.61 35.67 -42.94
N SER G 29 22.80 35.59 -41.89
CA SER G 29 21.58 36.39 -41.81
C SER G 29 21.18 36.71 -40.37
N GLY G 30 20.45 37.81 -40.22
CA GLY G 30 19.78 38.20 -38.99
C GLY G 30 20.53 37.94 -37.69
N ILE G 31 19.98 37.04 -36.88
CA ILE G 31 20.54 36.68 -35.57
C ILE G 31 21.90 36.02 -35.69
N GLY G 32 22.00 35.00 -36.55
CA GLY G 32 23.27 34.31 -36.77
C GLY G 32 24.41 35.26 -37.08
N LEU G 33 24.16 36.19 -37.97
CA LEU G 33 25.18 37.13 -38.40
C LEU G 33 25.60 38.16 -37.33
N ALA G 34 24.60 38.73 -36.64
CA ALA G 34 24.83 39.70 -35.57
C ALA G 34 25.65 39.11 -34.42
N THR G 35 25.43 37.83 -34.18
CA THR G 35 26.17 37.06 -33.19
C THR G 35 27.60 36.84 -33.69
N ALA G 36 27.73 36.48 -34.97
CA ALA G 36 29.04 36.32 -35.58
C ALA G 36 29.89 37.59 -35.41
N LYS G 37 29.32 38.72 -35.78
CA LYS G 37 30.00 39.99 -35.58
C LYS G 37 30.45 40.14 -34.11
N ARG G 38 29.50 40.07 -33.17
CA ARG G 38 29.79 40.26 -31.75
C ARG G 38 30.85 39.27 -31.26
N PHE G 39 30.74 38.03 -31.70
CA PHE G 39 31.73 37.00 -31.39
C PHE G 39 33.14 37.43 -31.81
N VAL G 40 33.28 37.89 -33.05
CA VAL G 40 34.58 38.30 -33.59
C VAL G 40 35.11 39.53 -32.84
N ALA G 41 34.19 40.46 -32.56
CA ALA G 41 34.49 41.62 -31.73
C ALA G 41 35.09 41.22 -30.38
N GLU G 42 34.65 40.06 -29.86
CA GLU G 42 35.10 39.55 -28.57
C GLU G 42 36.27 38.60 -28.72
N GLY G 43 36.87 38.61 -29.92
CA GLY G 43 38.09 37.85 -30.23
C GLY G 43 37.95 36.37 -30.57
N ALA G 44 36.76 35.96 -31.01
CA ALA G 44 36.57 34.57 -31.41
C ALA G 44 36.91 34.37 -32.88
N TYR G 45 37.13 33.11 -33.25
CA TYR G 45 37.17 32.72 -34.66
C TYR G 45 35.83 32.06 -34.97
N VAL G 46 35.19 32.54 -36.02
CA VAL G 46 33.82 32.17 -36.33
C VAL G 46 33.64 31.47 -37.68
N PHE G 47 33.09 30.26 -37.64
CA PHE G 47 32.52 29.65 -38.81
C PHE G 47 31.04 30.03 -38.97
N ILE G 48 30.72 30.73 -40.06
CA ILE G 48 29.31 30.90 -40.43
C ILE G 48 28.89 29.88 -41.49
N VAL G 49 27.66 29.39 -41.32
CA VAL G 49 27.16 28.23 -42.03
C VAL G 49 25.74 28.51 -42.52
N GLY G 50 25.44 28.10 -43.75
CA GLY G 50 24.18 28.41 -44.39
C GLY G 50 24.19 27.85 -45.80
N ARG G 51 23.07 27.99 -46.50
CA ARG G 51 22.91 27.40 -47.84
C ARG G 51 23.30 28.36 -48.95
N ARG G 52 22.92 29.63 -48.83
CA ARG G 52 23.12 30.62 -49.88
C ARG G 52 24.55 31.17 -49.90
N ARG G 53 25.25 30.91 -51.01
CA ARG G 53 26.66 31.26 -51.18
C ARG G 53 26.89 32.77 -51.30
N LYS G 54 26.00 33.44 -52.00
CA LYS G 54 26.07 34.89 -52.15
C LYS G 54 26.11 35.56 -50.76
N GLU G 55 25.11 35.24 -49.94
CA GLU G 55 24.94 35.84 -48.62
C GLU G 55 26.07 35.46 -47.67
N LEU G 56 26.49 34.19 -47.71
CA LEU G 56 27.64 33.76 -46.94
C LEU G 56 28.85 34.65 -47.22
N GLU G 57 29.16 34.85 -48.49
CA GLU G 57 30.28 35.69 -48.91
C GLU G 57 30.14 37.15 -48.46
N GLN G 58 28.91 37.68 -48.53
CA GLN G 58 28.62 39.03 -48.06
C GLN G 58 28.77 39.15 -46.54
N ALA G 59 28.26 38.15 -45.83
CA ALA G 59 28.34 38.13 -44.38
C ALA G 59 29.79 38.09 -43.93
N ALA G 60 30.57 37.20 -44.53
CA ALA G 60 32.01 37.10 -44.25
C ALA G 60 32.71 38.43 -44.53
N ALA G 61 32.33 39.08 -45.62
CA ALA G 61 32.86 40.41 -45.94
C ALA G 61 32.53 41.41 -44.84
N GLU G 62 31.26 41.47 -44.42
CA GLU G 62 30.79 42.38 -43.36
C GLU G 62 31.48 42.15 -42.02
N ILE G 63 31.54 40.88 -41.60
CA ILE G 63 32.29 40.49 -40.41
C ILE G 63 33.72 40.99 -40.50
N GLY G 64 34.37 40.75 -41.64
CA GLY G 64 35.70 41.30 -41.89
C GLY G 64 36.87 40.37 -41.60
N ARG G 65 37.09 40.04 -40.32
CA ARG G 65 38.25 39.22 -39.91
C ARG G 65 37.85 37.94 -39.16
N ASN G 66 38.81 37.05 -38.99
CA ASN G 66 38.65 35.78 -38.26
C ASN G 66 37.38 34.99 -38.56
N VAL G 67 37.02 34.91 -39.83
CA VAL G 67 35.78 34.26 -40.22
C VAL G 67 35.98 33.32 -41.41
N THR G 68 35.29 32.17 -41.37
CA THR G 68 35.24 31.25 -42.50
C THR G 68 33.80 30.93 -42.81
N ALA G 69 33.42 31.15 -44.07
CA ALA G 69 32.07 30.81 -44.53
C ALA G 69 32.05 29.37 -45.02
N VAL G 70 31.03 28.63 -44.61
CA VAL G 70 30.91 27.26 -45.05
C VAL G 70 29.50 27.06 -45.57
N LYS G 71 29.39 26.59 -46.82
CA LYS G 71 28.09 26.25 -47.40
C LYS G 71 27.67 24.88 -46.89
N ALA G 72 26.49 24.82 -46.29
CA ALA G 72 25.95 23.56 -45.78
C ALA G 72 24.46 23.66 -45.59
N ASP G 73 23.78 22.55 -45.81
CA ASP G 73 22.38 22.41 -45.52
C ASP G 73 22.29 21.44 -44.35
N VAL G 74 21.77 21.95 -43.22
CA VAL G 74 21.76 21.18 -41.97
C VAL G 74 20.87 19.92 -42.05
N THR G 75 19.95 19.92 -43.03
CA THR G 75 19.10 18.75 -43.24
C THR G 75 19.80 17.67 -44.04
N LYS G 76 21.01 17.96 -44.53
CA LYS G 76 21.83 17.00 -45.28
C LYS G 76 23.03 16.52 -44.47
N LEU G 77 22.97 15.28 -44.00
CA LEU G 77 24.03 14.74 -43.14
C LEU G 77 25.41 14.93 -43.74
N GLU G 78 25.55 14.67 -45.05
CA GLU G 78 26.84 14.80 -45.72
C GLU G 78 27.37 16.24 -45.72
N ASP G 79 26.47 17.22 -45.78
CA ASP G 79 26.87 18.63 -45.65
C ASP G 79 27.47 18.91 -44.27
N LEU G 80 26.91 18.28 -43.24
CA LEU G 80 27.39 18.45 -41.87
C LEU G 80 28.77 17.84 -41.68
N ASP G 81 28.95 16.62 -42.20
CA ASP G 81 30.23 15.90 -42.20
C ASP G 81 31.30 16.75 -42.86
N ARG G 82 30.96 17.30 -44.01
CA ARG G 82 31.85 18.20 -44.73
C ARG G 82 32.18 19.44 -43.88
N LEU G 83 31.15 20.04 -43.29
CA LEU G 83 31.33 21.19 -42.41
C LEU G 83 32.38 20.89 -41.35
N TYR G 84 32.20 19.78 -40.64
CA TYR G 84 33.05 19.48 -39.50
C TYR G 84 34.45 19.02 -39.90
N ALA G 85 34.57 18.53 -41.13
CA ALA G 85 35.89 18.24 -41.69
C ALA G 85 36.67 19.54 -41.85
N ILE G 86 36.06 20.54 -42.51
CA ILE G 86 36.64 21.86 -42.68
C ILE G 86 37.02 22.47 -41.34
N VAL G 87 36.03 22.57 -40.43
CA VAL G 87 36.24 23.06 -39.08
C VAL G 87 37.50 22.43 -38.51
N ARG G 88 37.53 21.10 -38.54
CA ARG G 88 38.68 20.36 -38.01
C ARG G 88 40.01 20.74 -38.65
N GLU G 89 40.06 20.80 -39.97
CA GLU G 89 41.29 21.15 -40.65
C GLU G 89 41.75 22.55 -40.26
N GLN G 90 40.83 23.52 -40.36
CA GLN G 90 41.16 24.93 -40.11
C GLN G 90 41.49 25.29 -38.65
N ARG G 91 40.70 24.78 -37.69
CA ARG G 91 40.88 25.19 -36.28
C ARG G 91 40.98 24.04 -35.29
N GLY G 92 40.55 22.85 -35.69
CA GLY G 92 40.75 21.65 -34.86
C GLY G 92 39.73 21.35 -33.78
N SER G 93 39.10 22.37 -33.19
CA SER G 93 38.15 22.13 -32.12
C SER G 93 37.13 23.25 -32.00
N ILE G 94 36.06 22.98 -31.27
CA ILE G 94 34.98 23.94 -31.14
C ILE G 94 34.76 24.28 -29.67
N ASP G 95 34.77 25.56 -29.36
CA ASP G 95 34.48 26.03 -28.01
C ASP G 95 33.01 26.43 -27.84
N VAL G 96 32.46 27.07 -28.87
CA VAL G 96 31.08 27.52 -28.86
C VAL G 96 30.35 27.05 -30.13
N LEU G 97 29.28 26.29 -29.93
CA LEU G 97 28.38 25.91 -31.02
C LEU G 97 27.05 26.63 -30.81
N PHE G 98 26.66 27.41 -31.80
CA PHE G 98 25.38 28.08 -31.79
C PHE G 98 24.50 27.47 -32.91
N ALA G 99 23.75 26.43 -32.54
CA ALA G 99 22.84 25.73 -33.45
C ALA G 99 21.59 26.60 -33.70
N ASN G 100 21.69 27.48 -34.69
CA ASN G 100 20.75 28.58 -34.81
C ASN G 100 19.85 28.53 -36.05
N SER G 101 20.33 27.92 -37.13
CA SER G 101 19.54 27.79 -38.37
C SER G 101 18.17 27.22 -38.03
N GLY G 102 17.15 27.86 -38.61
CA GLY G 102 15.78 27.43 -38.45
C GLY G 102 14.91 28.31 -39.33
N ALA G 103 13.63 27.93 -39.45
CA ALA G 103 12.71 28.55 -40.42
C ALA G 103 11.26 28.33 -40.02
N ILE G 104 10.41 29.31 -40.37
CA ILE G 104 8.96 29.31 -40.08
C ILE G 104 8.07 29.44 -41.32
N GLU G 105 7.02 28.62 -41.38
CA GLU G 105 5.99 28.74 -42.38
C GLU G 105 4.64 28.67 -41.67
N GLN G 106 3.82 29.71 -41.83
CA GLN G 106 2.51 29.77 -41.17
C GLN G 106 1.47 28.91 -41.87
N LYS G 107 0.93 27.94 -41.14
CA LYS G 107 -0.19 27.11 -41.57
C LYS G 107 -0.98 26.70 -40.33
N THR G 108 -2.31 26.73 -40.42
CA THR G 108 -3.18 26.33 -39.31
C THR G 108 -3.31 24.81 -39.35
N LEU G 109 -3.90 24.24 -38.30
CA LEU G 109 -4.08 22.79 -38.22
C LEU G 109 -4.72 22.23 -39.49
N GLU G 110 -5.84 22.85 -39.90
CA GLU G 110 -6.56 22.46 -41.13
C GLU G 110 -5.64 22.42 -42.35
N GLU G 111 -4.78 23.44 -42.47
CA GLU G 111 -3.93 23.63 -43.63
C GLU G 111 -2.70 22.72 -43.68
N ILE G 112 -2.42 22.02 -42.58
CA ILE G 112 -1.14 21.30 -42.49
C ILE G 112 -1.05 20.15 -43.50
N THR G 113 -0.04 20.23 -44.34
CA THR G 113 0.28 19.13 -45.24
C THR G 113 1.48 18.36 -44.68
N PRO G 114 1.72 17.13 -45.16
CA PRO G 114 2.93 16.41 -44.75
C PRO G 114 4.23 17.11 -45.16
N GLU G 115 4.21 17.80 -46.29
CA GLU G 115 5.42 18.44 -46.80
C GLU G 115 5.76 19.59 -45.88
N HIS G 116 4.76 20.40 -45.56
CA HIS G 116 4.91 21.47 -44.59
C HIS G 116 5.46 21.01 -43.28
N TYR G 117 4.88 19.94 -42.73
CA TYR G 117 5.36 19.36 -41.49
C TYR G 117 6.84 18.99 -41.57
N ASP G 118 7.22 18.26 -42.61
CA ASP G 118 8.61 17.81 -42.80
C ASP G 118 9.59 18.97 -43.00
N ARG G 119 9.17 20.01 -43.74
CA ARG G 119 10.02 21.17 -43.91
C ARG G 119 10.36 21.80 -42.56
N THR G 120 9.35 22.02 -41.72
CA THR G 120 9.54 22.60 -40.40
C THR G 120 10.44 21.74 -39.50
N PHE G 121 10.06 20.48 -39.35
CA PHE G 121 10.79 19.63 -38.41
C PHE G 121 12.19 19.21 -38.86
N ASP G 122 12.41 19.19 -40.18
CA ASP G 122 13.72 18.84 -40.71
C ASP G 122 14.78 19.89 -40.36
N VAL G 123 14.45 21.17 -40.59
CA VAL G 123 15.41 22.23 -40.31
C VAL G 123 15.44 22.61 -38.83
N ASN G 124 14.28 22.71 -38.20
CA ASN G 124 14.20 23.20 -36.82
C ASN G 124 14.62 22.20 -35.77
N VAL G 125 14.33 20.93 -36.02
CA VAL G 125 14.57 19.88 -35.03
C VAL G 125 15.58 18.83 -35.50
N ARG G 126 15.31 18.21 -36.63
CA ARG G 126 16.17 17.15 -37.17
C ARG G 126 17.55 17.68 -37.48
N GLY G 127 17.61 18.77 -38.26
CA GLY G 127 18.88 19.37 -38.64
C GLY G 127 19.72 19.72 -37.44
N LEU G 128 19.06 20.33 -36.45
CA LEU G 128 19.69 20.75 -35.20
C LEU G 128 20.26 19.54 -34.46
N ILE G 129 19.45 18.50 -34.29
CA ILE G 129 19.93 17.26 -33.64
C ILE G 129 21.25 16.77 -34.24
N PHE G 130 21.31 16.73 -35.57
CA PHE G 130 22.50 16.23 -36.22
C PHE G 130 23.65 17.24 -36.21
N THR G 131 23.34 18.52 -36.34
CA THR G 131 24.31 19.59 -36.08
C THR G 131 25.09 19.34 -34.76
N VAL G 132 24.38 19.07 -33.66
CA VAL G 132 25.02 18.92 -32.35
C VAL G 132 25.73 17.56 -32.21
N GLN G 133 25.09 16.51 -32.73
CA GLN G 133 25.66 15.16 -32.69
C GLN G 133 27.03 15.06 -33.35
N LYS G 134 27.14 15.67 -34.52
CA LYS G 134 28.37 15.59 -35.29
C LYS G 134 29.42 16.60 -34.84
N ALA G 135 29.04 17.51 -33.95
CA ALA G 135 30.01 18.43 -33.37
C ALA G 135 30.71 17.80 -32.15
N LEU G 136 30.10 16.76 -31.59
CA LEU G 136 30.60 16.13 -30.35
C LEU G 136 32.08 15.74 -30.32
N PRO G 137 32.60 15.12 -31.41
CA PRO G 137 34.03 14.79 -31.46
C PRO G 137 34.96 16.01 -31.39
N LEU G 138 34.51 17.14 -31.92
CA LEU G 138 35.32 18.36 -31.97
C LEU G 138 35.09 19.29 -30.78
N LEU G 139 33.96 19.10 -30.09
CA LEU G 139 33.60 19.94 -28.96
C LEU G 139 34.55 19.77 -27.80
N ARG G 140 35.09 20.89 -27.34
CA ARG G 140 35.99 20.92 -26.20
C ARG G 140 35.26 20.63 -24.92
N ASP G 141 35.89 19.86 -24.04
CA ASP G 141 35.43 19.80 -22.66
C ASP G 141 35.34 21.22 -22.10
N GLY G 142 34.31 21.50 -21.31
CA GLY G 142 34.07 22.85 -20.79
C GLY G 142 33.45 23.80 -21.82
N GLY G 143 33.07 23.27 -22.98
CA GLY G 143 32.47 24.07 -24.03
C GLY G 143 31.01 24.43 -23.83
N SER G 144 30.47 25.23 -24.74
CA SER G 144 29.11 25.75 -24.61
C SER G 144 28.29 25.64 -25.90
N VAL G 145 27.15 24.93 -25.81
CA VAL G 145 26.21 24.79 -26.92
C VAL G 145 24.98 25.66 -26.66
N ILE G 146 24.60 26.48 -27.64
CA ILE G 146 23.37 27.28 -27.53
C ILE G 146 22.41 26.92 -28.65
N LEU G 147 21.19 26.54 -28.26
CA LEU G 147 20.12 26.23 -29.20
C LEU G 147 19.15 27.39 -29.27
N THR G 148 18.70 27.73 -30.46
CA THR G 148 17.76 28.81 -30.63
C THR G 148 16.34 28.26 -30.65
N SER G 149 15.68 28.33 -29.49
CA SER G 149 14.26 28.01 -29.42
C SER G 149 13.48 29.23 -29.89
N SER G 150 12.34 29.49 -29.27
CA SER G 150 11.53 30.67 -29.60
C SER G 150 10.48 30.89 -28.53
N VAL G 151 10.00 32.12 -28.38
CA VAL G 151 8.84 32.33 -27.48
C VAL G 151 7.63 31.52 -27.93
N ALA G 152 7.53 31.23 -29.23
CA ALA G 152 6.49 30.35 -29.77
C ALA G 152 6.39 29.03 -28.99
N GLY G 153 7.51 28.57 -28.44
CA GLY G 153 7.54 27.26 -27.80
C GLY G 153 6.82 27.19 -26.49
N VAL G 154 6.40 28.33 -25.95
CA VAL G 154 5.58 28.39 -24.73
C VAL G 154 4.24 29.11 -24.96
N LEU G 155 3.99 29.56 -26.19
CA LEU G 155 2.76 30.28 -26.53
C LEU G 155 1.86 29.49 -27.46
N GLY G 156 0.60 29.94 -27.56
CA GLY G 156 -0.36 29.31 -28.47
C GLY G 156 -0.75 30.30 -29.53
N LEU G 157 0.07 30.40 -30.57
CA LEU G 157 -0.09 31.41 -31.62
C LEU G 157 -0.80 30.87 -32.86
N GLN G 158 -1.80 31.59 -33.33
CA GLN G 158 -2.56 31.18 -34.52
C GLN G 158 -1.62 30.75 -35.66
N ALA G 159 -1.91 29.61 -36.26
CA ALA G 159 -1.15 29.10 -37.44
C ALA G 159 0.35 28.94 -37.26
N HIS G 160 0.78 28.63 -36.04
CA HIS G 160 2.20 28.41 -35.76
C HIS G 160 2.41 26.98 -35.34
N ASP G 161 1.44 26.13 -35.65
CA ASP G 161 1.37 24.77 -35.13
C ASP G 161 2.68 24.02 -35.13
N THR G 162 3.34 23.92 -36.29
CA THR G 162 4.57 23.11 -36.38
C THR G 162 5.78 23.87 -35.88
N TYR G 163 5.94 25.11 -36.30
CA TYR G 163 7.03 25.94 -35.80
C TYR G 163 7.14 25.85 -34.29
N SER G 164 6.06 26.26 -33.58
CA SER G 164 6.00 26.27 -32.12
C SER G 164 6.32 24.92 -31.51
N ALA G 165 5.73 23.86 -32.04
CA ALA G 165 6.04 22.49 -31.60
C ALA G 165 7.52 22.13 -31.79
N ALA G 166 8.08 22.46 -32.95
CA ALA G 166 9.47 22.19 -33.23
C ALA G 166 10.38 22.88 -32.21
N LYS G 167 10.13 24.18 -31.98
CA LYS G 167 10.94 24.98 -31.03
C LYS G 167 10.78 24.53 -29.58
N ALA G 168 9.61 23.99 -29.26
CA ALA G 168 9.40 23.40 -27.95
C ALA G 168 10.22 22.11 -27.89
N ALA G 169 10.37 21.45 -29.03
CA ALA G 169 11.25 20.27 -29.12
C ALA G 169 12.70 20.69 -28.84
N VAL G 170 13.13 21.77 -29.47
CA VAL G 170 14.49 22.28 -29.30
C VAL G 170 14.81 22.63 -27.82
N ARG G 171 13.86 23.24 -27.10
CA ARG G 171 14.07 23.53 -25.69
C ARG G 171 14.31 22.27 -24.89
N SER G 172 13.54 21.24 -25.21
CA SER G 172 13.67 19.95 -24.52
C SER G 172 15.08 19.37 -24.67
N LEU G 173 15.59 19.34 -25.90
CA LEU G 173 16.95 18.85 -26.21
C LEU G 173 18.02 19.49 -25.34
N ALA G 174 17.87 20.77 -25.00
CA ALA G 174 18.81 21.44 -24.06
C ALA G 174 18.80 20.83 -22.69
N ARG G 175 17.64 20.33 -22.26
CA ARG G 175 17.56 19.66 -20.97
C ARG G 175 18.23 18.29 -21.05
N THR G 176 17.85 17.51 -22.07
CA THR G 176 18.39 16.16 -22.27
C THR G 176 19.90 16.19 -22.44
N TRP G 177 20.41 17.13 -23.23
CA TRP G 177 21.85 17.17 -23.50
C TRP G 177 22.63 17.72 -22.35
N THR G 178 21.95 18.39 -21.42
CA THR G 178 22.61 18.83 -20.20
C THR G 178 23.02 17.61 -19.40
N THR G 179 22.11 16.64 -19.31
CA THR G 179 22.39 15.37 -18.67
C THR G 179 23.41 14.54 -19.46
N GLU G 180 23.22 14.43 -20.77
CA GLU G 180 24.11 13.56 -21.55
C GLU G 180 25.54 14.09 -21.68
N LEU G 181 25.73 15.40 -21.61
CA LEU G 181 27.07 15.96 -21.78
C LEU G 181 27.73 16.46 -20.48
N LYS G 182 27.06 16.27 -19.35
CA LYS G 182 27.58 16.80 -18.10
C LYS G 182 28.95 16.24 -17.80
N GLY G 183 29.15 14.95 -18.12
CA GLY G 183 30.44 14.29 -17.94
C GLY G 183 31.60 15.06 -18.55
N ARG G 184 31.35 15.72 -19.67
CA ARG G 184 32.40 16.49 -20.35
C ARG G 184 32.37 17.98 -19.97
N SER G 185 31.53 18.31 -18.99
CA SER G 185 31.38 19.71 -18.55
C SER G 185 30.96 20.66 -19.67
N ILE G 186 30.19 20.14 -20.63
CA ILE G 186 29.70 20.95 -21.72
C ILE G 186 28.34 21.48 -21.30
N ARG G 187 28.22 22.80 -21.32
CA ARG G 187 26.95 23.47 -21.02
C ARG G 187 26.08 23.59 -22.27
N VAL G 188 24.81 23.19 -22.14
CA VAL G 188 23.83 23.33 -23.23
C VAL G 188 22.66 24.19 -22.75
N ASN G 189 22.40 25.30 -23.45
CA ASN G 189 21.30 26.20 -23.09
C ASN G 189 20.47 26.65 -24.29
N ALA G 190 19.18 26.86 -24.04
CA ALA G 190 18.26 27.34 -25.06
C ALA G 190 18.08 28.84 -24.93
N VAL G 191 18.17 29.57 -26.03
CA VAL G 191 17.77 30.96 -26.09
C VAL G 191 16.46 31.05 -26.86
N SER G 192 15.46 31.64 -26.23
CA SER G 192 14.15 31.82 -26.85
C SER G 192 13.89 33.31 -27.08
N PRO G 193 14.11 33.77 -28.34
CA PRO G 193 13.80 35.16 -28.73
C PRO G 193 12.30 35.43 -28.93
N GLY G 194 11.90 36.65 -28.64
CA GLY G 194 10.57 37.09 -29.04
C GLY G 194 10.67 37.71 -30.40
N ALA G 195 10.00 38.83 -30.60
CA ALA G 195 10.13 39.60 -31.82
C ALA G 195 11.50 40.25 -31.92
N ILE G 196 12.27 39.84 -32.93
CA ILE G 196 13.57 40.43 -33.22
C ILE G 196 13.59 40.90 -34.65
N ASP G 197 14.07 42.12 -34.86
CA ASP G 197 14.08 42.76 -36.18
C ASP G 197 15.05 42.07 -37.17
N THR G 198 14.58 40.99 -37.80
CA THR G 198 15.38 40.18 -38.70
C THR G 198 14.56 39.75 -39.92
N PRO G 199 15.22 39.27 -41.01
CA PRO G 199 14.51 38.79 -42.21
C PRO G 199 13.38 37.75 -42.03
N ILE G 200 13.40 36.98 -40.94
CA ILE G 200 12.36 35.94 -40.69
C ILE G 200 10.94 36.50 -40.59
N ILE G 201 10.82 37.77 -40.19
CA ILE G 201 9.54 38.48 -40.12
C ILE G 201 9.07 38.86 -41.52
N GLU G 202 9.97 39.51 -42.28
CA GLU G 202 9.68 39.95 -43.65
C GLU G 202 9.39 38.78 -44.60
N ASN G 203 10.15 37.70 -44.46
CA ASN G 203 10.07 36.56 -45.37
C ASN G 203 8.81 35.67 -45.22
N GLN G 204 7.96 35.97 -44.24
CA GLN G 204 6.74 35.20 -44.04
C GLN G 204 5.48 35.92 -44.48
N VAL G 205 5.50 37.25 -44.48
CA VAL G 205 4.40 38.05 -45.03
C VAL G 205 4.45 38.03 -46.57
N SER G 206 3.35 38.45 -47.20
CA SER G 206 3.28 38.53 -48.66
C SER G 206 3.50 39.96 -49.16
N THR G 207 3.32 40.93 -48.26
CA THR G 207 3.42 42.34 -48.62
C THR G 207 4.20 43.16 -47.58
N GLN G 208 4.95 44.15 -48.05
CA GLN G 208 5.78 45.04 -47.20
C GLN G 208 4.94 45.93 -46.28
N GLU G 209 3.67 46.06 -46.62
CA GLU G 209 2.69 46.79 -45.82
C GLU G 209 2.36 45.97 -44.56
N GLU G 210 2.04 44.69 -44.76
CA GLU G 210 1.73 43.76 -43.67
C GLU G 210 2.82 43.73 -42.59
N ALA G 211 4.07 43.77 -43.03
CA ALA G 211 5.25 43.69 -42.15
C ALA G 211 5.38 44.87 -41.19
N ASP G 212 4.92 46.05 -41.62
CA ASP G 212 4.86 47.22 -40.75
C ASP G 212 3.87 47.03 -39.62
N GLU G 213 2.84 46.21 -39.87
CA GLU G 213 1.75 45.99 -38.93
C GLU G 213 2.02 44.83 -37.98
N LEU G 214 2.69 43.79 -38.48
CA LEU G 214 3.10 42.65 -37.64
C LEU G 214 4.14 43.08 -36.61
N ARG G 215 4.95 44.07 -36.97
CA ARG G 215 5.93 44.66 -36.06
C ARG G 215 5.31 45.56 -35.00
N ALA G 216 4.32 46.34 -35.39
CA ALA G 216 3.61 47.22 -34.44
C ALA G 216 2.73 46.42 -33.49
N LYS G 217 2.30 45.23 -33.92
CA LYS G 217 1.48 44.32 -33.11
C LYS G 217 2.29 43.69 -31.99
N PHE G 218 3.50 43.23 -32.35
CA PHE G 218 4.42 42.62 -31.38
C PHE G 218 4.92 43.63 -30.36
N ALA G 219 5.20 44.85 -30.83
CA ALA G 219 5.61 45.95 -29.95
C ALA G 219 4.59 46.25 -28.87
N ALA G 220 3.31 46.20 -29.23
CA ALA G 220 2.21 46.48 -28.31
C ALA G 220 2.12 45.42 -27.24
N ALA G 221 2.39 44.17 -27.61
CA ALA G 221 2.29 43.03 -26.71
C ALA G 221 3.48 42.90 -25.75
N THR G 222 4.55 43.65 -26.02
CA THR G 222 5.81 43.49 -25.31
C THR G 222 6.07 44.63 -24.33
N PRO G 223 6.18 44.32 -23.02
CA PRO G 223 6.39 45.34 -21.99
C PRO G 223 7.40 46.43 -22.37
N LEU G 224 8.51 46.07 -23.03
CA LEU G 224 9.51 47.05 -23.42
C LEU G 224 9.11 47.89 -24.62
N GLY G 225 7.89 47.68 -25.11
CA GLY G 225 7.27 48.47 -26.19
C GLY G 225 8.00 48.56 -27.52
N ARG G 226 8.70 47.50 -27.93
CA ARG G 226 9.51 47.53 -29.15
C ARG G 226 9.98 46.15 -29.54
N VAL G 227 10.20 45.95 -30.84
CA VAL G 227 10.87 44.73 -31.30
C VAL G 227 12.33 44.80 -30.87
N GLY G 228 12.98 43.64 -30.75
CA GLY G 228 14.40 43.58 -30.35
C GLY G 228 15.33 43.78 -31.51
N ARG G 229 16.49 44.35 -31.24
CA ARG G 229 17.55 44.46 -32.25
C ARG G 229 18.38 43.17 -32.25
N PRO G 230 18.77 42.68 -33.45
CA PRO G 230 19.61 41.47 -33.55
C PRO G 230 20.84 41.54 -32.64
N GLU G 231 21.39 42.75 -32.48
CA GLU G 231 22.53 43.02 -31.60
C GLU G 231 22.23 42.51 -30.19
N GLU G 232 20.98 42.68 -29.77
CA GLU G 232 20.55 42.32 -28.42
C GLU G 232 20.38 40.81 -28.21
N LEU G 233 19.96 40.10 -29.25
CA LEU G 233 19.96 38.64 -29.17
C LEU G 233 21.40 38.09 -29.12
N ALA G 234 22.28 38.65 -29.95
CA ALA G 234 23.69 38.28 -29.93
C ALA G 234 24.32 38.45 -28.55
N ALA G 235 24.03 39.57 -27.88
CA ALA G 235 24.56 39.82 -26.56
C ALA G 235 24.09 38.75 -25.56
N ALA G 236 22.80 38.42 -25.62
CA ALA G 236 22.30 37.33 -24.81
C ALA G 236 22.98 35.98 -25.13
N VAL G 237 23.18 35.67 -26.42
CA VAL G 237 23.91 34.46 -26.82
C VAL G 237 25.37 34.49 -26.32
N LEU G 238 26.02 35.64 -26.44
CA LEU G 238 27.37 35.82 -25.91
C LEU G 238 27.45 35.43 -24.44
N PHE G 239 26.46 35.86 -23.64
CA PHE G 239 26.43 35.56 -22.21
C PHE G 239 26.53 34.05 -22.05
N LEU G 240 25.73 33.33 -22.83
CA LEU G 240 25.69 31.89 -22.73
C LEU G 240 26.98 31.26 -23.24
N ALA G 241 27.57 31.88 -24.26
CA ALA G 241 28.83 31.42 -24.85
C ALA G 241 30.04 31.67 -23.94
N SER G 242 29.93 32.68 -23.08
CA SER G 242 31.08 33.16 -22.29
C SER G 242 31.19 32.49 -20.94
N ASP G 243 32.25 32.80 -20.21
CA ASP G 243 32.49 32.22 -18.88
C ASP G 243 31.51 32.74 -17.84
N ASP G 244 30.88 33.88 -18.16
CA ASP G 244 29.91 34.50 -17.26
C ASP G 244 28.78 33.54 -16.89
N SER G 245 28.41 32.67 -17.84
CA SER G 245 27.33 31.70 -17.63
C SER G 245 27.85 30.34 -17.21
N SER G 246 29.04 30.32 -16.63
CA SER G 246 29.71 29.05 -16.30
C SER G 246 28.93 28.14 -15.37
N TYR G 247 27.98 28.71 -14.63
CA TYR G 247 27.13 27.91 -13.74
C TYR G 247 25.67 27.93 -14.21
N VAL G 248 25.47 28.27 -15.47
CA VAL G 248 24.15 28.27 -16.08
C VAL G 248 24.03 27.10 -17.05
N ALA G 249 23.13 26.17 -16.73
CA ALA G 249 22.98 24.96 -17.56
C ALA G 249 21.53 24.60 -17.83
N GLY G 250 21.24 24.25 -19.08
CA GLY G 250 19.95 23.65 -19.45
C GLY G 250 18.77 24.59 -19.45
N ILE G 251 19.04 25.89 -19.42
CA ILE G 251 17.97 26.88 -19.27
C ILE G 251 17.30 27.34 -20.55
N GLU G 252 16.17 27.98 -20.38
CA GLU G 252 15.53 28.70 -21.44
C GLU G 252 15.60 30.19 -21.09
N LEU G 253 16.54 30.87 -21.76
CA LEU G 253 16.75 32.32 -21.62
C LEU G 253 15.83 33.06 -22.58
N PHE G 254 14.75 33.65 -22.05
CA PHE G 254 13.82 34.45 -22.84
C PHE G 254 14.37 35.83 -23.11
N VAL G 255 14.60 36.16 -24.38
CA VAL G 255 15.04 37.49 -24.80
C VAL G 255 13.88 38.02 -25.64
N ASP G 256 12.87 38.55 -24.94
CA ASP G 256 11.62 38.91 -25.60
C ASP G 256 11.03 40.20 -25.09
N GLY G 257 11.83 41.00 -24.40
CA GLY G 257 11.34 42.24 -23.75
C GLY G 257 10.19 42.07 -22.75
N GLY G 258 10.00 40.87 -22.21
CA GLY G 258 9.00 40.61 -21.20
C GLY G 258 7.71 39.96 -21.71
N LEU G 259 7.67 39.68 -23.00
CA LEU G 259 6.47 39.15 -23.67
C LEU G 259 5.82 37.95 -22.98
N THR G 260 6.64 36.94 -22.68
CA THR G 260 6.15 35.72 -22.10
C THR G 260 6.19 35.75 -20.61
N GLN G 261 6.77 36.80 -20.04
CA GLN G 261 6.95 36.85 -18.58
C GLN G 261 5.85 37.55 -17.76
N VAL G 262 4.96 38.31 -18.41
CA VAL G 262 3.93 39.06 -17.68
C VAL G 262 2.53 38.60 -18.04
N ALA H 14 -24.40 9.27 -12.10
CA ALA H 14 -23.27 8.32 -11.95
C ALA H 14 -22.42 8.32 -13.21
N TYR H 15 -23.06 8.63 -14.33
CA TYR H 15 -22.48 8.47 -15.66
C TYR H 15 -22.07 9.84 -16.20
N ARG H 16 -20.77 10.14 -16.08
CA ARG H 16 -20.24 11.46 -16.43
C ARG H 16 -19.92 11.66 -17.92
N LEU H 17 -20.05 10.60 -18.71
CA LEU H 17 -19.87 10.69 -20.17
C LEU H 17 -21.00 10.00 -20.92
N LEU H 18 -22.20 10.04 -20.34
CA LEU H 18 -23.40 9.39 -20.86
C LEU H 18 -23.71 9.78 -22.31
N ASN H 19 -23.66 8.78 -23.19
CA ASN H 19 -23.95 8.91 -24.63
C ASN H 19 -22.96 9.72 -25.44
N LYS H 20 -21.84 10.09 -24.82
CA LYS H 20 -20.81 10.82 -25.52
C LYS H 20 -20.02 9.79 -26.29
N THR H 21 -19.59 10.14 -27.50
CA THR H 21 -18.77 9.26 -28.33
C THR H 21 -17.32 9.66 -28.20
N ALA H 22 -16.48 8.67 -27.91
CA ALA H 22 -15.04 8.92 -27.74
C ALA H 22 -14.15 8.08 -28.68
N VAL H 23 -13.05 8.65 -29.13
CA VAL H 23 -12.07 7.93 -29.95
C VAL H 23 -10.72 7.97 -29.20
N ILE H 24 -10.12 6.80 -29.02
CA ILE H 24 -8.85 6.66 -28.31
C ILE H 24 -7.85 5.91 -29.19
N THR H 25 -6.90 6.63 -29.76
CA THR H 25 -5.77 5.97 -30.39
C THR H 25 -4.88 5.38 -29.30
N GLY H 26 -4.26 4.23 -29.59
CA GLY H 26 -3.47 3.48 -28.62
C GLY H 26 -4.35 2.83 -27.55
N GLY H 27 -5.52 2.38 -27.98
CA GLY H 27 -6.55 1.92 -27.07
C GLY H 27 -6.56 0.45 -26.74
N ASN H 28 -5.65 -0.34 -27.30
CA ASN H 28 -5.63 -1.78 -27.05
C ASN H 28 -4.69 -2.18 -25.93
N SER H 29 -4.09 -1.17 -25.29
CA SER H 29 -3.01 -1.40 -24.35
C SER H 29 -2.92 -0.33 -23.26
N GLY H 30 -2.33 -0.73 -22.15
CA GLY H 30 -1.99 0.17 -21.04
C GLY H 30 -2.95 1.29 -20.72
N ILE H 31 -2.49 2.53 -20.94
CA ILE H 31 -3.25 3.73 -20.65
C ILE H 31 -4.49 3.83 -21.53
N GLY H 32 -4.33 3.68 -22.84
CA GLY H 32 -5.45 3.75 -23.77
C GLY H 32 -6.60 2.84 -23.36
N LEU H 33 -6.28 1.60 -23.01
CA LEU H 33 -7.28 0.60 -22.67
C LEU H 33 -7.98 0.89 -21.32
N ALA H 34 -7.20 1.27 -20.31
CA ALA H 34 -7.75 1.60 -18.97
C ALA H 34 -8.73 2.78 -19.03
N THR H 35 -8.43 3.71 -19.93
CA THR H 35 -9.25 4.87 -20.19
C THR H 35 -10.53 4.41 -20.89
N ALA H 36 -10.37 3.53 -21.89
CA ALA H 36 -11.51 2.96 -22.60
C ALA H 36 -12.49 2.33 -21.62
N LYS H 37 -11.97 1.47 -20.75
CA LYS H 37 -12.80 0.87 -19.71
C LYS H 37 -13.54 1.95 -18.91
N ARG H 38 -12.80 2.88 -18.32
CA ARG H 38 -13.40 3.91 -17.47
C ARG H 38 -14.42 4.73 -18.23
N PHE H 39 -14.10 5.06 -19.48
CA PHE H 39 -15.03 5.78 -20.35
C PHE H 39 -16.36 5.03 -20.48
N VAL H 40 -16.31 3.73 -20.79
CA VAL H 40 -17.49 2.91 -20.97
C VAL H 40 -18.27 2.83 -19.66
N ALA H 41 -17.54 2.64 -18.57
CA ALA H 41 -18.11 2.65 -17.22
C ALA H 41 -18.93 3.92 -16.97
N GLU H 42 -18.49 5.04 -17.56
CA GLU H 42 -19.13 6.34 -17.39
C GLU H 42 -20.14 6.60 -18.51
N GLY H 43 -20.50 5.54 -19.23
CA GLY H 43 -21.54 5.56 -20.27
C GLY H 43 -21.17 6.10 -21.64
N ALA H 44 -19.90 6.10 -21.99
CA ALA H 44 -19.48 6.55 -23.33
C ALA H 44 -19.50 5.39 -24.32
N TYR H 45 -19.49 5.74 -25.60
CA TYR H 45 -19.24 4.77 -26.65
C TYR H 45 -17.83 5.03 -27.11
N VAL H 46 -17.03 3.97 -27.13
CA VAL H 46 -15.61 4.08 -27.35
C VAL H 46 -15.09 3.35 -28.61
N PHE H 47 -14.42 4.11 -29.47
CA PHE H 47 -13.58 3.54 -30.50
C PHE H 47 -12.15 3.37 -29.99
N ILE H 48 -11.68 2.12 -29.91
CA ILE H 48 -10.26 1.88 -29.68
C ILE H 48 -9.54 1.59 -31.00
N VAL H 49 -8.33 2.13 -31.09
CA VAL H 49 -7.58 2.23 -32.34
C VAL H 49 -6.12 1.84 -32.09
N GLY H 50 -5.57 1.06 -32.99
CA GLY H 50 -4.22 0.51 -32.83
C GLY H 50 -3.90 -0.34 -34.04
N ARG H 51 -2.67 -0.88 -34.07
CA ARG H 51 -2.20 -1.65 -35.22
C ARG H 51 -2.46 -3.14 -35.08
N ARG H 52 -2.26 -3.67 -33.88
CA ARG H 52 -2.34 -5.11 -33.65
C ARG H 52 -3.78 -5.58 -33.48
N ARG H 53 -4.21 -6.45 -34.40
CA ARG H 53 -5.58 -6.94 -34.47
C ARG H 53 -5.94 -7.88 -33.33
N LYS H 54 -5.00 -8.75 -32.96
CA LYS H 54 -5.19 -9.66 -31.85
C LYS H 54 -5.58 -8.88 -30.59
N GLU H 55 -4.74 -7.90 -30.24
CA GLU H 55 -4.88 -7.12 -29.01
C GLU H 55 -6.13 -6.27 -29.04
N LEU H 56 -6.39 -5.64 -30.19
CA LEU H 56 -7.63 -4.90 -30.38
C LEU H 56 -8.84 -5.75 -30.00
N GLU H 57 -8.92 -6.96 -30.57
CA GLU H 57 -10.01 -7.89 -30.30
C GLU H 57 -10.10 -8.28 -28.83
N GLN H 58 -8.95 -8.49 -28.19
CA GLN H 58 -8.90 -8.83 -26.77
C GLN H 58 -9.35 -7.66 -25.92
N ALA H 59 -8.90 -6.46 -26.28
CA ALA H 59 -9.25 -5.24 -25.56
C ALA H 59 -10.76 -4.99 -25.62
N ALA H 60 -11.32 -5.10 -26.82
CA ALA H 60 -12.76 -4.99 -27.02
C ALA H 60 -13.52 -6.03 -26.21
N ALA H 61 -12.99 -7.25 -26.18
CA ALA H 61 -13.57 -8.29 -25.34
C ALA H 61 -13.57 -7.88 -23.86
N GLU H 62 -12.41 -7.42 -23.36
CA GLU H 62 -12.26 -6.99 -21.96
C GLU H 62 -13.18 -5.84 -21.60
N ILE H 63 -13.21 -4.81 -22.44
CA ILE H 63 -14.12 -3.68 -22.26
C ILE H 63 -15.55 -4.19 -22.19
N GLY H 64 -15.94 -5.07 -23.11
CA GLY H 64 -17.24 -5.74 -23.04
C GLY H 64 -18.35 -5.12 -23.87
N ARG H 65 -18.79 -3.91 -23.53
CA ARG H 65 -19.90 -3.25 -24.20
C ARG H 65 -19.54 -1.88 -24.82
N ASN H 66 -20.43 -1.36 -25.65
CA ASN H 66 -20.29 -0.04 -26.26
C ASN H 66 -18.90 0.27 -26.83
N VAL H 67 -18.29 -0.69 -27.52
CA VAL H 67 -16.94 -0.52 -28.02
C VAL H 67 -16.81 -1.01 -29.45
N THR H 68 -16.03 -0.27 -30.25
CA THR H 68 -15.67 -0.70 -31.60
C THR H 68 -14.17 -0.62 -31.76
N ALA H 69 -13.58 -1.74 -32.18
CA ALA H 69 -12.14 -1.78 -32.42
C ALA H 69 -11.88 -1.40 -33.86
N VAL H 70 -10.88 -0.56 -34.08
CA VAL H 70 -10.54 -0.16 -35.42
C VAL H 70 -9.03 -0.31 -35.60
N LYS H 71 -8.64 -1.06 -36.62
CA LYS H 71 -7.24 -1.22 -36.94
C LYS H 71 -6.79 -0.01 -37.73
N ALA H 72 -5.75 0.65 -37.26
CA ALA H 72 -5.19 1.83 -37.93
C ALA H 72 -3.79 2.12 -37.46
N ASP H 73 -2.98 2.60 -38.38
CA ASP H 73 -1.64 3.07 -38.07
C ASP H 73 -1.70 4.59 -38.24
N VAL H 74 -1.47 5.31 -37.14
CA VAL H 74 -1.62 6.76 -37.14
C VAL H 74 -0.60 7.47 -38.03
N THR H 75 0.48 6.78 -38.36
CA THR H 75 1.48 7.32 -39.30
C THR H 75 1.06 7.17 -40.76
N LYS H 76 -0.05 6.46 -41.00
CA LYS H 76 -0.61 6.29 -42.33
C LYS H 76 -1.90 7.10 -42.54
N LEU H 77 -1.80 8.17 -43.31
CA LEU H 77 -2.95 9.04 -43.54
C LEU H 77 -4.21 8.29 -43.95
N GLU H 78 -4.06 7.34 -44.87
CA GLU H 78 -5.19 6.56 -45.36
C GLU H 78 -5.84 5.72 -44.26
N ASP H 79 -5.04 5.24 -43.29
CA ASP H 79 -5.61 4.54 -42.14
C ASP H 79 -6.49 5.45 -41.31
N LEU H 80 -6.09 6.71 -41.19
CA LEU H 80 -6.84 7.71 -40.42
C LEU H 80 -8.17 8.04 -41.09
N ASP H 81 -8.12 8.25 -42.41
CA ASP H 81 -9.30 8.49 -43.24
C ASP H 81 -10.30 7.36 -43.09
N ARG H 82 -9.79 6.14 -43.17
CA ARG H 82 -10.62 4.97 -42.97
C ARG H 82 -11.23 4.96 -41.56
N LEU H 83 -10.40 5.24 -40.56
CA LEU H 83 -10.85 5.30 -39.18
C LEU H 83 -12.07 6.23 -39.08
N TYR H 84 -11.92 7.45 -39.59
CA TYR H 84 -12.94 8.46 -39.41
C TYR H 84 -14.18 8.24 -40.27
N ALA H 85 -14.03 7.46 -41.34
CA ALA H 85 -15.17 7.01 -42.13
C ALA H 85 -16.03 6.08 -41.27
N ILE H 86 -15.39 5.07 -40.66
CA ILE H 86 -16.06 4.12 -39.77
C ILE H 86 -16.75 4.84 -38.63
N VAL H 87 -15.98 5.66 -37.91
CA VAL H 87 -16.50 6.50 -36.82
C VAL H 87 -17.78 7.16 -37.30
N ARG H 88 -17.68 7.88 -38.42
CA ARG H 88 -18.81 8.60 -38.97
C ARG H 88 -20.02 7.71 -39.24
N GLU H 89 -19.81 6.57 -39.90
CA GLU H 89 -20.91 5.65 -40.19
C GLU H 89 -21.58 5.17 -38.91
N GLN H 90 -20.77 4.66 -37.99
CA GLN H 90 -21.28 4.07 -36.74
C GLN H 90 -21.91 5.04 -35.75
N ARG H 91 -21.29 6.20 -35.51
CA ARG H 91 -21.78 7.13 -34.47
C ARG H 91 -21.97 8.57 -34.94
N GLY H 92 -21.34 8.95 -36.04
CA GLY H 92 -21.58 10.25 -36.65
C GLY H 92 -20.77 11.43 -36.14
N SER H 93 -20.38 11.42 -34.87
CA SER H 93 -19.65 12.57 -34.33
C SER H 93 -18.79 12.17 -33.15
N ILE H 94 -17.87 13.05 -32.77
CA ILE H 94 -16.92 12.76 -31.70
C ILE H 94 -17.04 13.81 -30.63
N ASP H 95 -17.23 13.35 -29.39
CA ASP H 95 -17.27 14.25 -28.22
C ASP H 95 -15.91 14.34 -27.53
N VAL H 96 -15.23 13.21 -27.43
CA VAL H 96 -13.94 13.14 -26.80
C VAL H 96 -12.92 12.42 -27.70
N LEU H 97 -11.83 13.11 -28.03
CA LEU H 97 -10.72 12.52 -28.74
C LEU H 97 -9.55 12.44 -27.79
N PHE H 98 -9.06 11.23 -27.56
CA PHE H 98 -7.85 11.00 -26.77
C PHE H 98 -6.70 10.51 -27.68
N ALA H 99 -5.93 11.47 -28.20
CA ALA H 99 -4.81 11.20 -29.10
C ALA H 99 -3.64 10.67 -28.29
N ASN H 100 -3.63 9.36 -28.10
CA ASN H 100 -2.82 8.75 -27.06
C ASN H 100 -1.68 7.84 -27.58
N SER H 101 -1.88 7.23 -28.74
CA SER H 101 -0.84 6.38 -29.33
C SER H 101 0.50 7.11 -29.37
N GLY H 102 1.54 6.40 -28.96
CA GLY H 102 2.89 6.94 -28.92
C GLY H 102 3.83 5.84 -28.49
N ALA H 103 5.13 6.07 -28.64
CA ALA H 103 6.16 5.03 -28.45
C ALA H 103 7.52 5.64 -28.15
N ILE H 104 8.32 4.91 -27.34
CA ILE H 104 9.67 5.32 -26.93
C ILE H 104 10.77 4.31 -27.30
N GLU H 105 11.88 4.84 -27.79
CA GLU H 105 13.08 4.05 -28.02
C GLU H 105 14.27 4.83 -27.45
N GLN H 106 15.00 4.21 -26.52
CA GLN H 106 16.14 4.88 -25.88
C GLN H 106 17.37 4.89 -26.77
N LYS H 107 17.85 6.10 -27.09
CA LYS H 107 19.11 6.32 -27.78
C LYS H 107 19.69 7.66 -27.32
N THR H 108 21.00 7.70 -27.07
CA THR H 108 21.65 8.95 -26.67
C THR H 108 21.93 9.76 -27.92
N LEU H 109 22.38 11.01 -27.74
CA LEU H 109 22.67 11.89 -28.87
C LEU H 109 23.61 11.21 -29.89
N GLU H 110 24.71 10.66 -29.39
CA GLU H 110 25.69 9.93 -30.20
C GLU H 110 25.05 8.84 -31.04
N GLU H 111 24.15 8.09 -30.42
CA GLU H 111 23.50 6.92 -31.03
C GLU H 111 22.42 7.25 -32.04
N ILE H 112 21.99 8.50 -32.12
CA ILE H 112 20.79 8.83 -32.91
C ILE H 112 21.03 8.62 -34.41
N THR H 113 20.20 7.77 -34.99
CA THR H 113 20.18 7.58 -36.43
C THR H 113 18.97 8.32 -37.00
N PRO H 114 18.97 8.57 -38.32
CA PRO H 114 17.77 9.18 -38.94
C PRO H 114 16.51 8.31 -38.82
N GLU H 115 16.68 6.99 -38.84
CA GLU H 115 15.55 6.08 -38.81
C GLU H 115 14.91 6.17 -37.43
N HIS H 116 15.74 6.12 -36.40
CA HIS H 116 15.28 6.31 -35.02
C HIS H 116 14.54 7.61 -34.84
N TYR H 117 15.11 8.70 -35.32
CA TYR H 117 14.45 9.99 -35.25
C TYR H 117 13.07 9.95 -35.88
N ASP H 118 12.99 9.45 -37.12
CA ASP H 118 11.72 9.39 -37.84
C ASP H 118 10.69 8.47 -37.16
N ARG H 119 11.13 7.34 -36.61
CA ARG H 119 10.22 6.47 -35.89
C ARG H 119 9.55 7.22 -34.73
N THR H 120 10.34 7.91 -33.92
CA THR H 120 9.83 8.65 -32.78
C THR H 120 8.88 9.77 -33.20
N PHE H 121 9.33 10.63 -34.09
CA PHE H 121 8.53 11.80 -34.44
C PHE H 121 7.29 11.49 -35.29
N ASP H 122 7.34 10.37 -36.05
CA ASP H 122 6.20 9.98 -36.87
C ASP H 122 5.01 9.57 -36.01
N VAL H 123 5.25 8.75 -35.01
CA VAL H 123 4.15 8.28 -34.18
C VAL H 123 3.76 9.30 -33.10
N ASN H 124 4.76 9.91 -32.47
CA ASN H 124 4.51 10.76 -31.31
C ASN H 124 4.00 12.15 -31.68
N VAL H 125 4.46 12.66 -32.83
CA VAL H 125 4.15 14.05 -33.21
C VAL H 125 3.36 14.12 -34.52
N ARG H 126 3.90 13.52 -35.58
CA ARG H 126 3.28 13.57 -36.90
C ARG H 126 1.93 12.87 -36.88
N GLY H 127 1.90 11.63 -36.40
CA GLY H 127 0.70 10.83 -36.37
C GLY H 127 -0.38 11.55 -35.59
N LEU H 128 0.01 12.09 -34.44
CA LEU H 128 -0.91 12.84 -33.56
C LEU H 128 -1.50 14.08 -34.27
N ILE H 129 -0.64 14.89 -34.88
CA ILE H 129 -1.10 16.04 -35.67
C ILE H 129 -2.19 15.63 -36.66
N PHE H 130 -1.99 14.54 -37.39
CA PHE H 130 -2.98 14.16 -38.37
C PHE H 130 -4.20 13.47 -37.77
N THR H 131 -3.99 12.72 -36.70
CA THR H 131 -5.10 12.24 -35.86
C THR H 131 -6.12 13.37 -35.50
N VAL H 132 -5.62 14.51 -35.02
CA VAL H 132 -6.49 15.62 -34.59
C VAL H 132 -7.05 16.41 -35.78
N GLN H 133 -6.23 16.60 -36.81
CA GLN H 133 -6.65 17.32 -38.03
C GLN H 133 -7.84 16.66 -38.73
N LYS H 134 -7.77 15.34 -38.85
CA LYS H 134 -8.81 14.60 -39.53
C LYS H 134 -10.03 14.30 -38.67
N ALA H 135 -9.93 14.57 -37.37
CA ALA H 135 -11.09 14.47 -36.50
C ALA H 135 -11.94 15.73 -36.54
N LEU H 136 -11.35 16.85 -36.99
CA LEU H 136 -12.02 18.16 -36.94
C LEU H 136 -13.44 18.22 -37.53
N PRO H 137 -13.67 17.59 -38.72
CA PRO H 137 -15.03 17.57 -39.30
C PRO H 137 -16.07 16.88 -38.43
N LEU H 138 -15.63 15.86 -37.69
CA LEU H 138 -16.54 15.07 -36.85
C LEU H 138 -16.65 15.58 -35.41
N LEU H 139 -15.67 16.38 -34.99
CA LEU H 139 -15.61 16.91 -33.63
C LEU H 139 -16.75 17.84 -33.34
N ARG H 140 -17.47 17.56 -32.27
CA ARG H 140 -18.59 18.37 -31.82
C ARG H 140 -18.11 19.68 -31.26
N ASP H 141 -18.81 20.76 -31.56
CA ASP H 141 -18.63 22.00 -30.81
C ASP H 141 -18.79 21.69 -29.32
N GLY H 142 -17.97 22.33 -28.48
CA GLY H 142 -17.98 22.04 -27.04
C GLY H 142 -17.27 20.73 -26.67
N GLY H 143 -16.62 20.10 -27.63
CA GLY H 143 -15.90 18.85 -27.41
C GLY H 143 -14.54 19.00 -26.73
N SER H 144 -13.90 17.85 -26.45
CA SER H 144 -12.67 17.84 -25.68
C SER H 144 -11.62 16.92 -26.27
N VAL H 145 -10.46 17.51 -26.62
CA VAL H 145 -9.31 16.76 -27.12
C VAL H 145 -8.24 16.65 -26.02
N ILE H 146 -7.75 15.44 -25.76
CA ILE H 146 -6.66 15.24 -24.81
C ILE H 146 -5.47 14.61 -25.52
N LEU H 147 -4.33 15.27 -25.41
CA LEU H 147 -3.06 14.79 -25.95
C LEU H 147 -2.20 14.20 -24.83
N THR H 148 -1.57 13.07 -25.10
CA THR H 148 -0.71 12.44 -24.11
C THR H 148 0.72 12.89 -24.28
N SER H 149 1.12 13.88 -23.51
CA SER H 149 2.52 14.27 -23.49
C SER H 149 3.26 13.32 -22.56
N SER H 150 4.22 13.83 -21.79
CA SER H 150 4.95 12.99 -20.82
C SER H 150 5.74 13.88 -19.88
N VAL H 151 6.04 13.40 -18.67
CA VAL H 151 6.99 14.16 -17.82
C VAL H 151 8.35 14.36 -18.50
N ALA H 152 8.74 13.42 -19.38
CA ALA H 152 9.93 13.59 -20.23
C ALA H 152 10.01 14.95 -20.92
N GLY H 153 8.87 15.54 -21.22
CA GLY H 153 8.82 16.77 -21.96
C GLY H 153 9.26 18.00 -21.18
N VAL H 154 9.45 17.86 -19.86
CA VAL H 154 10.01 18.93 -19.04
C VAL H 154 11.29 18.49 -18.30
N LEU H 155 11.72 17.26 -18.51
CA LEU H 155 12.92 16.73 -17.86
C LEU H 155 14.08 16.50 -18.83
N GLY H 156 15.29 16.34 -18.28
CA GLY H 156 16.48 16.01 -19.09
C GLY H 156 16.96 14.62 -18.73
N LEU H 157 16.35 13.61 -19.35
CA LEU H 157 16.60 12.20 -19.02
C LEU H 157 17.59 11.55 -19.99
N GLN H 158 18.60 10.87 -19.44
CA GLN H 158 19.61 10.19 -20.26
C GLN H 158 18.95 9.38 -21.40
N ALA H 159 19.47 9.54 -22.62
CA ALA H 159 19.03 8.76 -23.79
C ALA H 159 17.54 8.83 -24.12
N HIS H 160 16.93 9.97 -23.85
CA HIS H 160 15.51 10.18 -24.12
C HIS H 160 15.36 11.30 -25.12
N ASP H 161 16.45 11.60 -25.81
CA ASP H 161 16.56 12.77 -26.66
C ASP H 161 15.35 13.04 -27.56
N THR H 162 14.94 12.05 -28.36
CA THR H 162 13.84 12.27 -29.31
C THR H 162 12.49 12.14 -28.66
N TYR H 163 12.29 11.09 -27.86
CA TYR H 163 11.05 10.93 -27.11
C TYR H 163 10.65 12.23 -26.41
N SER H 164 11.51 12.70 -25.52
CA SER H 164 11.28 13.91 -24.75
C SER H 164 10.97 15.13 -25.62
N ALA H 165 11.74 15.31 -26.67
CA ALA H 165 11.50 16.40 -27.62
C ALA H 165 10.14 16.27 -28.31
N ALA H 166 9.79 15.07 -28.71
CA ALA H 166 8.54 14.85 -29.36
C ALA H 166 7.38 15.22 -28.42
N LYS H 167 7.44 14.73 -27.17
CA LYS H 167 6.38 14.97 -26.18
C LYS H 167 6.31 16.44 -25.77
N ALA H 168 7.44 17.13 -25.84
CA ALA H 168 7.45 18.56 -25.62
C ALA H 168 6.74 19.23 -26.79
N ALA H 169 6.85 18.62 -27.97
CA ALA H 169 6.17 19.11 -29.16
C ALA H 169 4.67 18.95 -28.97
N VAL H 170 4.27 17.76 -28.48
CA VAL H 170 2.86 17.48 -28.18
C VAL H 170 2.21 18.47 -27.19
N ARG H 171 2.94 18.87 -26.15
CA ARG H 171 2.43 19.84 -25.21
C ARG H 171 2.16 21.18 -25.89
N SER H 172 3.07 21.60 -26.75
CA SER H 172 2.94 22.85 -27.47
C SER H 172 1.64 22.87 -28.31
N LEU H 173 1.39 21.78 -29.06
CA LEU H 173 0.19 21.64 -29.90
C LEU H 173 -1.10 21.90 -29.14
N ALA H 174 -1.16 21.49 -27.87
CA ALA H 174 -2.33 21.79 -27.02
C ALA H 174 -2.53 23.29 -26.81
N ARG H 175 -1.44 24.05 -26.74
CA ARG H 175 -1.54 25.50 -26.61
C ARG H 175 -2.03 26.10 -27.94
N THR H 176 -1.35 25.73 -29.06
CA THR H 176 -1.72 26.24 -30.37
C THR H 176 -3.19 25.92 -30.71
N TRP H 177 -3.63 24.68 -30.47
CA TRP H 177 -4.97 24.26 -30.86
C TRP H 177 -6.01 24.83 -29.94
N THR H 178 -5.59 25.31 -28.77
CA THR H 178 -6.52 26.00 -27.89
C THR H 178 -6.95 27.29 -28.57
N THR H 179 -5.99 28.00 -29.15
CA THR H 179 -6.27 29.21 -29.92
C THR H 179 -7.01 28.88 -31.23
N GLU H 180 -6.58 27.88 -31.97
CA GLU H 180 -7.19 27.60 -33.26
C GLU H 180 -8.61 27.03 -33.18
N LEU H 181 -8.93 26.35 -32.08
CA LEU H 181 -10.27 25.75 -31.96
C LEU H 181 -11.22 26.49 -30.98
N LYS H 182 -10.77 27.60 -30.42
CA LYS H 182 -11.58 28.29 -29.42
C LYS H 182 -12.92 28.71 -30.01
N GLY H 183 -12.93 29.10 -31.28
CA GLY H 183 -14.14 29.48 -31.98
C GLY H 183 -15.24 28.43 -31.87
N ARG H 184 -14.84 27.15 -31.87
CA ARG H 184 -15.80 26.06 -31.78
C ARG H 184 -16.00 25.56 -30.34
N SER H 185 -15.42 26.29 -29.38
CA SER H 185 -15.50 25.90 -27.97
C SER H 185 -14.97 24.49 -27.71
N ILE H 186 -13.98 24.07 -28.50
CA ILE H 186 -13.35 22.79 -28.29
C ILE H 186 -12.16 23.00 -27.35
N ARG H 187 -12.17 22.28 -26.24
CA ARG H 187 -11.05 22.32 -25.29
C ARG H 187 -9.96 21.29 -25.68
N VAL H 188 -8.72 21.76 -25.72
CA VAL H 188 -7.57 20.89 -25.96
C VAL H 188 -6.58 20.95 -24.78
N ASN H 189 -6.29 19.81 -24.16
CA ASN H 189 -5.41 19.74 -23.02
C ASN H 189 -4.41 18.57 -23.12
N ALA H 190 -3.21 18.79 -22.58
CA ALA H 190 -2.17 17.79 -22.55
C ALA H 190 -2.16 17.11 -21.20
N VAL H 191 -2.13 15.79 -21.18
CA VAL H 191 -1.86 15.03 -19.96
C VAL H 191 -0.43 14.51 -20.02
N SER H 192 0.37 14.81 -19.01
CA SER H 192 1.75 14.33 -18.95
C SER H 192 1.90 13.36 -17.78
N PRO H 193 1.88 12.05 -18.08
CA PRO H 193 2.12 11.01 -17.07
C PRO H 193 3.57 10.87 -16.67
N GLY H 194 3.81 10.51 -15.41
CA GLY H 194 5.12 10.06 -14.98
C GLY H 194 5.23 8.56 -15.22
N ALA H 195 5.84 7.86 -14.27
CA ALA H 195 5.87 6.42 -14.31
C ALA H 195 4.48 5.83 -14.07
N ILE H 196 3.97 5.14 -15.09
CA ILE H 196 2.70 4.43 -14.99
C ILE H 196 2.93 2.97 -15.35
N ASP H 197 2.37 2.08 -14.54
CA ASP H 197 2.55 0.64 -14.70
C ASP H 197 1.88 0.07 -15.97
N THR H 198 2.57 0.17 -17.11
CA THR H 198 2.04 -0.21 -18.40
C THR H 198 3.14 -0.88 -19.23
N PRO H 199 2.76 -1.61 -20.33
CA PRO H 199 3.73 -2.27 -21.23
C PRO H 199 4.90 -1.42 -21.77
N ILE H 200 4.76 -0.09 -21.83
CA ILE H 200 5.81 0.81 -22.38
C ILE H 200 7.14 0.74 -21.59
N ILE H 201 7.04 0.40 -20.31
CA ILE H 201 8.20 0.21 -19.44
C ILE H 201 8.89 -1.11 -19.78
N GLU H 202 8.10 -2.19 -19.81
CA GLU H 202 8.61 -3.53 -20.09
C GLU H 202 9.19 -3.66 -21.49
N ASN H 203 8.54 -3.03 -22.46
CA ASN H 203 8.92 -3.15 -23.88
C ASN H 203 10.20 -2.41 -24.29
N GLN H 204 10.79 -1.66 -23.37
CA GLN H 204 12.02 -0.93 -23.67
C GLN H 204 13.27 -1.55 -23.05
N VAL H 205 13.11 -2.27 -21.95
CA VAL H 205 14.21 -3.06 -21.38
C VAL H 205 14.49 -4.33 -22.20
N SER H 206 15.64 -4.95 -21.97
CA SER H 206 15.99 -6.20 -22.65
C SER H 206 15.72 -7.42 -21.77
N THR H 207 15.63 -7.19 -20.46
CA THR H 207 15.46 -8.27 -19.49
C THR H 207 14.41 -7.94 -18.41
N GLN H 208 13.66 -8.96 -17.97
CA GLN H 208 12.61 -8.83 -16.96
C GLN H 208 13.15 -8.45 -15.58
N GLU H 209 14.45 -8.67 -15.40
CA GLU H 209 15.17 -8.28 -14.19
C GLU H 209 15.34 -6.77 -14.15
N GLU H 210 15.80 -6.19 -15.26
CA GLU H 210 15.98 -4.74 -15.41
C GLU H 210 14.71 -3.94 -15.07
N ALA H 211 13.57 -4.48 -15.51
CA ALA H 211 12.26 -3.84 -15.35
C ALA H 211 11.84 -3.69 -13.88
N ASP H 212 12.24 -4.64 -13.04
CA ASP H 212 12.00 -4.57 -11.60
C ASP H 212 12.77 -3.39 -10.99
N GLU H 213 13.90 -3.05 -11.60
CA GLU H 213 14.81 -2.03 -11.08
C GLU H 213 14.48 -0.64 -11.60
N LEU H 214 14.02 -0.55 -12.85
CA LEU H 214 13.57 0.70 -13.45
C LEU H 214 12.30 1.22 -12.75
N ARG H 215 11.49 0.29 -12.27
CA ARG H 215 10.29 0.61 -11.49
C ARG H 215 10.60 1.07 -10.07
N ALA H 216 11.56 0.43 -9.43
CA ALA H 216 11.98 0.81 -8.07
C ALA H 216 12.73 2.14 -8.07
N LYS H 217 13.36 2.47 -9.21
CA LYS H 217 14.08 3.74 -9.39
C LYS H 217 13.12 4.93 -9.48
N PHE H 218 12.06 4.75 -10.27
CA PHE H 218 11.04 5.78 -10.46
C PHE H 218 10.24 6.01 -9.18
N ALA H 219 9.94 4.93 -8.47
CA ALA H 219 9.25 5.01 -7.18
C ALA H 219 10.02 5.86 -6.17
N ALA H 220 11.34 5.73 -6.16
CA ALA H 220 12.20 6.46 -5.24
C ALA H 220 12.17 7.95 -5.54
N ALA H 221 12.11 8.28 -6.83
CA ALA H 221 12.15 9.66 -7.29
C ALA H 221 10.82 10.41 -7.12
N THR H 222 9.76 9.65 -6.82
CA THR H 222 8.39 10.17 -6.83
C THR H 222 7.83 10.34 -5.43
N PRO H 223 7.50 11.59 -5.02
CA PRO H 223 6.98 11.86 -3.68
C PRO H 223 5.96 10.84 -3.17
N LEU H 224 5.07 10.35 -4.03
CA LEU H 224 4.07 9.39 -3.59
C LEU H 224 4.61 7.97 -3.44
N GLY H 225 5.91 7.83 -3.64
CA GLY H 225 6.66 6.58 -3.44
C GLY H 225 6.20 5.34 -4.18
N ARG H 226 5.69 5.49 -5.40
CA ARG H 226 5.13 4.37 -6.17
C ARG H 226 4.88 4.74 -7.63
N VAL H 227 4.96 3.75 -8.52
CA VAL H 227 4.52 3.96 -9.90
C VAL H 227 3.00 4.11 -9.89
N GLY H 228 2.46 4.79 -10.91
CA GLY H 228 1.02 5.00 -11.00
C GLY H 228 0.30 3.81 -11.63
N ARG H 229 -0.96 3.62 -11.24
CA ARG H 229 -1.77 2.59 -11.88
C ARG H 229 -2.45 3.19 -13.12
N PRO H 230 -2.55 2.41 -14.23
CA PRO H 230 -3.23 2.89 -15.45
C PRO H 230 -4.62 3.46 -15.15
N GLU H 231 -5.30 2.88 -14.17
CA GLU H 231 -6.60 3.35 -13.69
C GLU H 231 -6.54 4.83 -13.33
N GLU H 232 -5.42 5.22 -12.74
CA GLU H 232 -5.24 6.58 -12.25
C GLU H 232 -4.98 7.59 -13.37
N LEU H 233 -4.28 7.16 -14.43
CA LEU H 233 -4.16 8.03 -15.59
C LEU H 233 -5.52 8.23 -16.27
N ALA H 234 -6.26 7.14 -16.42
CA ALA H 234 -7.60 7.18 -17.00
C ALA H 234 -8.53 8.15 -16.25
N ALA H 235 -8.47 8.11 -14.91
CA ALA H 235 -9.27 9.03 -14.12
C ALA H 235 -8.90 10.50 -14.42
N ALA H 236 -7.61 10.78 -14.48
CA ALA H 236 -7.14 12.11 -14.87
C ALA H 236 -7.63 12.50 -16.27
N VAL H 237 -7.56 11.57 -17.23
CA VAL H 237 -8.04 11.82 -18.59
C VAL H 237 -9.57 12.06 -18.57
N LEU H 238 -10.29 11.26 -17.78
CA LEU H 238 -11.74 11.45 -17.63
C LEU H 238 -12.06 12.88 -17.20
N PHE H 239 -11.27 13.41 -16.27
CA PHE H 239 -11.51 14.76 -15.78
C PHE H 239 -11.50 15.74 -16.95
N LEU H 240 -10.49 15.58 -17.81
CA LEU H 240 -10.32 16.44 -18.94
C LEU H 240 -11.41 16.20 -19.99
N ALA H 241 -11.85 14.95 -20.11
CA ALA H 241 -12.93 14.57 -21.03
C ALA H 241 -14.31 15.04 -20.58
N SER H 242 -14.48 15.23 -19.26
CA SER H 242 -15.79 15.51 -18.68
C SER H 242 -16.10 16.97 -18.55
N ASP H 243 -17.32 17.30 -18.12
CA ASP H 243 -17.77 18.68 -17.96
C ASP H 243 -17.06 19.36 -16.81
N ASP H 244 -16.49 18.56 -15.91
CA ASP H 244 -15.79 19.05 -14.73
C ASP H 244 -14.68 20.02 -15.12
N SER H 245 -14.04 19.76 -16.27
CA SER H 245 -12.93 20.57 -16.75
C SER H 245 -13.39 21.64 -17.75
N SER H 246 -14.67 21.97 -17.72
CA SER H 246 -15.26 22.86 -18.72
C SER H 246 -14.59 24.22 -18.83
N TYR H 247 -13.86 24.64 -17.79
CA TYR H 247 -13.12 25.90 -17.82
C TYR H 247 -11.61 25.67 -17.79
N VAL H 248 -11.21 24.44 -18.11
CA VAL H 248 -9.81 24.09 -18.19
C VAL H 248 -9.36 23.96 -19.64
N ALA H 249 -8.46 24.84 -20.08
CA ALA H 249 -8.02 24.83 -21.48
C ALA H 249 -6.51 24.97 -21.65
N GLY H 250 -5.95 24.13 -22.54
CA GLY H 250 -4.55 24.28 -23.01
C GLY H 250 -3.50 23.93 -21.98
N ILE H 251 -3.88 23.22 -20.92
CA ILE H 251 -2.98 22.94 -19.82
C ILE H 251 -2.11 21.68 -19.99
N GLU H 252 -1.10 21.58 -19.13
CA GLU H 252 -0.37 20.38 -18.96
C GLU H 252 -0.66 19.87 -17.56
N LEU H 253 -1.51 18.84 -17.50
CA LEU H 253 -1.87 18.14 -16.28
C LEU H 253 -0.86 17.03 -15.98
N PHE H 254 0.03 17.28 -15.03
CA PHE H 254 1.00 16.28 -14.61
C PHE H 254 0.39 15.22 -13.69
N VAL H 255 0.38 13.98 -14.15
CA VAL H 255 -0.11 12.84 -13.34
C VAL H 255 1.13 11.97 -13.11
N ASP H 256 1.93 12.35 -12.11
CA ASP H 256 3.25 11.77 -11.92
C ASP H 256 3.60 11.56 -10.45
N GLY H 257 2.59 11.60 -9.57
CA GLY H 257 2.82 11.55 -8.13
C GLY H 257 3.75 12.59 -7.54
N GLY H 258 3.95 13.71 -8.23
CA GLY H 258 4.77 14.80 -7.71
C GLY H 258 6.18 14.91 -8.26
N LEU H 259 6.54 13.97 -9.16
CA LEU H 259 7.89 13.83 -9.70
C LEU H 259 8.48 15.11 -10.22
N THR H 260 7.75 15.81 -11.08
CA THR H 260 8.23 17.04 -11.69
C THR H 260 7.86 18.28 -10.87
N GLN H 261 7.11 18.10 -9.79
CA GLN H 261 6.61 19.25 -9.05
C GLN H 261 7.47 19.68 -7.85
N VAL H 262 8.37 18.82 -7.39
CA VAL H 262 9.17 19.13 -6.19
C VAL H 262 10.66 19.25 -6.47
PA NAP I . -26.71 -34.32 -1.84
O1A NAP I . -26.71 -35.33 -2.97
O2A NAP I . -27.29 -32.94 -2.10
O5B NAP I . -27.57 -34.86 -0.59
C5B NAP I . -28.15 -34.00 0.42
C4B NAP I . -29.22 -34.87 1.08
O4B NAP I . -29.90 -34.17 2.12
C3B NAP I . -30.26 -35.32 0.06
O3B NAP I . -30.42 -36.75 0.08
C2B NAP I . -31.54 -34.60 0.48
O2B NAP I . -32.75 -35.34 0.22
C1B NAP I . -31.31 -34.36 1.96
N9A NAP I . -32.07 -33.20 2.46
C8A NAP I . -31.86 -31.90 2.18
N7A NAP I . -32.75 -31.13 2.86
C5A NAP I . -33.55 -31.93 3.59
C6A NAP I . -34.70 -31.78 4.53
N6A NAP I . -35.20 -30.56 4.83
N1A NAP I . -35.24 -32.91 5.08
C2A NAP I . -34.75 -34.14 4.79
N3A NAP I . -33.72 -34.35 3.94
C4A NAP I . -33.09 -33.31 3.32
O3 NAP I . -25.17 -34.13 -1.32
PN NAP I . -24.22 -35.20 -0.52
O1N NAP I . -24.89 -36.57 -0.47
O2N NAP I . -22.80 -35.15 -1.03
O5D NAP I . -24.22 -34.46 0.93
C5D NAP I . -24.37 -35.11 2.21
C4D NAP I . -23.79 -34.20 3.27
O4D NAP I . -22.38 -34.05 3.03
C3D NAP I . -24.42 -32.81 3.15
O3D NAP I . -24.83 -32.45 4.44
C2D NAP I . -23.28 -31.89 2.78
O2D NAP I . -23.36 -30.72 3.58
C1D NAP I . -22.02 -32.66 3.17
N1N NAP I . -20.85 -32.22 2.38
C2N NAP I . -20.55 -32.74 1.18
C3N NAP I . -19.42 -32.29 0.47
C7N NAP I . -19.07 -32.89 -0.87
O7N NAP I . -18.19 -32.38 -1.55
N7N NAP I . -19.73 -33.97 -1.29
C4N NAP I . -18.61 -31.29 1.00
C5N NAP I . -18.95 -30.75 2.24
C6N NAP I . -20.07 -31.25 2.91
P2B NAP I . -34.10 -34.64 -0.27
O1X NAP I . -34.72 -35.69 -1.18
O2X NAP I . -33.64 -33.38 -0.99
O3X NAP I . -34.85 -34.36 1.01
C1 GOL J . -15.41 -27.07 -0.26
O1 GOL J . -14.93 -28.35 -0.73
C2 GOL J . -16.87 -27.20 0.17
O2 GOL J . -17.64 -26.05 -0.25
C3 GOL J . -17.49 -28.48 -0.41
O3 GOL J . -18.07 -28.25 -1.70
PA NAP K . -23.25 -9.66 29.40
O1A NAP K . -22.35 -9.34 30.56
O2A NAP K . -24.59 -10.30 29.62
O5B NAP K . -23.45 -8.52 28.26
C5B NAP K . -24.28 -8.82 27.12
C4B NAP K . -24.78 -7.64 26.28
O4B NAP K . -25.43 -8.13 25.09
C3B NAP K . -25.81 -6.75 27.00
O3B NAP K . -25.45 -5.36 26.97
C2B NAP K . -27.10 -6.89 26.22
O2B NAP K . -27.71 -5.60 26.15
C1B NAP K . -26.63 -7.37 24.84
N9A NAP K . -27.70 -8.05 24.04
C8A NAP K . -28.27 -9.27 24.18
N7A NAP K . -29.23 -9.51 23.19
C5A NAP K . -29.27 -8.43 22.42
C6A NAP K . -30.03 -7.97 21.24
N6A NAP K . -30.95 -8.73 20.63
N1A NAP K . -29.72 -6.72 20.74
C2A NAP K . -28.79 -5.90 21.32
N3A NAP K . -28.06 -6.26 22.40
C4A NAP K . -28.26 -7.48 22.98
O3 NAP K . -22.40 -10.68 28.47
PN NAP K . -20.80 -10.63 28.48
O1N NAP K . -20.40 -9.27 28.98
O2N NAP K . -20.38 -11.90 29.18
O5D NAP K . -20.40 -10.59 26.94
C5D NAP K . -21.42 -10.72 25.98
C4D NAP K . -20.81 -11.70 25.03
O4D NAP K . -19.69 -12.34 25.68
C3D NAP K . -21.83 -12.75 24.70
O3D NAP K . -21.82 -12.90 23.27
C2D NAP K . -21.26 -13.98 25.39
O2D NAP K . -21.64 -15.13 24.65
C1D NAP K . -19.75 -13.74 25.43
N1N NAP K . -19.05 -14.56 26.46
C2N NAP K . -18.81 -14.08 27.70
C3N NAP K . -18.17 -14.89 28.65
C7N NAP K . -17.91 -14.35 30.04
O7N NAP K . -17.25 -15.01 30.83
N7N NAP K . -18.42 -13.16 30.38
C4N NAP K . -17.78 -16.20 28.32
C5N NAP K . -18.04 -16.68 27.06
C6N NAP K . -18.67 -15.82 26.15
P2B NAP K . -29.27 -5.42 26.45
O1X NAP K . -29.41 -6.13 27.77
O2X NAP K . -29.86 -6.04 25.21
O3X NAP K . -29.56 -3.95 26.58
C1 GOL L . -19.03 -20.97 29.55
O1 GOL L . -17.73 -21.06 30.16
C2 GOL L . -19.82 -19.84 30.22
O2 GOL L . -20.31 -18.92 29.26
C3 GOL L . -20.97 -20.44 31.03
O3 GOL L . -20.88 -19.99 32.40
PA NAP M . 5.55 -49.71 25.30
O1A NAP M . 4.69 -50.92 25.61
O2A NAP M . 6.58 -49.21 26.29
O5B NAP M . 6.28 -49.99 23.91
C5B NAP M . 7.12 -49.02 23.33
C4B NAP M . 7.77 -49.74 22.16
O4B NAP M . 8.78 -48.92 21.55
C3B NAP M . 8.42 -51.01 22.69
O3B NAP M . 7.92 -52.16 22.01
C2B NAP M . 9.90 -50.77 22.49
O2B NAP M . 10.61 -51.97 22.19
C1B NAP M . 9.96 -49.70 21.38
N9A NAP M . 11.20 -48.87 21.39
C8A NAP M . 11.61 -47.96 22.29
N7A NAP M . 12.81 -47.43 21.93
C5A NAP M . 13.17 -48.00 20.76
C6A NAP M . 14.32 -47.94 19.79
N6A NAP M . 15.38 -47.10 19.99
N1A NAP M . 14.29 -48.73 18.68
C2A NAP M . 13.26 -49.57 18.46
N3A NAP M . 12.20 -49.70 19.29
C4A NAP M . 12.11 -48.96 20.42
O3 NAP M . 4.60 -48.43 24.99
PN NAP M . 3.34 -48.43 23.98
O1N NAP M . 3.50 -49.59 23.00
O2N NAP M . 2.05 -48.27 24.74
O5D NAP M . 3.69 -47.07 23.22
C5D NAP M . 3.87 -47.12 21.81
C4D NAP M . 3.65 -45.74 21.22
O4D NAP M . 2.41 -45.18 21.69
C3D NAP M . 4.77 -44.84 21.70
O3D NAP M . 5.37 -44.25 20.52
C2D NAP M . 4.09 -43.88 22.67
O2D NAP M . 4.73 -42.60 22.70
C1D NAP M . 2.63 -43.86 22.19
N1N NAP M . 1.64 -43.48 23.22
C2N NAP M . 1.05 -44.40 24.00
C3N NAP M . 0.11 -44.01 24.97
C7N NAP M . -0.53 -45.03 25.84
O7N NAP M . -0.92 -44.67 26.94
N7N NAP M . -0.61 -46.29 25.42
C4N NAP M . -0.23 -42.67 25.14
C5N NAP M . 0.39 -41.72 24.34
C6N NAP M . 1.31 -42.18 23.38
P2B NAP M . 12.01 -52.27 22.93
O1X NAP M . 12.22 -53.77 22.77
O2X NAP M . 11.83 -51.87 24.38
O3X NAP M . 12.95 -51.44 22.10
C1 GOL N . 0.63 -40.24 29.35
O1 GOL N . 1.78 -40.97 28.93
C2 GOL N . -0.14 -39.76 28.12
O2 GOL N . 0.38 -40.37 26.93
C3 GOL N . -1.61 -40.10 28.26
O3 GOL N . -2.29 -38.96 28.79
PA NAP O . 16.80 -14.03 11.26
O1A NAP O . 17.27 -12.70 11.78
O2A NAP O . 17.37 -14.57 9.97
O5B NAP O . 16.90 -15.19 12.39
C5B NAP O . 17.96 -15.41 13.31
C4B NAP O . 18.01 -14.43 14.50
O4B NAP O . 18.37 -15.08 15.75
C3B NAP O . 19.22 -13.56 14.28
O3B NAP O . 19.22 -12.45 15.19
C2B NAP O . 20.32 -14.57 14.59
O2B NAP O . 21.61 -13.99 14.47
C1B NAP O . 19.81 -15.15 15.91
N9A NAP O . 20.30 -16.55 16.21
C8A NAP O . 20.18 -17.63 15.41
N7A NAP O . 20.70 -18.74 15.99
C5A NAP O . 21.16 -18.42 17.20
C6A NAP O . 21.83 -19.12 18.32
N6A NAP O . 22.11 -20.44 18.26
N1A NAP O . 22.15 -18.39 19.42
C2A NAP O . 21.88 -17.06 19.50
N3A NAP O . 21.27 -16.36 18.51
C4A NAP O . 20.89 -16.96 17.35
O3 NAP O . 15.19 -13.83 11.10
PN NAP O . 14.16 -13.29 12.26
O1N NAP O . 14.84 -12.44 13.37
O2N NAP O . 13.00 -12.70 11.46
O5D NAP O . 13.60 -14.68 12.87
C5D NAP O . 13.05 -14.80 14.19
C4D NAP O . 12.19 -16.06 14.39
O4D NAP O . 10.97 -16.01 13.61
C3D NAP O . 12.94 -17.34 14.03
O3D NAP O . 12.98 -18.26 15.14
C2D NAP O . 12.17 -17.91 12.85
O2D NAP O . 12.22 -19.35 12.77
C1D NAP O . 10.75 -17.29 12.97
N1N NAP O . 9.95 -17.27 11.70
C2N NAP O . 10.02 -16.25 10.83
C3N NAP O . 9.26 -16.25 9.65
C7N NAP O . 9.37 -15.09 8.70
O7N NAP O . 8.89 -15.16 7.57
N7N NAP O . 9.99 -13.98 9.12
C4N NAP O . 8.41 -17.33 9.35
C5N NAP O . 8.35 -18.38 10.26
C6N NAP O . 9.13 -18.30 11.42
P2B NAP O . 22.85 -14.13 15.49
O1X NAP O . 23.53 -12.81 15.21
O2X NAP O . 23.59 -15.39 15.06
O3X NAP O . 22.24 -14.18 16.88
PA NAP P . 25.13 35.50 3.27
O1A NAP P . 26.53 35.76 2.77
O2A NAP P . 25.03 34.78 4.60
O5B NAP P . 24.37 36.90 3.45
C5B NAP P . 23.01 37.29 3.21
C4B NAP P . 23.13 38.80 3.04
O4B NAP P . 21.91 39.47 3.38
C3B NAP P . 24.21 39.33 3.99
O3B NAP P . 25.17 40.16 3.30
C2B NAP P . 23.44 40.06 5.08
O2B NAP P . 24.19 41.13 5.70
C1B NAP P . 22.23 40.51 4.30
N9A NAP P . 21.07 40.73 5.18
C8A NAP P . 20.37 39.79 5.85
N7A NAP P . 19.36 40.35 6.55
C5A NAP P . 19.41 41.68 6.32
C6A NAP P . 18.65 42.87 6.76
N6A NAP P . 17.62 42.66 7.60
N1A NAP P . 19.03 44.11 6.32
C2A NAP P . 20.09 44.26 5.47
N3A NAP P . 20.85 43.22 5.03
C4A NAP P . 20.56 41.93 5.41
O3 NAP P . 24.37 34.70 2.09
PN NAP P . 24.47 35.19 0.56
O1N NAP P . 24.87 36.68 0.49
O2N NAP P . 25.18 34.12 -0.26
O5D NAP P . 22.93 35.14 0.08
C5D NAP P . 22.47 36.23 -0.75
C4D NAP P . 21.10 35.94 -1.34
O4D NAP P . 21.09 34.81 -2.27
C3D NAP P . 20.12 35.71 -0.20
O3D NAP P . 19.01 36.65 -0.32
C2D NAP P . 19.75 34.23 -0.41
O2D NAP P . 18.41 33.96 0.03
C1D NAP P . 20.03 33.92 -1.92
N1N NAP P . 20.28 32.48 -2.15
C2N NAP P . 21.50 31.90 -2.04
C3N NAP P . 21.66 30.51 -2.24
C7N NAP P . 23.02 29.87 -2.12
O7N NAP P . 23.17 28.79 -1.55
N7N NAP P . 24.04 30.55 -2.62
C4N NAP P . 20.55 29.71 -2.52
C5N NAP P . 19.30 30.30 -2.60
C6N NAP P . 19.21 31.69 -2.43
P2B NAP P . 24.01 41.52 7.27
O1X NAP P . 25.31 42.21 7.69
O2X NAP P . 23.72 40.20 7.92
O3X NAP P . 22.83 42.48 7.27
C1 GOL Q . 18.73 25.77 -1.07
O1 GOL Q . 19.36 25.46 -2.34
C2 GOL Q . 19.52 26.89 -0.36
O2 GOL Q . 18.71 28.04 0.02
C3 GOL Q . 20.22 26.38 0.90
O3 GOL Q . 19.23 26.20 1.92
PA NAP R . -14.97 35.99 -2.21
O1A NAP R . -16.32 35.69 -2.82
O2A NAP R . -14.66 37.32 -1.56
O5B NAP R . -14.44 34.86 -1.19
C5B NAP R . -13.37 35.11 -0.26
C4B NAP R . -13.57 34.24 1.00
O4B NAP R . -12.42 34.33 1.85
C3B NAP R . -14.80 34.71 1.79
O3B NAP R . -15.67 33.62 2.18
C2B NAP R . -14.21 35.37 3.01
O2B NAP R . -15.11 35.11 4.06
C1B NAP R . -12.86 34.67 3.18
N9A NAP R . -11.88 35.39 4.08
C8A NAP R . -11.26 36.60 3.99
N7A NAP R . -10.44 36.85 5.08
C5A NAP R . -10.53 35.78 5.89
C6A NAP R . -10.00 35.30 7.20
N6A NAP R . -9.14 36.00 7.94
N1A NAP R . -10.36 34.09 7.66
C2A NAP R . -11.22 33.29 6.99
N3A NAP R . -11.76 33.64 5.80
C4A NAP R . -11.47 34.84 5.21
O3 NAP R . -14.04 35.74 -3.50
PN NAP R . -13.67 34.29 -4.10
O1N NAP R . -14.58 33.15 -3.67
O2N NAP R . -13.53 34.66 -5.56
O5D NAP R . -12.35 34.24 -3.22
C5D NAP R . -12.03 32.91 -2.85
C4D NAP R . -10.68 32.53 -3.50
O4D NAP R . -10.63 32.48 -4.95
C3D NAP R . -9.72 33.63 -3.04
O3D NAP R . -8.57 33.04 -2.42
C2D NAP R . -9.37 34.36 -4.31
O2D NAP R . -8.21 35.18 -4.10
C1D NAP R . -9.44 33.21 -5.34
N1N NAP R . -9.49 33.68 -6.74
C2N NAP R . -10.67 34.01 -7.28
C3N NAP R . -10.72 34.50 -8.61
C7N NAP R . -12.06 34.87 -9.21
O7N NAP R . -12.16 35.58 -10.21
N7N NAP R . -13.17 34.39 -8.60
C4N NAP R . -9.51 34.63 -9.34
C5N NAP R . -8.31 34.29 -8.74
C6N NAP R . -8.33 33.79 -7.44
P2B NAP R . -15.35 36.20 5.20
O1X NAP R . -16.79 35.97 5.61
O2X NAP R . -15.19 37.50 4.44
O3X NAP R . -14.24 35.82 6.18
PA NAP S . 16.70 34.07 -40.89
O1A NAP S . 16.79 35.58 -41.15
O2A NAP S . 15.79 33.16 -41.69
O5B NAP S . 18.13 33.36 -40.89
C5B NAP S . 18.12 32.08 -40.28
C4B NAP S . 19.13 31.25 -41.02
O4B NAP S . 18.66 29.90 -41.19
C3B NAP S . 19.41 31.78 -42.41
O3B NAP S . 20.60 32.59 -42.34
C2B NAP S . 19.54 30.50 -43.24
O2B NAP S . 20.74 30.42 -44.00
C1B NAP S . 19.49 29.38 -42.21
N9A NAP S . 18.95 28.10 -42.73
C8A NAP S . 17.67 27.85 -43.07
N7A NAP S . 17.54 26.56 -43.49
C5A NAP S . 18.76 25.97 -43.41
C6A NAP S . 19.34 24.63 -43.71
N6A NAP S . 18.57 23.61 -44.18
N1A NAP S . 20.67 24.46 -43.45
C2A NAP S . 21.46 25.43 -42.99
N3A NAP S . 21.01 26.67 -42.73
C4A NAP S . 19.69 26.99 -42.91
O3 NAP S . 16.21 33.88 -39.35
PN NAP S . 16.59 34.78 -38.05
O1N NAP S . 18.07 35.10 -38.03
O2N NAP S . 15.59 35.93 -37.90
O5D NAP S . 16.34 33.55 -37.06
C5D NAP S . 17.31 32.56 -36.82
C4D NAP S . 16.77 31.64 -35.73
O4D NAP S . 16.06 32.38 -34.71
C3D NAP S . 15.76 30.67 -36.33
O3D NAP S . 15.98 29.37 -35.76
C2D NAP S . 14.41 31.23 -35.93
O2D NAP S . 13.52 30.13 -35.87
C1D NAP S . 14.71 31.93 -34.58
N1N NAP S . 13.79 33.02 -34.16
C2N NAP S . 13.89 34.27 -34.64
C3N NAP S . 13.01 35.25 -34.22
C7N NAP S . 13.13 36.61 -34.78
O7N NAP S . 12.10 37.17 -35.16
N7N NAP S . 14.34 37.17 -34.88
C4N NAP S . 12.00 34.97 -33.29
C5N NAP S . 11.91 33.68 -32.78
C6N NAP S . 12.84 32.74 -33.23
P2B NAP S . 20.58 29.88 -45.51
O1X NAP S . 21.84 30.33 -46.26
O2X NAP S . 19.32 30.59 -45.96
O3X NAP S . 20.43 28.41 -45.24
PA NAP T . 1.74 1.28 -24.60
O1A NAP T . 1.21 -0.01 -24.02
O2A NAP T . 2.88 1.37 -25.58
O5B NAP T . 0.52 1.97 -25.37
C5B NAP T . 0.68 2.57 -26.65
C4B NAP T . -0.51 2.21 -27.55
O4B NAP T . -0.40 2.98 -28.76
C3B NAP T . -0.56 0.75 -27.97
O3B NAP T . -1.89 0.24 -27.90
C2B NAP T . -0.10 0.72 -29.42
O2B NAP T . -0.82 -0.25 -30.18
C1B NAP T . -0.43 2.12 -29.90
N9A NAP T . 0.49 2.59 -30.96
C8A NAP T . 1.84 2.67 -30.90
N7A NAP T . 2.32 3.15 -32.08
C5A NAP T . 1.28 3.37 -32.91
C6A NAP T . 1.07 3.85 -34.31
N6A NAP T . 2.13 4.23 -35.09
N1A NAP T . -0.21 3.90 -34.79
C2A NAP T . -1.27 3.55 -34.04
N3A NAP T . -1.15 3.10 -32.77
C4A NAP T . 0.07 2.99 -32.18
O3 NAP T . 2.04 2.24 -23.33
PN NAP T . 0.94 3.23 -22.64
O1N NAP T . -0.46 2.62 -22.60
O2N NAP T . 1.59 3.70 -21.36
O5D NAP T . 0.99 4.54 -23.60
C5D NAP T . 0.19 5.72 -23.41
C4D NAP T . 0.95 7.01 -23.74
O4D NAP T . 1.56 7.63 -22.58
C3D NAP T . 2.06 6.86 -24.78
O3D NAP T . 1.97 7.95 -25.70
C2D NAP T . 3.34 6.96 -23.98
O2D NAP T . 4.44 7.40 -24.82
C1D NAP T . 2.95 7.91 -22.84
N1N NAP T . 3.80 7.87 -21.63
C2N NAP T . 3.84 6.79 -20.82
C3N NAP T . 4.66 6.78 -19.68
C7N NAP T . 4.70 5.58 -18.77
O7N NAP T . 5.61 5.44 -17.97
N7N NAP T . 3.73 4.67 -18.87
C4N NAP T . 5.45 7.90 -19.39
C5N NAP T . 5.40 9.00 -20.24
C6N NAP T . 4.55 8.95 -21.34
P2B NAP T . -0.12 -1.11 -31.36
O1X NAP T . -1.00 -2.35 -31.41
O2X NAP T . 1.29 -1.30 -30.88
O3X NAP T . -0.23 -0.23 -32.59
#